data_6VXW
#
_entry.id   6VXW
#
_entity_poly.entity_id   1
_entity_poly.type   'polypeptide(L)'
_entity_poly.pdbx_seq_one_letter_code
;KEGYLVDYHTGCKYTCAKLGDNDYCVRECRLRYYQSAHGYCYAFACWCTHLYEQAVVWPLPNKRCK(NH2)
;
_entity_poly.pdbx_strand_id   A
#
# COMPACT_ATOMS: atom_id res chain seq x y z
N LYS A 1 10.88 -5.21 -4.88
CA LYS A 1 10.07 -4.12 -5.47
C LYS A 1 9.26 -3.45 -4.36
N GLU A 2 8.88 -2.18 -4.52
CA GLU A 2 8.02 -1.44 -3.59
C GLU A 2 6.85 -0.74 -4.32
N GLY A 3 5.83 -0.32 -3.57
CA GLY A 3 4.69 0.41 -4.12
C GLY A 3 3.73 0.99 -3.07
N TYR A 4 3.24 2.21 -3.32
CA TYR A 4 2.20 2.89 -2.53
C TYR A 4 0.88 2.08 -2.47
N LEU A 5 0.25 2.01 -1.29
CA LEU A 5 -1.06 1.36 -1.14
C LEU A 5 -2.20 2.27 -1.63
N VAL A 6 -2.95 1.80 -2.63
CA VAL A 6 -4.11 2.49 -3.22
C VAL A 6 -5.19 1.47 -3.63
N ASP A 7 -6.47 1.87 -3.56
CA ASP A 7 -7.57 1.00 -4.02
C ASP A 7 -7.79 1.04 -5.54
N TYR A 8 -8.12 -0.12 -6.12
CA TYR A 8 -8.29 -0.29 -7.57
C TYR A 8 -9.53 0.39 -8.17
N HIS A 9 -10.46 0.89 -7.33
CA HIS A 9 -11.76 1.45 -7.77
C HIS A 9 -12.07 2.76 -7.04
N THR A 10 -11.68 2.87 -5.77
CA THR A 10 -11.78 4.10 -4.99
C THR A 10 -10.62 5.08 -5.24
N GLY A 11 -9.45 4.61 -5.69
CA GLY A 11 -8.30 5.46 -6.05
C GLY A 11 -7.63 6.20 -4.89
N CYS A 12 -7.96 5.89 -3.63
CA CYS A 12 -7.57 6.67 -2.45
C CYS A 12 -6.44 6.02 -1.61
N LYS A 13 -5.68 6.85 -0.88
CA LYS A 13 -4.64 6.49 0.10
C LYS A 13 -5.18 5.67 1.30
N TYR A 14 -4.30 4.98 2.02
CA TYR A 14 -4.61 4.23 3.25
C TYR A 14 -3.71 4.69 4.41
N THR A 15 -4.26 5.52 5.30
CA THR A 15 -3.50 6.18 6.39
C THR A 15 -3.27 5.28 7.61
N CYS A 16 -2.14 5.47 8.30
CA CYS A 16 -1.72 4.67 9.45
C CYS A 16 -0.74 5.44 10.38
N ALA A 17 -0.39 4.83 11.52
CA ALA A 17 0.54 5.37 12.52
C ALA A 17 1.98 5.51 11.97
N LYS A 18 2.82 6.35 12.60
CA LYS A 18 4.13 6.77 12.06
C LYS A 18 5.07 5.62 11.65
N LEU A 19 5.52 5.62 10.39
CA LEU A 19 6.57 4.76 9.83
C LEU A 19 6.45 3.27 10.21
N GLY A 20 7.37 2.82 11.03
CA GLY A 20 7.54 1.47 11.55
C GLY A 20 6.43 0.94 12.49
N ASP A 21 5.45 1.76 12.88
CA ASP A 21 4.22 1.32 13.58
C ASP A 21 3.21 0.70 12.58
N ASN A 22 3.73 -0.09 11.65
CA ASN A 22 3.12 -0.64 10.43
C ASN A 22 2.08 -1.77 10.62
N ASP A 23 1.58 -1.99 11.84
CA ASP A 23 0.75 -3.15 12.20
C ASP A 23 -0.56 -3.28 11.40
N TYR A 24 -1.20 -2.16 11.02
CA TYR A 24 -2.37 -2.13 10.12
C TYR A 24 -1.95 -2.22 8.65
N CYS A 25 -0.86 -1.55 8.27
CA CYS A 25 -0.37 -1.48 6.88
C CYS A 25 0.05 -2.85 6.31
N VAL A 26 0.83 -3.64 7.06
CA VAL A 26 1.27 -4.98 6.62
C VAL A 26 0.08 -5.91 6.36
N ARG A 27 -0.98 -5.82 7.18
CA ARG A 27 -2.24 -6.56 7.03
C ARG A 27 -3.05 -6.16 5.79
N GLU A 28 -2.91 -4.95 5.27
CA GLU A 28 -3.45 -4.60 3.95
C GLU A 28 -2.56 -5.17 2.83
N CYS A 29 -1.25 -4.94 2.88
CA CYS A 29 -0.32 -5.33 1.81
C CYS A 29 -0.36 -6.84 1.53
N ARG A 30 -0.41 -7.66 2.59
CA ARG A 30 -0.43 -9.13 2.51
C ARG A 30 -1.79 -9.75 2.15
N LEU A 31 -2.85 -8.93 2.08
CA LEU A 31 -4.17 -9.33 1.57
C LEU A 31 -4.49 -8.72 0.20
N ARG A 32 -3.87 -7.59 -0.17
CA ARG A 32 -3.89 -7.00 -1.51
C ARG A 32 -3.09 -7.83 -2.50
N TYR A 33 -1.86 -8.18 -2.13
CA TYR A 33 -0.97 -9.11 -2.83
C TYR A 33 -0.91 -10.45 -2.08
N TYR A 34 0.05 -11.29 -2.45
CA TYR A 34 0.45 -12.50 -1.71
C TYR A 34 0.75 -12.25 -0.22
N GLN A 35 0.53 -13.26 0.62
CA GLN A 35 0.76 -13.17 2.07
C GLN A 35 2.22 -12.88 2.47
N SER A 36 3.17 -13.10 1.55
CA SER A 36 4.60 -12.80 1.69
C SER A 36 4.97 -11.32 1.51
N ALA A 37 4.00 -10.43 1.26
CA ALA A 37 4.24 -8.98 1.18
C ALA A 37 4.62 -8.35 2.54
N HIS A 38 5.14 -7.12 2.51
CA HIS A 38 5.46 -6.29 3.67
C HIS A 38 5.11 -4.81 3.43
N GLY A 39 5.39 -3.91 4.37
CA GLY A 39 5.20 -2.47 4.18
C GLY A 39 5.47 -1.62 5.42
N TYR A 40 5.51 -0.29 5.25
CA TYR A 40 5.61 0.71 6.33
C TYR A 40 4.84 1.99 6.04
N CYS A 41 4.68 2.86 7.04
CA CYS A 41 3.78 4.02 6.97
C CYS A 41 4.53 5.31 6.62
N TYR A 42 5.04 5.38 5.38
CA TYR A 42 5.75 6.52 4.82
C TYR A 42 4.85 7.76 4.78
N ALA A 43 5.25 8.86 5.44
CA ALA A 43 4.43 10.06 5.62
C ALA A 43 3.00 9.77 6.14
N PHE A 44 2.92 8.91 7.18
CA PHE A 44 1.69 8.47 7.83
C PHE A 44 0.68 7.74 6.90
N ALA A 45 1.14 7.21 5.75
CA ALA A 45 0.33 6.44 4.82
C ALA A 45 1.04 5.17 4.33
N CYS A 46 0.29 4.10 4.10
CA CYS A 46 0.84 2.79 3.85
C CYS A 46 1.55 2.68 2.49
N TRP A 47 2.77 2.14 2.53
CA TRP A 47 3.70 1.94 1.44
C TRP A 47 4.23 0.50 1.52
N CYS A 48 3.82 -0.36 0.59
CA CYS A 48 4.16 -1.78 0.60
C CYS A 48 5.57 -2.06 0.06
N THR A 49 6.27 -3.03 0.64
CA THR A 49 7.69 -3.36 0.38
C THR A 49 7.92 -4.87 0.31
N HIS A 50 9.12 -5.29 -0.10
CA HIS A 50 9.50 -6.70 -0.28
C HIS A 50 8.61 -7.42 -1.30
N LEU A 51 8.16 -6.69 -2.33
CA LEU A 51 7.21 -7.15 -3.34
C LEU A 51 7.89 -7.77 -4.59
N TYR A 52 7.15 -8.68 -5.22
CA TYR A 52 7.42 -9.29 -6.51
C TYR A 52 7.21 -8.35 -7.72
N GLU A 53 7.62 -8.82 -8.90
CA GLU A 53 7.36 -8.14 -10.18
C GLU A 53 5.86 -7.89 -10.45
N GLN A 54 4.96 -8.72 -9.89
CA GLN A 54 3.50 -8.59 -10.09
C GLN A 54 2.84 -7.44 -9.32
N ALA A 55 3.57 -6.65 -8.52
CA ALA A 55 3.05 -5.40 -7.95
C ALA A 55 3.17 -4.26 -8.99
N VAL A 56 2.19 -3.36 -9.09
CA VAL A 56 2.08 -2.37 -10.18
C VAL A 56 1.97 -0.91 -9.68
N VAL A 57 0.89 -0.59 -8.97
CA VAL A 57 0.54 0.74 -8.43
C VAL A 57 0.35 1.84 -9.50
N TRP A 58 1.30 2.75 -9.72
CA TRP A 58 1.10 3.95 -10.54
C TRP A 58 0.61 3.74 -12.00
N PRO A 59 0.98 2.65 -12.71
CA PRO A 59 0.47 2.36 -14.06
C PRO A 59 -1.04 2.06 -14.20
N LEU A 60 -1.81 2.18 -13.13
CA LEU A 60 -3.28 2.15 -13.14
C LEU A 60 -3.88 3.29 -14.01
N PRO A 61 -5.10 3.10 -14.57
CA PRO A 61 -5.68 4.02 -15.56
C PRO A 61 -6.28 5.31 -14.97
N ASN A 62 -6.65 5.36 -13.68
CA ASN A 62 -7.34 6.52 -13.09
C ASN A 62 -6.70 6.98 -11.76
N LYS A 63 -6.73 6.12 -10.74
CA LYS A 63 -6.16 6.26 -9.37
C LYS A 63 -6.27 7.62 -8.64
N ARG A 64 -7.30 8.42 -8.92
CA ARG A 64 -7.66 9.63 -8.14
C ARG A 64 -8.69 9.29 -7.06
N CYS A 65 -8.54 9.82 -5.84
CA CYS A 65 -9.42 9.50 -4.71
C CYS A 65 -10.88 9.95 -4.96
N LYS A 66 -11.79 8.99 -5.12
CA LYS A 66 -13.25 9.20 -5.15
C LYS A 66 -13.79 9.48 -3.74
N LYS A 1 10.73 -6.37 -4.66
CA LYS A 1 10.35 -5.04 -5.18
C LYS A 1 9.62 -4.24 -4.10
N GLU A 2 9.89 -2.93 -3.98
CA GLU A 2 9.13 -2.00 -3.13
C GLU A 2 7.90 -1.41 -3.88
N GLY A 3 7.01 -0.69 -3.18
CA GLY A 3 5.86 -0.01 -3.78
C GLY A 3 5.05 0.87 -2.80
N TYR A 4 3.98 1.52 -3.25
CA TYR A 4 3.13 2.39 -2.41
C TYR A 4 1.68 1.88 -2.38
N LEU A 5 1.08 1.73 -1.19
CA LEU A 5 -0.25 1.11 -1.06
C LEU A 5 -1.36 2.00 -1.63
N VAL A 6 -2.02 1.50 -2.66
CA VAL A 6 -3.19 2.11 -3.33
C VAL A 6 -4.02 1.01 -4.00
N ASP A 7 -5.35 1.16 -4.04
CA ASP A 7 -6.21 0.23 -4.78
C ASP A 7 -6.18 0.56 -6.28
N TYR A 8 -5.58 -0.33 -7.06
CA TYR A 8 -5.35 -0.12 -8.50
C TYR A 8 -6.63 0.12 -9.33
N HIS A 9 -7.79 -0.40 -8.90
CA HIS A 9 -9.06 -0.22 -9.62
C HIS A 9 -9.68 1.16 -9.36
N THR A 10 -9.67 1.60 -8.10
CA THR A 10 -10.17 2.90 -7.62
C THR A 10 -9.27 3.37 -6.49
N GLY A 11 -8.40 4.33 -6.77
CA GLY A 11 -7.25 4.75 -5.97
C GLY A 11 -7.52 5.45 -4.64
N CYS A 12 -8.26 4.80 -3.73
CA CYS A 12 -8.42 5.29 -2.36
C CYS A 12 -7.10 5.25 -1.57
N LYS A 13 -6.90 6.24 -0.69
CA LYS A 13 -5.74 6.34 0.21
C LYS A 13 -5.79 5.32 1.35
N TYR A 14 -4.63 4.84 1.78
CA TYR A 14 -4.45 3.90 2.90
C TYR A 14 -3.46 4.51 3.91
N THR A 15 -4.02 5.28 4.84
CA THR A 15 -3.32 6.17 5.78
C THR A 15 -2.64 5.44 6.94
N CYS A 16 -1.76 6.15 7.66
CA CYS A 16 -1.17 5.74 8.93
C CYS A 16 -1.39 6.85 9.99
N ALA A 17 -1.65 6.45 11.23
CA ALA A 17 -1.79 7.34 12.38
C ALA A 17 -0.44 7.88 12.87
N LYS A 18 0.61 7.05 12.84
CA LYS A 18 1.96 7.34 13.35
C LYS A 18 3.05 6.58 12.59
N LEU A 19 4.31 6.94 12.80
CA LEU A 19 5.47 6.16 12.33
C LEU A 19 5.71 4.92 13.21
N GLY A 20 6.40 3.92 12.68
CA GLY A 20 6.87 2.74 13.42
C GLY A 20 5.81 1.67 13.75
N ASP A 21 4.54 1.87 13.41
CA ASP A 21 3.50 0.84 13.48
C ASP A 21 3.43 0.06 12.16
N ASN A 22 4.56 -0.51 11.74
CA ASN A 22 4.70 -1.27 10.51
C ASN A 22 3.77 -2.50 10.48
N ASP A 23 3.51 -3.12 11.64
CA ASP A 23 2.58 -4.23 11.85
C ASP A 23 1.17 -3.98 11.28
N TYR A 24 0.63 -2.77 11.41
CA TYR A 24 -0.65 -2.38 10.79
C TYR A 24 -0.54 -2.37 9.25
N CYS A 25 0.50 -1.75 8.69
CA CYS A 25 0.70 -1.61 7.24
C CYS A 25 1.04 -2.95 6.55
N VAL A 26 1.77 -3.85 7.21
CA VAL A 26 2.01 -5.23 6.74
C VAL A 26 0.68 -5.92 6.45
N ARG A 27 -0.27 -5.88 7.40
CA ARG A 27 -1.63 -6.40 7.20
C ARG A 27 -2.38 -5.66 6.09
N GLU A 28 -2.39 -4.33 6.06
CA GLU A 28 -3.13 -3.60 5.02
C GLU A 28 -2.63 -3.89 3.60
N CYS A 29 -1.32 -3.99 3.39
CA CYS A 29 -0.73 -4.28 2.06
C CYS A 29 -1.06 -5.71 1.61
N ARG A 30 -0.84 -6.70 2.50
CA ARG A 30 -1.10 -8.13 2.18
C ARG A 30 -2.57 -8.49 2.07
N LEU A 31 -3.47 -7.71 2.70
CA LEU A 31 -4.93 -7.84 2.51
C LEU A 31 -5.44 -7.15 1.22
N ARG A 32 -4.64 -6.26 0.60
CA ARG A 32 -4.99 -5.56 -0.66
C ARG A 32 -4.53 -6.29 -1.91
N TYR A 33 -3.37 -6.97 -1.85
CA TYR A 33 -2.76 -7.66 -3.01
C TYR A 33 -2.70 -9.19 -2.83
N TYR A 34 -1.75 -9.68 -2.03
CA TYR A 34 -1.46 -11.10 -1.80
C TYR A 34 -0.72 -11.31 -0.48
N GLN A 35 -0.88 -12.48 0.13
CA GLN A 35 -0.46 -12.78 1.50
C GLN A 35 1.05 -12.70 1.74
N SER A 36 1.89 -12.88 0.72
CA SER A 36 3.35 -12.77 0.84
C SER A 36 3.86 -11.32 0.95
N ALA A 37 3.01 -10.31 0.76
CA ALA A 37 3.43 -8.91 0.83
C ALA A 37 3.81 -8.44 2.25
N HIS A 38 4.60 -7.36 2.31
CA HIS A 38 5.06 -6.67 3.53
C HIS A 38 4.93 -5.13 3.38
N GLY A 39 5.27 -4.37 4.42
CA GLY A 39 5.33 -2.91 4.36
C GLY A 39 5.71 -2.22 5.67
N TYR A 40 5.69 -0.89 5.68
CA TYR A 40 5.80 -0.03 6.86
C TYR A 40 5.10 1.34 6.67
N CYS A 41 4.82 2.02 7.78
CA CYS A 41 4.18 3.35 7.77
C CYS A 41 5.22 4.46 7.56
N TYR A 42 4.94 5.40 6.64
CA TYR A 42 5.80 6.55 6.35
C TYR A 42 5.00 7.71 5.76
N ALA A 43 5.31 8.96 6.14
CA ALA A 43 4.62 10.15 5.62
C ALA A 43 3.07 10.03 5.68
N PHE A 44 2.56 9.52 6.80
CA PHE A 44 1.14 9.26 7.11
C PHE A 44 0.43 8.30 6.14
N ALA A 45 1.16 7.37 5.51
CA ALA A 45 0.64 6.40 4.55
C ALA A 45 1.42 5.08 4.56
N CYS A 46 0.83 3.99 4.04
CA CYS A 46 1.47 2.67 3.99
C CYS A 46 2.34 2.49 2.72
N TRP A 47 3.63 2.18 2.93
CA TRP A 47 4.61 1.80 1.90
C TRP A 47 4.80 0.28 1.91
N CYS A 48 4.72 -0.37 0.76
CA CYS A 48 4.81 -1.83 0.61
C CYS A 48 6.23 -2.30 0.26
N THR A 49 6.59 -3.52 0.67
CA THR A 49 7.91 -4.14 0.45
C THR A 49 7.79 -5.62 0.12
N HIS A 50 8.90 -6.22 -0.35
CA HIS A 50 9.08 -7.63 -0.72
C HIS A 50 8.22 -8.15 -1.88
N LEU A 51 7.52 -7.25 -2.59
CA LEU A 51 6.61 -7.54 -3.70
C LEU A 51 7.32 -8.23 -4.88
N TYR A 52 6.55 -8.93 -5.73
CA TYR A 52 7.07 -9.62 -6.90
C TYR A 52 7.83 -8.70 -7.87
N GLU A 53 8.82 -9.26 -8.56
CA GLU A 53 9.69 -8.53 -9.48
C GLU A 53 8.96 -7.94 -10.70
N GLN A 54 7.68 -8.31 -10.92
CA GLN A 54 6.84 -7.74 -11.97
C GLN A 54 5.76 -6.76 -11.47
N ALA A 55 5.73 -6.44 -10.17
CA ALA A 55 4.67 -5.61 -9.56
C ALA A 55 4.61 -4.18 -10.13
N VAL A 56 3.42 -3.74 -10.53
CA VAL A 56 3.15 -2.51 -11.29
C VAL A 56 1.72 -2.00 -11.01
N VAL A 57 1.48 -1.73 -9.72
CA VAL A 57 0.20 -1.25 -9.17
C VAL A 57 -0.20 0.14 -9.70
N TRP A 58 0.79 0.98 -10.00
CA TRP A 58 0.65 2.43 -10.26
C TRP A 58 0.15 2.80 -11.68
N PRO A 59 0.36 4.05 -12.16
CA PRO A 59 -0.40 4.61 -13.30
C PRO A 59 -1.88 4.21 -13.37
N LEU A 60 -2.66 4.63 -12.37
CA LEU A 60 -4.06 4.22 -12.19
C LEU A 60 -4.99 4.80 -13.28
N PRO A 61 -5.80 3.99 -13.97
CA PRO A 61 -6.63 4.43 -15.10
C PRO A 61 -7.82 5.32 -14.72
N ASN A 62 -8.24 5.35 -13.45
CA ASN A 62 -9.32 6.24 -12.97
C ASN A 62 -8.96 7.03 -11.71
N LYS A 63 -8.04 6.53 -10.87
CA LYS A 63 -7.36 7.18 -9.73
C LYS A 63 -8.18 7.65 -8.52
N ARG A 64 -9.46 8.00 -8.71
CA ARG A 64 -10.44 8.35 -7.67
C ARG A 64 -10.86 7.13 -6.82
N CYS A 65 -11.23 7.37 -5.57
CA CYS A 65 -11.87 6.40 -4.67
C CYS A 65 -13.36 6.18 -5.00
N LYS A 66 -13.96 5.08 -4.52
CA LYS A 66 -15.41 4.79 -4.58
C LYS A 66 -16.23 5.61 -3.58
N LYS A 1 9.08 -3.50 -7.21
CA LYS A 1 8.70 -2.12 -6.86
C LYS A 1 8.35 -2.00 -5.38
N GLU A 2 8.45 -0.80 -4.82
CA GLU A 2 7.95 -0.44 -3.48
C GLU A 2 7.04 0.79 -3.61
N GLY A 3 5.91 0.83 -2.90
CA GLY A 3 4.92 1.90 -3.10
C GLY A 3 3.68 1.82 -2.22
N TYR A 4 2.68 2.67 -2.54
CA TYR A 4 1.47 2.82 -1.74
C TYR A 4 0.53 1.61 -1.79
N LEU A 5 -0.05 1.29 -0.64
CA LEU A 5 -1.22 0.42 -0.54
C LEU A 5 -2.41 1.29 -1.02
N VAL A 6 -2.77 1.19 -2.29
CA VAL A 6 -3.72 2.11 -2.96
C VAL A 6 -4.98 1.37 -3.44
N ASP A 7 -6.14 1.93 -3.13
CA ASP A 7 -7.45 1.37 -3.48
C ASP A 7 -7.76 1.61 -4.97
N TYR A 8 -7.49 0.62 -5.81
CA TYR A 8 -7.51 0.73 -7.28
C TYR A 8 -8.84 1.23 -7.86
N HIS A 9 -9.95 1.02 -7.17
CA HIS A 9 -11.30 1.49 -7.53
C HIS A 9 -11.52 3.00 -7.33
N THR A 10 -10.58 3.75 -6.75
CA THR A 10 -10.70 5.22 -6.56
C THR A 10 -9.37 5.99 -6.62
N GLY A 11 -8.22 5.32 -6.41
CA GLY A 11 -6.87 5.92 -6.42
C GLY A 11 -6.40 6.48 -5.07
N CYS A 12 -7.25 6.41 -4.03
CA CYS A 12 -6.91 6.85 -2.68
C CYS A 12 -6.00 5.84 -1.97
N LYS A 13 -5.03 6.31 -1.18
CA LYS A 13 -4.13 5.45 -0.39
C LYS A 13 -4.71 5.09 0.99
N TYR A 14 -4.47 3.87 1.45
CA TYR A 14 -4.82 3.42 2.81
C TYR A 14 -3.90 4.10 3.84
N THR A 15 -4.48 4.92 4.71
CA THR A 15 -3.77 5.77 5.69
C THR A 15 -3.19 5.00 6.89
N CYS A 16 -2.29 5.67 7.62
CA CYS A 16 -1.78 5.24 8.92
C CYS A 16 -2.08 6.28 10.02
N ALA A 17 -2.42 5.81 11.22
CA ALA A 17 -2.53 6.62 12.43
C ALA A 17 -1.16 6.97 13.06
N LYS A 18 -0.08 6.25 12.69
CA LYS A 18 1.31 6.53 13.07
C LYS A 18 2.31 6.27 11.94
N LEU A 19 3.39 7.05 11.90
CA LEU A 19 4.56 6.81 11.05
C LEU A 19 5.47 5.75 11.68
N GLY A 20 6.26 5.04 10.87
CA GLY A 20 7.30 4.09 11.33
C GLY A 20 6.82 2.79 11.98
N ASP A 21 5.53 2.68 12.33
CA ASP A 21 4.92 1.41 12.75
C ASP A 21 4.75 0.48 11.54
N ASN A 22 5.02 -0.81 11.72
CA ASN A 22 5.02 -1.83 10.67
C ASN A 22 3.85 -2.83 10.79
N ASP A 23 3.46 -3.22 12.01
CA ASP A 23 2.50 -4.31 12.25
C ASP A 23 1.14 -4.13 11.54
N TYR A 24 0.54 -2.94 11.60
CA TYR A 24 -0.75 -2.65 10.96
C TYR A 24 -0.65 -2.77 9.43
N CYS A 25 0.39 -2.16 8.85
CA CYS A 25 0.61 -2.15 7.41
C CYS A 25 0.96 -3.55 6.87
N VAL A 26 1.76 -4.36 7.57
CA VAL A 26 2.05 -5.76 7.16
C VAL A 26 0.75 -6.59 7.04
N ARG A 27 -0.12 -6.53 8.07
CA ARG A 27 -1.40 -7.24 8.10
C ARG A 27 -2.36 -6.78 6.98
N GLU A 28 -2.33 -5.52 6.60
CA GLU A 28 -3.12 -4.99 5.47
C GLU A 28 -2.50 -5.32 4.09
N CYS A 29 -1.16 -5.25 3.93
CA CYS A 29 -0.46 -5.57 2.68
C CYS A 29 -0.75 -7.02 2.26
N ARG A 30 -0.58 -7.98 3.19
CA ARG A 30 -0.75 -9.41 2.92
C ARG A 30 -2.19 -9.85 2.66
N LEU A 31 -3.17 -8.94 2.85
CA LEU A 31 -4.57 -9.14 2.43
C LEU A 31 -4.88 -8.51 1.06
N ARG A 32 -4.31 -7.34 0.72
CA ARG A 32 -4.52 -6.66 -0.59
C ARG A 32 -3.65 -7.22 -1.73
N TYR A 33 -2.54 -7.84 -1.37
CA TYR A 33 -1.59 -8.53 -2.24
C TYR A 33 -1.44 -10.01 -1.81
N TYR A 34 -0.47 -10.71 -2.41
CA TYR A 34 -0.04 -12.06 -2.05
C TYR A 34 0.33 -12.19 -0.56
N GLN A 35 0.11 -13.37 0.03
CA GLN A 35 0.27 -13.61 1.47
C GLN A 35 1.70 -13.40 1.99
N SER A 36 2.72 -13.51 1.13
CA SER A 36 4.12 -13.24 1.45
C SER A 36 4.50 -11.74 1.46
N ALA A 37 3.53 -10.81 1.27
CA ALA A 37 3.81 -9.37 1.26
C ALA A 37 4.15 -8.78 2.64
N HIS A 38 4.92 -7.67 2.64
CA HIS A 38 5.37 -6.91 3.83
C HIS A 38 5.32 -5.39 3.57
N GLY A 39 5.39 -4.58 4.63
CA GLY A 39 5.32 -3.10 4.53
C GLY A 39 5.57 -2.34 5.83
N TYR A 40 5.41 -1.00 5.78
CA TYR A 40 5.53 -0.06 6.90
C TYR A 40 4.77 1.26 6.64
N CYS A 41 4.65 2.13 7.65
CA CYS A 41 3.99 3.44 7.50
C CYS A 41 4.96 4.58 7.15
N TYR A 42 4.68 5.31 6.07
CA TYR A 42 5.46 6.44 5.53
C TYR A 42 4.53 7.42 4.80
N ALA A 43 4.81 8.73 4.81
CA ALA A 43 3.93 9.75 4.22
C ALA A 43 2.47 9.64 4.68
N PHE A 44 2.25 9.28 5.95
CA PHE A 44 0.94 9.06 6.60
C PHE A 44 0.09 7.93 5.96
N ALA A 45 0.71 7.03 5.20
CA ALA A 45 0.07 5.92 4.49
C ALA A 45 0.85 4.60 4.64
N CYS A 46 0.19 3.48 4.36
CA CYS A 46 0.83 2.17 4.31
C CYS A 46 1.59 1.98 2.99
N TRP A 47 2.86 1.57 3.12
CA TRP A 47 3.84 1.39 2.06
C TRP A 47 4.28 -0.08 2.01
N CYS A 48 3.94 -0.80 0.94
CA CYS A 48 4.27 -2.22 0.79
C CYS A 48 5.51 -2.42 -0.11
N THR A 49 6.32 -3.44 0.17
CA THR A 49 7.64 -3.65 -0.43
C THR A 49 7.71 -4.92 -1.28
N HIS A 50 8.58 -4.92 -2.30
CA HIS A 50 8.82 -6.05 -3.22
C HIS A 50 7.61 -6.46 -4.10
N LEU A 51 6.69 -5.52 -4.33
CA LEU A 51 5.53 -5.67 -5.20
C LEU A 51 5.93 -5.83 -6.69
N TYR A 52 4.99 -6.31 -7.51
CA TYR A 52 5.08 -6.40 -8.96
C TYR A 52 5.36 -5.07 -9.68
N GLU A 53 5.77 -5.14 -10.96
CA GLU A 53 6.01 -3.97 -11.82
C GLU A 53 4.76 -3.10 -12.04
N GLN A 54 3.55 -3.60 -11.75
CA GLN A 54 2.29 -2.84 -11.83
C GLN A 54 2.08 -1.83 -10.68
N ALA A 55 2.92 -1.86 -9.64
CA ALA A 55 2.77 -1.00 -8.46
C ALA A 55 3.03 0.49 -8.74
N VAL A 56 2.45 1.35 -7.91
CA VAL A 56 2.45 2.81 -8.06
C VAL A 56 2.21 3.52 -6.72
N VAL A 57 2.65 4.78 -6.61
CA VAL A 57 2.28 5.69 -5.53
C VAL A 57 0.96 6.40 -5.90
N TRP A 58 0.86 7.73 -5.84
CA TRP A 58 -0.36 8.48 -6.16
C TRP A 58 -0.86 8.46 -7.63
N PRO A 59 -0.04 8.37 -8.71
CA PRO A 59 -0.49 8.55 -10.10
C PRO A 59 -1.01 7.24 -10.75
N LEU A 60 -1.97 6.58 -10.10
CA LEU A 60 -2.67 5.39 -10.62
C LEU A 60 -3.35 5.68 -11.99
N PRO A 61 -3.15 4.86 -13.04
CA PRO A 61 -3.74 5.11 -14.36
C PRO A 61 -5.26 4.92 -14.40
N ASN A 62 -5.84 4.12 -13.50
CA ASN A 62 -7.24 3.69 -13.57
C ASN A 62 -8.24 4.74 -13.07
N LYS A 63 -7.92 5.37 -11.92
CA LYS A 63 -8.77 6.29 -11.14
C LYS A 63 -7.92 7.39 -10.49
N ARG A 64 -8.52 8.52 -10.09
CA ARG A 64 -7.82 9.74 -9.61
C ARG A 64 -8.30 10.20 -8.23
N CYS A 65 -7.42 10.19 -7.23
CA CYS A 65 -7.69 10.71 -5.88
C CYS A 65 -6.42 11.26 -5.22
N LYS A 66 -6.51 12.47 -4.64
CA LYS A 66 -5.47 13.10 -3.81
C LYS A 66 -5.60 12.78 -2.31
N LYS A 1 11.66 -5.07 -4.57
CA LYS A 1 10.78 -3.95 -5.00
C LYS A 1 9.88 -3.53 -3.87
N GLU A 2 9.81 -2.22 -3.62
CA GLU A 2 9.03 -1.60 -2.55
C GLU A 2 8.26 -0.35 -3.06
N GLY A 3 7.05 -0.08 -2.57
CA GLY A 3 6.18 0.99 -3.11
C GLY A 3 4.91 1.31 -2.32
N TYR A 4 4.15 2.28 -2.83
CA TYR A 4 2.94 2.86 -2.21
C TYR A 4 1.73 1.92 -2.27
N LEU A 5 1.06 1.65 -1.14
CA LEU A 5 -0.13 0.81 -1.08
C LEU A 5 -1.40 1.53 -1.58
N VAL A 6 -2.05 0.99 -2.62
CA VAL A 6 -3.18 1.63 -3.33
C VAL A 6 -4.24 0.62 -3.79
N ASP A 7 -5.52 1.03 -3.88
CA ASP A 7 -6.57 0.22 -4.52
C ASP A 7 -6.45 0.29 -6.06
N TYR A 8 -6.09 -0.83 -6.70
CA TYR A 8 -6.02 -0.94 -8.16
C TYR A 8 -7.38 -0.69 -8.87
N HIS A 9 -8.51 -0.95 -8.21
CA HIS A 9 -9.85 -0.81 -8.79
C HIS A 9 -10.35 0.65 -8.75
N THR A 10 -10.38 1.30 -7.58
CA THR A 10 -10.94 2.68 -7.43
C THR A 10 -9.92 3.77 -7.11
N GLY A 11 -8.63 3.43 -6.93
CA GLY A 11 -7.52 4.37 -6.74
C GLY A 11 -7.39 4.98 -5.34
N CYS A 12 -8.02 4.41 -4.31
CA CYS A 12 -7.88 4.85 -2.92
C CYS A 12 -6.46 4.69 -2.35
N LYS A 13 -6.02 5.68 -1.55
CA LYS A 13 -4.79 5.61 -0.73
C LYS A 13 -5.09 5.01 0.66
N TYR A 14 -4.20 4.17 1.17
CA TYR A 14 -4.32 3.59 2.53
C TYR A 14 -3.49 4.37 3.55
N THR A 15 -4.16 5.26 4.28
CA THR A 15 -3.57 6.15 5.30
C THR A 15 -3.21 5.43 6.59
N CYS A 16 -2.21 5.96 7.31
CA CYS A 16 -1.74 5.46 8.62
C CYS A 16 -1.22 6.64 9.47
N ALA A 17 -1.38 6.57 10.79
CA ALA A 17 -1.10 7.69 11.69
C ALA A 17 0.27 7.62 12.37
N LYS A 18 0.61 6.46 12.95
CA LYS A 18 1.89 6.24 13.67
C LYS A 18 2.98 5.79 12.70
N LEU A 19 3.96 6.68 12.49
CA LEU A 19 5.01 6.62 11.47
C LEU A 19 6.15 5.64 11.84
N GLY A 20 6.78 5.04 10.83
CA GLY A 20 7.83 4.02 10.96
C GLY A 20 7.35 2.66 11.45
N ASP A 21 6.23 2.61 12.18
CA ASP A 21 5.62 1.39 12.72
C ASP A 21 5.01 0.48 11.64
N ASN A 22 5.03 -0.83 11.88
CA ASN A 22 4.51 -1.86 10.95
C ASN A 22 3.23 -2.56 11.47
N ASP A 23 2.85 -2.35 12.74
CA ASP A 23 1.76 -3.04 13.43
C ASP A 23 0.40 -2.97 12.72
N TYR A 24 0.09 -1.88 12.01
CA TYR A 24 -1.15 -1.69 11.25
C TYR A 24 -1.04 -2.04 9.76
N CYS A 25 0.09 -1.70 9.12
CA CYS A 25 0.25 -1.79 7.66
C CYS A 25 0.56 -3.20 7.10
N VAL A 26 1.13 -4.13 7.89
CA VAL A 26 1.46 -5.48 7.39
C VAL A 26 0.22 -6.23 6.90
N ARG A 27 -0.88 -6.18 7.66
CA ARG A 27 -2.19 -6.73 7.25
C ARG A 27 -2.69 -6.12 5.95
N GLU A 28 -2.71 -4.78 5.83
CA GLU A 28 -3.23 -4.11 4.63
C GLU A 28 -2.42 -4.48 3.37
N CYS A 29 -1.08 -4.50 3.49
CA CYS A 29 -0.17 -4.90 2.43
C CYS A 29 -0.40 -6.36 1.99
N ARG A 30 -0.55 -7.30 2.94
CA ARG A 30 -0.75 -8.72 2.65
C ARG A 30 -2.19 -9.10 2.25
N LEU A 31 -3.18 -8.28 2.62
CA LEU A 31 -4.58 -8.41 2.17
C LEU A 31 -4.81 -7.82 0.78
N ARG A 32 -4.17 -6.69 0.44
CA ARG A 32 -4.31 -6.06 -0.88
C ARG A 32 -3.64 -6.88 -1.99
N TYR A 33 -2.43 -7.39 -1.73
CA TYR A 33 -1.61 -8.10 -2.73
C TYR A 33 -1.56 -9.62 -2.49
N TYR A 34 -0.69 -10.11 -1.61
CA TYR A 34 -0.47 -11.54 -1.35
C TYR A 34 -0.03 -11.77 0.11
N GLN A 35 -0.38 -12.90 0.72
CA GLN A 35 -0.27 -13.16 2.14
C GLN A 35 1.18 -13.16 2.68
N SER A 36 2.19 -13.39 1.84
CA SER A 36 3.62 -13.30 2.17
C SER A 36 4.22 -11.89 2.01
N ALA A 37 3.42 -10.85 1.73
CA ALA A 37 3.92 -9.47 1.67
C ALA A 37 4.24 -8.90 3.08
N HIS A 38 4.94 -7.76 3.14
CA HIS A 38 5.27 -7.04 4.39
C HIS A 38 5.38 -5.53 4.15
N GLY A 39 5.04 -4.68 5.13
CA GLY A 39 5.05 -3.22 4.96
C GLY A 39 5.00 -2.42 6.26
N TYR A 40 5.16 -1.09 6.16
CA TYR A 40 5.18 -0.16 7.29
C TYR A 40 4.63 1.23 6.93
N CYS A 41 4.44 2.09 7.93
CA CYS A 41 3.85 3.42 7.75
C CYS A 41 4.89 4.51 7.39
N TYR A 42 4.71 5.23 6.28
CA TYR A 42 5.62 6.27 5.78
C TYR A 42 4.85 7.40 5.06
N ALA A 43 5.15 8.66 5.40
CA ALA A 43 4.45 9.86 4.90
C ALA A 43 2.90 9.75 5.02
N PHE A 44 2.43 9.30 6.20
CA PHE A 44 1.03 9.04 6.53
C PHE A 44 0.28 8.07 5.59
N ALA A 45 0.98 7.14 4.94
CA ALA A 45 0.40 6.04 4.18
C ALA A 45 1.23 4.74 4.29
N CYS A 46 0.59 3.59 4.05
CA CYS A 46 1.32 2.32 4.07
C CYS A 46 2.24 2.15 2.85
N TRP A 47 3.48 1.78 3.12
CA TRP A 47 4.51 1.36 2.17
C TRP A 47 4.62 -0.17 2.23
N CYS A 48 4.71 -0.85 1.08
CA CYS A 48 4.61 -2.31 0.96
C CYS A 48 5.79 -2.87 0.15
N THR A 49 6.26 -4.07 0.52
CA THR A 49 7.53 -4.66 0.07
C THR A 49 7.39 -6.08 -0.50
N HIS A 50 8.49 -6.60 -1.09
CA HIS A 50 8.60 -7.90 -1.78
C HIS A 50 7.70 -8.02 -3.02
N LEU A 51 7.42 -6.90 -3.68
CA LEU A 51 6.44 -6.80 -4.78
C LEU A 51 6.93 -7.43 -6.09
N TYR A 52 6.06 -8.14 -6.80
CA TYR A 52 6.30 -8.56 -8.19
C TYR A 52 6.15 -7.35 -9.12
N GLU A 53 6.86 -7.32 -10.25
CA GLU A 53 6.79 -6.17 -11.19
C GLU A 53 5.38 -5.97 -11.82
N GLN A 54 4.50 -6.98 -11.72
CA GLN A 54 3.08 -6.87 -12.13
C GLN A 54 2.17 -6.14 -11.10
N ALA A 55 2.69 -5.77 -9.92
CA ALA A 55 1.93 -5.13 -8.85
C ALA A 55 1.52 -3.68 -9.20
N VAL A 56 0.41 -3.21 -8.64
CA VAL A 56 -0.05 -1.81 -8.79
C VAL A 56 0.37 -0.99 -7.57
N VAL A 57 1.10 0.12 -7.81
CA VAL A 57 1.55 1.08 -6.79
C VAL A 57 1.46 2.54 -7.28
N TRP A 58 1.80 2.83 -8.55
CA TRP A 58 1.70 4.17 -9.11
C TRP A 58 0.24 4.63 -9.31
N PRO A 59 -0.07 5.95 -9.15
CA PRO A 59 -1.43 6.46 -9.15
C PRO A 59 -2.28 6.08 -10.36
N LEU A 60 -3.56 5.80 -10.12
CA LEU A 60 -4.54 5.43 -11.14
C LEU A 60 -5.01 6.66 -11.95
N PRO A 61 -5.48 6.47 -13.20
CA PRO A 61 -5.91 7.58 -14.06
C PRO A 61 -7.28 8.16 -13.69
N ASN A 62 -8.19 7.35 -13.13
CA ASN A 62 -9.55 7.78 -12.77
C ASN A 62 -9.63 8.14 -11.28
N LYS A 63 -9.15 7.23 -10.41
CA LYS A 63 -8.91 7.35 -8.96
C LYS A 63 -10.09 7.84 -8.10
N ARG A 64 -11.34 7.66 -8.56
CA ARG A 64 -12.58 7.99 -7.87
C ARG A 64 -12.87 6.96 -6.76
N CYS A 65 -12.25 7.17 -5.59
CA CYS A 65 -12.17 6.22 -4.48
C CYS A 65 -13.54 5.81 -3.89
N LYS A 66 -13.70 4.51 -3.57
CA LYS A 66 -14.94 3.85 -3.08
C LYS A 66 -16.14 3.88 -4.05
N LYS A 1 12.19 -4.36 -3.78
CA LYS A 1 11.10 -3.84 -4.62
C LYS A 1 9.96 -3.35 -3.75
N GLU A 2 9.52 -2.11 -3.95
CA GLU A 2 8.62 -1.39 -3.03
C GLU A 2 7.51 -0.60 -3.75
N GLY A 3 6.51 -0.10 -3.02
CA GLY A 3 5.47 0.76 -3.59
C GLY A 3 4.35 1.17 -2.62
N TYR A 4 3.63 2.26 -2.95
CA TYR A 4 2.50 2.79 -2.18
C TYR A 4 1.29 1.82 -2.23
N LEU A 5 0.48 1.74 -1.16
CA LEU A 5 -0.74 0.90 -1.15
C LEU A 5 -1.92 1.58 -1.87
N VAL A 6 -2.62 0.86 -2.76
CA VAL A 6 -3.84 1.33 -3.45
C VAL A 6 -4.81 0.19 -3.74
N ASP A 7 -6.12 0.47 -3.82
CA ASP A 7 -7.15 -0.56 -4.04
C ASP A 7 -7.22 -1.03 -5.51
N TYR A 8 -7.71 -2.24 -5.73
CA TYR A 8 -8.06 -2.73 -7.07
C TYR A 8 -9.33 -2.06 -7.60
N HIS A 9 -10.27 -1.68 -6.73
CA HIS A 9 -11.54 -1.01 -7.09
C HIS A 9 -11.45 0.52 -7.24
N THR A 10 -10.49 1.20 -6.60
CA THR A 10 -10.39 2.67 -6.56
C THR A 10 -8.98 3.17 -6.23
N GLY A 11 -8.65 4.41 -6.62
CA GLY A 11 -7.33 5.04 -6.42
C GLY A 11 -7.05 5.55 -5.00
N CYS A 12 -7.89 5.21 -4.02
CA CYS A 12 -7.83 5.79 -2.66
C CYS A 12 -6.62 5.30 -1.83
N LYS A 13 -5.94 6.26 -1.18
CA LYS A 13 -4.85 6.02 -0.21
C LYS A 13 -5.33 5.32 1.08
N TYR A 14 -4.41 4.63 1.75
CA TYR A 14 -4.61 3.91 3.01
C TYR A 14 -3.78 4.57 4.13
N THR A 15 -4.41 5.36 4.98
CA THR A 15 -3.76 6.06 6.08
C THR A 15 -3.44 5.17 7.28
N CYS A 16 -2.30 5.41 7.94
CA CYS A 16 -1.95 4.82 9.22
C CYS A 16 -2.26 5.82 10.33
N ALA A 17 -2.59 5.35 11.54
CA ALA A 17 -2.91 6.23 12.66
C ALA A 17 -1.68 6.97 13.25
N LYS A 18 -0.47 6.40 13.11
CA LYS A 18 0.84 7.03 13.39
C LYS A 18 1.90 6.58 12.38
N LEU A 19 2.90 7.44 12.16
CA LEU A 19 4.12 7.06 11.43
C LEU A 19 4.83 5.95 12.22
N GLY A 20 5.30 4.90 11.54
CA GLY A 20 5.90 3.74 12.20
C GLY A 20 4.92 2.70 12.78
N ASP A 21 3.60 2.83 12.58
CA ASP A 21 2.60 1.79 12.90
C ASP A 21 2.58 0.64 11.85
N ASN A 22 3.77 0.11 11.56
CA ASN A 22 4.03 -0.78 10.42
C ASN A 22 3.14 -2.03 10.40
N ASP A 23 2.85 -2.62 11.55
CA ASP A 23 2.03 -3.84 11.70
C ASP A 23 0.62 -3.70 11.12
N TYR A 24 0.08 -2.48 11.02
CA TYR A 24 -1.18 -2.16 10.32
C TYR A 24 -0.99 -2.19 8.79
N CYS A 25 0.06 -1.56 8.28
CA CYS A 25 0.38 -1.57 6.85
C CYS A 25 0.75 -2.96 6.34
N VAL A 26 1.46 -3.77 7.14
CA VAL A 26 1.77 -5.18 6.83
C VAL A 26 0.48 -5.97 6.58
N ARG A 27 -0.53 -5.86 7.46
CA ARG A 27 -1.85 -6.47 7.32
C ARG A 27 -2.54 -6.03 6.03
N GLU A 28 -2.74 -4.73 5.86
CA GLU A 28 -3.52 -4.23 4.71
C GLU A 28 -2.82 -4.48 3.37
N CYS A 29 -1.49 -4.38 3.29
CA CYS A 29 -0.73 -4.69 2.07
C CYS A 29 -0.84 -6.18 1.71
N ARG A 30 -0.64 -7.09 2.68
CA ARG A 30 -0.71 -8.54 2.44
C ARG A 30 -2.12 -9.06 2.20
N LEU A 31 -3.15 -8.33 2.65
CA LEU A 31 -4.54 -8.62 2.30
C LEU A 31 -4.93 -8.10 0.91
N ARG A 32 -4.39 -6.95 0.48
CA ARG A 32 -4.72 -6.31 -0.81
C ARG A 32 -4.01 -6.94 -2.01
N TYR A 33 -2.69 -7.15 -1.91
CA TYR A 33 -1.84 -7.65 -3.00
C TYR A 33 -1.65 -9.17 -2.92
N TYR A 34 -0.82 -9.65 -1.99
CA TYR A 34 -0.50 -11.08 -1.83
C TYR A 34 0.09 -11.39 -0.45
N GLN A 35 -0.08 -12.64 0.01
CA GLN A 35 0.18 -13.05 1.40
C GLN A 35 1.62 -12.84 1.92
N SER A 36 2.61 -12.83 1.03
CA SER A 36 4.03 -12.66 1.39
C SER A 36 4.50 -11.20 1.34
N ALA A 37 3.60 -10.23 1.12
CA ALA A 37 3.96 -8.81 1.16
C ALA A 37 4.34 -8.33 2.58
N HIS A 38 5.23 -7.32 2.66
CA HIS A 38 5.60 -6.58 3.88
C HIS A 38 5.30 -5.08 3.70
N GLY A 39 5.56 -4.24 4.70
CA GLY A 39 5.42 -2.78 4.58
C GLY A 39 5.70 -1.99 5.87
N TYR A 40 5.55 -0.67 5.77
CA TYR A 40 5.68 0.31 6.86
C TYR A 40 4.84 1.57 6.61
N CYS A 41 4.69 2.41 7.65
CA CYS A 41 3.92 3.66 7.59
C CYS A 41 4.85 4.88 7.45
N TYR A 42 4.67 5.66 6.38
CA TYR A 42 5.48 6.84 6.02
C TYR A 42 4.62 7.83 5.21
N ALA A 43 4.85 9.14 5.33
CA ALA A 43 3.99 10.17 4.73
C ALA A 43 2.49 9.97 5.05
N PHE A 44 2.23 9.58 6.31
CA PHE A 44 0.95 9.19 6.92
C PHE A 44 0.20 8.01 6.25
N ALA A 45 0.82 7.30 5.30
CA ALA A 45 0.20 6.24 4.50
C ALA A 45 1.04 4.96 4.43
N CYS A 46 0.40 3.84 4.08
CA CYS A 46 1.05 2.54 3.93
C CYS A 46 1.94 2.45 2.67
N TRP A 47 3.19 2.02 2.88
CA TRP A 47 4.19 1.73 1.85
C TRP A 47 4.65 0.27 1.97
N CYS A 48 4.43 -0.52 0.94
CA CYS A 48 4.76 -1.94 0.88
C CYS A 48 6.25 -2.19 0.55
N THR A 49 6.80 -3.29 1.06
CA THR A 49 8.19 -3.74 0.85
C THR A 49 8.29 -5.22 0.48
N HIS A 50 9.44 -5.63 -0.07
CA HIS A 50 9.77 -7.01 -0.47
C HIS A 50 8.80 -7.61 -1.51
N LEU A 51 8.22 -6.76 -2.36
CA LEU A 51 7.17 -7.10 -3.32
C LEU A 51 7.65 -7.96 -4.49
N TYR A 52 6.73 -8.78 -5.03
CA TYR A 52 6.90 -9.45 -6.30
C TYR A 52 6.96 -8.45 -7.47
N GLU A 53 7.60 -8.84 -8.57
CA GLU A 53 7.65 -8.07 -9.82
C GLU A 53 6.26 -7.82 -10.44
N GLN A 54 5.24 -8.58 -10.02
CA GLN A 54 3.87 -8.53 -10.54
C GLN A 54 3.03 -7.36 -10.00
N ALA A 55 3.52 -6.61 -8.99
CA ALA A 55 2.84 -5.45 -8.40
C ALA A 55 2.66 -4.25 -9.37
N VAL A 56 1.60 -3.45 -9.19
CA VAL A 56 1.33 -2.22 -9.96
C VAL A 56 0.54 -1.18 -9.15
N VAL A 57 0.95 0.10 -9.20
CA VAL A 57 0.48 1.19 -8.33
C VAL A 57 0.19 2.49 -9.08
N TRP A 58 1.20 3.11 -9.72
CA TRP A 58 1.03 4.38 -10.47
C TRP A 58 0.49 4.24 -11.91
N PRO A 59 0.74 3.15 -12.66
CA PRO A 59 0.18 2.90 -13.99
C PRO A 59 -1.33 2.58 -14.07
N LEU A 60 -2.12 2.86 -13.03
CA LEU A 60 -3.59 2.75 -13.05
C LEU A 60 -4.16 3.79 -14.03
N PRO A 61 -4.85 3.38 -15.11
CA PRO A 61 -5.23 4.29 -16.18
C PRO A 61 -6.40 5.23 -15.85
N ASN A 62 -7.31 4.87 -14.93
CA ASN A 62 -8.58 5.58 -14.76
C ASN A 62 -9.13 5.76 -13.33
N LYS A 63 -8.87 4.81 -12.42
CA LYS A 63 -9.40 4.84 -11.04
C LYS A 63 -8.80 6.00 -10.21
N ARG A 64 -9.57 7.07 -9.97
CA ARG A 64 -9.15 8.33 -9.29
C ARG A 64 -9.90 8.56 -7.98
N CYS A 65 -9.21 9.10 -6.96
CA CYS A 65 -9.74 9.37 -5.62
C CYS A 65 -8.83 10.33 -4.81
N LYS A 66 -9.42 11.29 -4.08
CA LYS A 66 -8.70 12.30 -3.28
C LYS A 66 -7.90 11.72 -2.12
N LYS A 1 10.18 -4.78 -6.56
CA LYS A 1 9.52 -3.46 -6.54
C LYS A 1 8.93 -3.18 -5.16
N GLU A 2 8.84 -1.90 -4.78
CA GLU A 2 8.15 -1.41 -3.59
C GLU A 2 7.17 -0.27 -3.94
N GLY A 3 6.19 0.02 -3.08
CA GLY A 3 5.25 1.12 -3.30
C GLY A 3 4.13 1.20 -2.26
N TYR A 4 3.31 2.25 -2.30
CA TYR A 4 2.15 2.40 -1.42
C TYR A 4 0.97 1.50 -1.80
N LEU A 5 0.22 1.09 -0.79
CA LEU A 5 -1.06 0.38 -0.96
C LEU A 5 -2.19 1.37 -1.36
N VAL A 6 -3.10 0.92 -2.22
CA VAL A 6 -4.12 1.76 -2.88
C VAL A 6 -5.51 1.09 -2.84
N ASP A 7 -6.58 1.87 -2.87
CA ASP A 7 -7.96 1.39 -3.05
C ASP A 7 -8.15 0.62 -4.39
N TYR A 8 -9.17 -0.24 -4.47
CA TYR A 8 -9.51 -1.02 -5.66
C TYR A 8 -10.57 -0.35 -6.57
N HIS A 9 -11.23 0.72 -6.11
CA HIS A 9 -12.21 1.51 -6.89
C HIS A 9 -11.73 2.93 -7.22
N THR A 10 -11.15 3.63 -6.26
CA THR A 10 -10.66 5.02 -6.43
C THR A 10 -9.13 5.10 -6.47
N GLY A 11 -8.58 6.22 -6.95
CA GLY A 11 -7.14 6.49 -6.96
C GLY A 11 -6.50 6.80 -5.60
N CYS A 12 -7.21 6.62 -4.48
CA CYS A 12 -6.77 6.99 -3.14
C CYS A 12 -5.77 5.98 -2.55
N LYS A 13 -4.58 6.44 -2.15
CA LYS A 13 -3.61 5.68 -1.35
C LYS A 13 -4.13 5.41 0.07
N TYR A 14 -3.58 4.41 0.75
CA TYR A 14 -3.88 4.11 2.16
C TYR A 14 -3.14 5.09 3.08
N THR A 15 -3.86 5.96 3.79
CA THR A 15 -3.30 6.90 4.78
C THR A 15 -3.06 6.23 6.15
N CYS A 16 -2.00 6.65 6.85
CA CYS A 16 -1.67 6.26 8.23
C CYS A 16 -1.76 7.46 9.19
N ALA A 17 -1.92 7.22 10.49
CA ALA A 17 -1.99 8.28 11.51
C ALA A 17 -0.62 8.63 12.15
N LYS A 18 0.26 7.64 12.34
CA LYS A 18 1.65 7.81 12.81
C LYS A 18 2.62 6.80 12.20
N LEU A 19 3.92 7.14 12.23
CA LEU A 19 4.98 6.16 11.98
C LEU A 19 5.01 5.13 13.13
N GLY A 20 5.53 3.92 12.89
CA GLY A 20 5.68 2.88 13.93
C GLY A 20 4.40 2.08 14.26
N ASP A 21 3.28 2.39 13.60
CA ASP A 21 2.05 1.59 13.61
C ASP A 21 2.04 0.56 12.45
N ASN A 22 3.24 0.13 12.04
CA ASN A 22 3.58 -0.62 10.84
C ASN A 22 2.78 -1.91 10.62
N ASP A 23 2.31 -2.60 11.66
CA ASP A 23 1.56 -3.86 11.50
C ASP A 23 0.23 -3.67 10.73
N TYR A 24 -0.32 -2.44 10.68
CA TYR A 24 -1.43 -2.09 9.79
C TYR A 24 -1.08 -2.40 8.33
N CYS A 25 0.07 -1.90 7.87
CA CYS A 25 0.54 -2.11 6.50
C CYS A 25 1.04 -3.53 6.27
N VAL A 26 1.57 -4.21 7.28
CA VAL A 26 1.87 -5.64 7.18
C VAL A 26 0.58 -6.43 6.88
N ARG A 27 -0.46 -6.25 7.71
CA ARG A 27 -1.76 -6.91 7.58
C ARG A 27 -2.48 -6.58 6.27
N GLU A 28 -2.73 -5.31 5.98
CA GLU A 28 -3.49 -4.90 4.79
C GLU A 28 -2.76 -5.24 3.48
N CYS A 29 -1.43 -5.23 3.46
CA CYS A 29 -0.63 -5.65 2.30
C CYS A 29 -0.64 -7.18 2.12
N ARG A 30 -0.46 -7.96 3.20
CA ARG A 30 -0.47 -9.43 3.15
C ARG A 30 -1.86 -10.01 2.86
N LEU A 31 -2.93 -9.26 3.15
CA LEU A 31 -4.29 -9.59 2.73
C LEU A 31 -4.57 -9.26 1.24
N ARG A 32 -3.75 -8.38 0.61
CA ARG A 32 -3.88 -7.99 -0.80
C ARG A 32 -3.07 -8.87 -1.75
N TYR A 33 -1.74 -8.86 -1.66
CA TYR A 33 -0.88 -9.48 -2.68
C TYR A 33 -0.49 -10.92 -2.36
N TYR A 34 0.14 -11.18 -1.20
CA TYR A 34 0.60 -12.52 -0.80
C TYR A 34 0.75 -12.62 0.72
N GLN A 35 0.40 -13.77 1.32
CA GLN A 35 0.30 -13.92 2.79
C GLN A 35 1.64 -13.81 3.54
N SER A 36 2.77 -13.95 2.84
CA SER A 36 4.13 -13.70 3.35
C SER A 36 4.61 -12.24 3.14
N ALA A 37 3.77 -11.34 2.62
CA ALA A 37 4.15 -9.94 2.40
C ALA A 37 4.43 -9.17 3.70
N HIS A 38 5.09 -8.02 3.59
CA HIS A 38 5.57 -7.20 4.71
C HIS A 38 5.65 -5.72 4.31
N GLY A 39 5.51 -4.83 5.29
CA GLY A 39 5.37 -3.40 5.05
C GLY A 39 5.43 -2.54 6.32
N TYR A 40 5.21 -1.24 6.13
CA TYR A 40 5.22 -0.22 7.19
C TYR A 40 4.49 1.07 6.73
N CYS A 41 4.36 2.07 7.61
CA CYS A 41 3.89 3.42 7.26
C CYS A 41 5.10 4.36 7.09
N TYR A 42 5.05 5.26 6.11
CA TYR A 42 6.09 6.27 5.86
C TYR A 42 5.47 7.54 5.28
N ALA A 43 5.83 8.73 5.78
CA ALA A 43 5.27 10.02 5.35
C ALA A 43 3.72 9.99 5.22
N PHE A 44 3.05 9.61 6.31
CA PHE A 44 1.58 9.50 6.45
C PHE A 44 0.84 8.57 5.47
N ALA A 45 1.54 7.73 4.70
CA ALA A 45 0.91 6.72 3.85
C ALA A 45 1.60 5.34 3.96
N CYS A 46 0.83 4.31 3.67
CA CYS A 46 1.22 2.91 3.78
C CYS A 46 2.28 2.49 2.74
N TRP A 47 3.02 1.41 2.99
CA TRP A 47 4.10 0.92 2.11
C TRP A 47 4.21 -0.61 2.12
N CYS A 48 4.30 -1.22 0.93
CA CYS A 48 4.51 -2.64 0.68
C CYS A 48 5.92 -2.91 0.10
N THR A 49 6.52 -4.05 0.47
CA THR A 49 7.88 -4.45 0.04
C THR A 49 7.95 -5.74 -0.81
N HIS A 50 9.02 -5.85 -1.61
CA HIS A 50 9.44 -7.03 -2.40
C HIS A 50 8.44 -7.52 -3.48
N LEU A 51 7.50 -6.68 -3.89
CA LEU A 51 6.48 -6.96 -4.92
C LEU A 51 7.13 -7.30 -6.28
N TYR A 52 6.50 -8.16 -7.09
CA TYR A 52 7.02 -8.50 -8.43
C TYR A 52 7.07 -7.32 -9.40
N GLU A 53 7.91 -7.45 -10.43
CA GLU A 53 8.07 -6.48 -11.53
C GLU A 53 6.74 -6.18 -12.27
N GLN A 54 5.76 -7.08 -12.20
CA GLN A 54 4.43 -6.89 -12.81
C GLN A 54 3.49 -5.98 -11.99
N ALA A 55 3.90 -5.55 -10.78
CA ALA A 55 3.14 -4.63 -9.94
C ALA A 55 3.25 -3.16 -10.38
N VAL A 56 2.17 -2.40 -10.21
CA VAL A 56 2.10 -0.94 -10.37
C VAL A 56 1.13 -0.34 -9.34
N VAL A 57 1.51 0.80 -8.74
CA VAL A 57 0.75 1.41 -7.61
C VAL A 57 0.10 2.76 -7.92
N TRP A 58 0.32 3.33 -9.11
CA TRP A 58 -0.21 4.66 -9.44
C TRP A 58 -1.75 4.77 -9.37
N PRO A 59 -2.30 5.95 -9.00
CA PRO A 59 -3.74 6.17 -8.86
C PRO A 59 -4.58 5.69 -10.04
N LEU A 60 -5.58 4.85 -9.73
CA LEU A 60 -6.44 4.13 -10.67
C LEU A 60 -7.10 5.06 -11.71
N PRO A 61 -7.17 4.68 -13.00
CA PRO A 61 -7.91 5.43 -14.01
C PRO A 61 -9.43 5.45 -13.73
N ASN A 62 -9.95 4.48 -12.97
CA ASN A 62 -11.36 4.30 -12.64
C ASN A 62 -12.02 5.58 -12.11
N LYS A 63 -11.64 6.05 -10.91
CA LYS A 63 -12.18 7.28 -10.29
C LYS A 63 -11.08 8.07 -9.57
N ARG A 64 -10.87 9.32 -10.00
CA ARG A 64 -9.84 10.24 -9.47
C ARG A 64 -10.05 10.61 -8.00
N CYS A 65 -8.97 10.62 -7.23
CA CYS A 65 -8.95 11.17 -5.87
C CYS A 65 -8.24 12.53 -5.83
N LYS A 66 -8.89 13.52 -5.19
CA LYS A 66 -8.36 14.86 -4.91
C LYS A 66 -9.13 15.52 -3.74
N LYS A 1 10.76 -5.65 -5.44
CA LYS A 1 10.01 -4.43 -5.80
C LYS A 1 9.21 -3.90 -4.61
N GLU A 2 8.95 -2.60 -4.57
CA GLU A 2 8.21 -1.90 -3.51
C GLU A 2 7.18 -0.93 -4.12
N GLY A 3 6.25 -0.39 -3.31
CA GLY A 3 5.35 0.67 -3.78
C GLY A 3 4.27 1.12 -2.80
N TYR A 4 3.61 2.23 -3.14
CA TYR A 4 2.60 2.91 -2.33
C TYR A 4 1.22 2.22 -2.42
N LEU A 5 0.61 1.87 -1.28
CA LEU A 5 -0.70 1.19 -1.24
C LEU A 5 -1.81 2.12 -1.74
N VAL A 6 -2.69 1.63 -2.62
CA VAL A 6 -3.83 2.40 -3.16
C VAL A 6 -5.08 1.51 -3.27
N ASP A 7 -6.24 2.07 -2.93
CA ASP A 7 -7.52 1.38 -2.98
C ASP A 7 -8.00 1.13 -4.42
N TYR A 8 -8.27 -0.13 -4.75
CA TYR A 8 -8.77 -0.54 -6.07
C TYR A 8 -10.18 0.00 -6.38
N HIS A 9 -10.99 0.31 -5.37
CA HIS A 9 -12.39 0.75 -5.55
C HIS A 9 -12.49 2.25 -5.85
N THR A 10 -11.97 3.09 -4.94
CA THR A 10 -12.04 4.56 -5.03
C THR A 10 -10.83 5.21 -5.72
N GLY A 11 -9.69 4.52 -5.79
CA GLY A 11 -8.41 5.08 -6.25
C GLY A 11 -7.63 5.87 -5.18
N CYS A 12 -8.12 5.90 -3.93
CA CYS A 12 -7.57 6.71 -2.84
C CYS A 12 -6.41 6.05 -2.07
N LYS A 13 -5.61 6.89 -1.40
CA LYS A 13 -4.57 6.49 -0.42
C LYS A 13 -5.15 5.85 0.86
N TYR A 14 -4.36 5.05 1.56
CA TYR A 14 -4.68 4.51 2.90
C TYR A 14 -4.12 5.39 4.00
N THR A 15 -4.80 5.47 5.15
CA THR A 15 -4.27 6.11 6.38
C THR A 15 -3.22 5.24 7.08
N CYS A 16 -2.52 5.85 8.04
CA CYS A 16 -1.46 5.23 8.83
C CYS A 16 -1.14 6.00 10.13
N ALA A 17 -0.47 5.32 11.05
CA ALA A 17 0.14 5.91 12.25
C ALA A 17 1.39 6.76 11.92
N LYS A 18 2.00 7.37 12.94
CA LYS A 18 3.31 8.03 12.85
C LYS A 18 4.38 7.05 12.31
N LEU A 19 5.34 7.58 11.56
CA LEU A 19 6.28 6.81 10.75
C LEU A 19 7.02 5.67 11.47
N GLY A 20 7.22 4.58 10.71
CA GLY A 20 7.93 3.37 11.13
C GLY A 20 7.06 2.26 11.72
N ASP A 21 5.77 2.51 11.96
CA ASP A 21 4.81 1.47 12.38
C ASP A 21 4.66 0.37 11.31
N ASN A 22 4.66 -0.90 11.72
CA ASN A 22 4.70 -2.08 10.86
C ASN A 22 3.87 -3.23 11.46
N ASP A 23 2.55 -3.01 11.52
CA ASP A 23 1.55 -3.88 12.16
C ASP A 23 0.30 -4.08 11.28
N TYR A 24 -0.45 -3.01 11.01
CA TYR A 24 -1.71 -3.07 10.26
C TYR A 24 -1.51 -2.85 8.75
N CYS A 25 -0.66 -1.90 8.36
CA CYS A 25 -0.20 -1.72 6.98
C CYS A 25 0.43 -3.02 6.41
N VAL A 26 1.15 -3.79 7.24
CA VAL A 26 1.64 -5.14 6.88
C VAL A 26 0.51 -6.07 6.44
N ARG A 27 -0.62 -6.10 7.17
CA ARG A 27 -1.81 -6.87 6.82
C ARG A 27 -2.44 -6.34 5.53
N GLU A 28 -2.75 -5.05 5.45
CA GLU A 28 -3.40 -4.48 4.26
C GLU A 28 -2.58 -4.66 2.98
N CYS A 29 -1.24 -4.58 3.06
CA CYS A 29 -0.35 -4.94 1.95
C CYS A 29 -0.47 -6.43 1.61
N ARG A 30 -0.28 -7.35 2.58
CA ARG A 30 -0.31 -8.80 2.33
C ARG A 30 -1.71 -9.36 2.05
N LEU A 31 -2.76 -8.55 2.18
CA LEU A 31 -4.13 -8.83 1.74
C LEU A 31 -4.45 -8.24 0.34
N ARG A 32 -3.77 -7.16 -0.09
CA ARG A 32 -3.88 -6.60 -1.46
C ARG A 32 -3.02 -7.37 -2.46
N TYR A 33 -1.81 -7.74 -2.03
CA TYR A 33 -0.87 -8.61 -2.72
C TYR A 33 -0.96 -10.04 -2.16
N TYR A 34 -0.05 -10.91 -2.56
CA TYR A 34 0.17 -12.21 -1.93
C TYR A 34 0.53 -12.08 -0.44
N GLN A 35 0.25 -13.12 0.35
CA GLN A 35 0.52 -13.15 1.78
C GLN A 35 2.01 -13.10 2.14
N SER A 36 2.90 -13.37 1.18
CA SER A 36 4.36 -13.24 1.29
C SER A 36 4.88 -11.81 1.48
N ALA A 37 4.05 -10.79 1.19
CA ALA A 37 4.44 -9.38 1.25
C ALA A 37 4.67 -8.84 2.69
N HIS A 38 5.11 -7.58 2.79
CA HIS A 38 5.26 -6.83 4.05
C HIS A 38 5.06 -5.32 3.82
N GLY A 39 5.34 -4.44 4.79
CA GLY A 39 5.17 -2.99 4.64
C GLY A 39 5.36 -2.16 5.92
N TYR A 40 5.23 -0.83 5.81
CA TYR A 40 5.31 0.13 6.92
C TYR A 40 4.61 1.47 6.63
N CYS A 41 4.39 2.25 7.68
CA CYS A 41 3.80 3.59 7.62
C CYS A 41 4.84 4.70 7.41
N TYR A 42 4.55 5.65 6.52
CA TYR A 42 5.32 6.90 6.34
C TYR A 42 4.45 8.01 5.74
N ALA A 43 4.59 9.27 6.18
CA ALA A 43 3.77 10.41 5.76
C ALA A 43 2.24 10.19 5.94
N PHE A 44 1.86 9.45 6.98
CA PHE A 44 0.48 9.03 7.30
C PHE A 44 -0.19 8.20 6.20
N ALA A 45 0.59 7.47 5.40
CA ALA A 45 0.10 6.49 4.43
C ALA A 45 0.99 5.22 4.35
N CYS A 46 0.45 4.15 3.79
CA CYS A 46 1.04 2.81 3.82
C CYS A 46 1.93 2.51 2.59
N TRP A 47 3.12 1.97 2.83
CA TRP A 47 4.10 1.56 1.83
C TRP A 47 4.36 0.05 1.91
N CYS A 48 4.20 -0.67 0.80
CA CYS A 48 4.35 -2.12 0.72
C CYS A 48 5.73 -2.53 0.21
N THR A 49 6.26 -3.61 0.79
CA THR A 49 7.59 -4.18 0.48
C THR A 49 7.52 -5.66 0.14
N HIS A 50 8.61 -6.19 -0.41
CA HIS A 50 8.78 -7.58 -0.86
C HIS A 50 7.79 -8.01 -1.97
N LEU A 51 7.52 -7.12 -2.93
CA LEU A 51 6.67 -7.38 -4.10
C LEU A 51 7.50 -7.93 -5.26
N TYR A 52 6.91 -8.78 -6.11
CA TYR A 52 7.56 -9.29 -7.32
C TYR A 52 7.91 -8.18 -8.31
N GLU A 53 9.03 -8.32 -9.03
CA GLU A 53 9.45 -7.36 -10.07
C GLU A 53 8.41 -7.21 -11.19
N GLN A 54 7.61 -8.25 -11.44
CA GLN A 54 6.54 -8.25 -12.45
C GLN A 54 5.27 -7.47 -12.01
N ALA A 55 5.26 -6.87 -10.81
CA ALA A 55 4.18 -6.01 -10.32
C ALA A 55 4.28 -4.59 -10.87
N VAL A 56 3.16 -3.85 -10.84
CA VAL A 56 3.10 -2.40 -11.11
C VAL A 56 2.15 -1.74 -10.11
N VAL A 57 2.57 -0.64 -9.49
CA VAL A 57 1.89 -0.02 -8.32
C VAL A 57 1.38 1.41 -8.59
N TRP A 58 1.79 2.04 -9.69
CA TRP A 58 1.43 3.42 -10.06
C TRP A 58 -0.10 3.70 -10.13
N PRO A 59 -0.52 4.96 -9.87
CA PRO A 59 -1.94 5.36 -9.76
C PRO A 59 -2.86 4.84 -10.86
N LEU A 60 -4.10 4.52 -10.48
CA LEU A 60 -5.11 4.00 -11.39
C LEU A 60 -5.54 5.10 -12.38
N PRO A 61 -5.31 4.96 -13.70
CA PRO A 61 -5.61 6.02 -14.66
C PRO A 61 -7.11 6.30 -14.80
N ASN A 62 -7.96 5.33 -14.46
CA ASN A 62 -9.42 5.41 -14.58
C ASN A 62 -10.10 6.09 -13.39
N LYS A 63 -9.82 5.61 -12.18
CA LYS A 63 -10.39 6.11 -10.91
C LYS A 63 -10.01 7.57 -10.60
N ARG A 64 -10.80 8.26 -9.77
CA ARG A 64 -10.57 9.67 -9.38
C ARG A 64 -11.05 9.97 -7.94
N CYS A 65 -10.12 9.90 -7.00
CA CYS A 65 -10.34 10.07 -5.55
C CYS A 65 -10.81 11.49 -5.17
N LYS A 66 -11.63 11.60 -4.12
CA LYS A 66 -12.29 12.85 -3.68
C LYS A 66 -11.33 14.02 -3.39
N LYS A 1 10.87 -5.39 -4.83
CA LYS A 1 10.04 -4.29 -5.38
C LYS A 1 9.31 -3.57 -4.26
N GLU A 2 9.25 -2.24 -4.32
CA GLU A 2 8.42 -1.39 -3.45
C GLU A 2 7.24 -0.79 -4.24
N GLY A 3 6.19 -0.33 -3.57
CA GLY A 3 5.06 0.32 -4.25
C GLY A 3 3.93 0.82 -3.35
N TYR A 4 3.08 1.67 -3.93
CA TYR A 4 1.85 2.17 -3.30
C TYR A 4 0.85 1.03 -3.02
N LEU A 5 0.04 1.18 -1.96
CA LEU A 5 -1.08 0.26 -1.66
C LEU A 5 -2.29 0.62 -2.55
N VAL A 6 -2.42 -0.01 -3.71
CA VAL A 6 -3.40 0.39 -4.74
C VAL A 6 -4.83 -0.06 -4.46
N ASP A 7 -5.79 0.84 -4.65
CA ASP A 7 -7.22 0.57 -4.50
C ASP A 7 -8.07 1.16 -5.63
N TYR A 8 -9.16 0.44 -5.93
CA TYR A 8 -10.24 0.84 -6.84
C TYR A 8 -11.36 1.62 -6.13
N HIS A 9 -11.60 1.36 -4.84
CA HIS A 9 -12.69 1.97 -4.07
C HIS A 9 -12.32 3.36 -3.53
N THR A 10 -11.06 3.54 -3.12
CA THR A 10 -10.46 4.82 -2.69
C THR A 10 -9.39 5.29 -3.68
N GLY A 11 -9.43 6.57 -4.05
CA GLY A 11 -8.40 7.23 -4.87
C GLY A 11 -7.30 7.89 -4.03
N CYS A 12 -7.62 8.32 -2.81
CA CYS A 12 -6.66 8.79 -1.83
C CYS A 12 -5.98 7.64 -1.08
N LYS A 13 -4.72 7.84 -0.68
CA LYS A 13 -3.90 6.91 0.11
C LYS A 13 -4.57 6.45 1.41
N TYR A 14 -4.49 5.16 1.74
CA TYR A 14 -4.94 4.63 3.04
C TYR A 14 -4.03 5.10 4.18
N THR A 15 -4.66 5.66 5.21
CA THR A 15 -4.02 6.38 6.34
C THR A 15 -3.42 5.44 7.38
N CYS A 16 -2.38 5.90 8.09
CA CYS A 16 -1.80 5.25 9.27
C CYS A 16 -1.52 6.30 10.37
N ALA A 17 -1.64 5.90 11.64
CA ALA A 17 -1.67 6.80 12.78
C ALA A 17 -0.30 7.21 13.34
N LYS A 18 0.70 6.33 13.26
CA LYS A 18 2.01 6.53 13.89
C LYS A 18 3.13 5.82 13.12
N LEU A 19 4.24 6.53 12.96
CA LEU A 19 5.44 6.04 12.28
C LEU A 19 6.11 4.92 13.09
N GLY A 20 6.64 3.89 12.41
CA GLY A 20 7.20 2.67 13.01
C GLY A 20 6.16 1.62 13.43
N ASP A 21 4.92 1.99 13.73
CA ASP A 21 3.82 1.06 14.02
C ASP A 21 3.23 0.51 12.70
N ASN A 22 4.04 -0.31 12.02
CA ASN A 22 3.80 -0.83 10.66
C ASN A 22 2.95 -2.10 10.56
N ASP A 23 2.70 -2.84 11.65
CA ASP A 23 2.12 -4.20 11.56
C ASP A 23 0.71 -4.25 10.92
N TYR A 24 -0.13 -3.24 11.06
CA TYR A 24 -1.41 -3.20 10.34
C TYR A 24 -1.25 -2.88 8.84
N CYS A 25 -0.30 -2.00 8.48
CA CYS A 25 0.06 -1.80 7.07
C CYS A 25 0.59 -3.10 6.42
N VAL A 26 1.37 -3.91 7.16
CA VAL A 26 1.81 -5.24 6.70
C VAL A 26 0.61 -6.18 6.44
N ARG A 27 -0.38 -6.23 7.35
CA ARG A 27 -1.66 -6.95 7.15
C ARG A 27 -2.34 -6.52 5.85
N GLU A 28 -2.53 -5.22 5.69
CA GLU A 28 -3.22 -4.67 4.53
C GLU A 28 -2.51 -4.97 3.21
N CYS A 29 -1.18 -4.82 3.13
CA CYS A 29 -0.40 -5.13 1.93
C CYS A 29 -0.52 -6.62 1.57
N ARG A 30 -0.43 -7.53 2.55
CA ARG A 30 -0.46 -8.98 2.33
C ARG A 30 -1.86 -9.59 2.16
N LEU A 31 -2.91 -8.80 2.38
CA LEU A 31 -4.29 -9.17 2.04
C LEU A 31 -4.78 -8.53 0.73
N ARG A 32 -4.22 -7.37 0.35
CA ARG A 32 -4.41 -6.72 -0.96
C ARG A 32 -3.65 -7.44 -2.08
N TYR A 33 -2.37 -7.73 -1.85
CA TYR A 33 -1.50 -8.52 -2.73
C TYR A 33 -1.37 -9.96 -2.19
N TYR A 34 -0.41 -10.73 -2.73
CA TYR A 34 0.00 -12.04 -2.20
C TYR A 34 0.37 -12.04 -0.70
N GLN A 35 0.20 -13.20 -0.08
CA GLN A 35 0.39 -13.44 1.37
C GLN A 35 1.77 -13.10 1.94
N SER A 36 2.80 -12.97 1.09
CA SER A 36 4.18 -12.69 1.49
C SER A 36 4.56 -11.22 1.34
N ALA A 37 3.62 -10.33 1.03
CA ALA A 37 3.90 -8.88 0.97
C ALA A 37 4.30 -8.28 2.34
N HIS A 38 4.95 -7.11 2.33
CA HIS A 38 5.31 -6.33 3.53
C HIS A 38 5.07 -4.82 3.30
N GLY A 39 5.36 -3.96 4.28
CA GLY A 39 5.15 -2.51 4.17
C GLY A 39 5.52 -1.70 5.42
N TYR A 40 5.29 -0.38 5.37
CA TYR A 40 5.50 0.56 6.47
C TYR A 40 4.62 1.82 6.38
N CYS A 41 4.51 2.53 7.50
CA CYS A 41 3.82 3.80 7.61
C CYS A 41 4.75 4.96 7.24
N TYR A 42 4.40 5.73 6.20
CA TYR A 42 5.26 6.78 5.62
C TYR A 42 4.42 7.99 5.17
N ALA A 43 4.80 9.20 5.60
CA ALA A 43 3.99 10.42 5.43
C ALA A 43 2.52 10.25 5.92
N PHE A 44 2.34 9.46 6.99
CA PHE A 44 1.06 9.07 7.59
C PHE A 44 0.10 8.30 6.64
N ALA A 45 0.65 7.58 5.67
CA ALA A 45 -0.08 6.61 4.82
C ALA A 45 0.71 5.30 4.61
N CYS A 46 0.00 4.18 4.45
CA CYS A 46 0.61 2.86 4.27
C CYS A 46 1.25 2.70 2.87
N TRP A 47 2.49 2.22 2.83
CA TRP A 47 3.28 1.98 1.62
C TRP A 47 3.93 0.57 1.67
N CYS A 48 3.87 -0.19 0.59
CA CYS A 48 4.25 -1.60 0.58
C CYS A 48 5.70 -1.83 0.10
N THR A 49 6.37 -2.86 0.63
CA THR A 49 7.80 -3.15 0.43
C THR A 49 8.05 -4.66 0.35
N HIS A 50 9.25 -5.07 -0.10
CA HIS A 50 9.67 -6.47 -0.20
C HIS A 50 8.73 -7.32 -1.07
N LEU A 51 8.18 -6.70 -2.13
CA LEU A 51 7.20 -7.26 -3.06
C LEU A 51 7.86 -7.96 -4.26
N TYR A 52 7.09 -8.89 -4.85
CA TYR A 52 7.37 -9.50 -6.14
C TYR A 52 7.37 -8.50 -7.31
N GLU A 53 8.06 -8.84 -8.40
CA GLU A 53 8.05 -8.03 -9.63
C GLU A 53 6.66 -8.03 -10.32
N GLN A 54 5.78 -8.97 -9.94
CA GLN A 54 4.37 -9.00 -10.35
C GLN A 54 3.50 -7.89 -9.73
N ALA A 55 3.99 -7.05 -8.82
CA ALA A 55 3.27 -5.85 -8.36
C ALA A 55 3.21 -4.77 -9.46
N VAL A 56 2.09 -4.04 -9.56
CA VAL A 56 1.87 -2.89 -10.46
C VAL A 56 0.74 -1.98 -9.91
N VAL A 57 0.80 -0.67 -10.17
CA VAL A 57 -0.07 0.36 -9.53
C VAL A 57 -0.87 1.24 -10.52
N TRP A 58 -0.28 1.66 -11.64
CA TRP A 58 -0.96 2.56 -12.61
C TRP A 58 -2.21 2.01 -13.35
N PRO A 59 -2.40 0.70 -13.61
CA PRO A 59 -3.52 0.14 -14.39
C PRO A 59 -4.96 0.30 -13.84
N LEU A 60 -5.21 1.17 -12.86
CA LEU A 60 -6.54 1.48 -12.32
C LEU A 60 -7.12 2.74 -12.97
N PRO A 61 -8.03 2.65 -13.95
CA PRO A 61 -8.81 3.80 -14.44
C PRO A 61 -9.90 4.25 -13.45
N ASN A 62 -10.04 3.54 -12.33
CA ASN A 62 -11.13 3.65 -11.37
C ASN A 62 -11.27 5.03 -10.69
N LYS A 63 -10.35 5.46 -9.82
CA LYS A 63 -10.56 6.65 -8.96
C LYS A 63 -9.30 7.46 -8.66
N ARG A 64 -9.37 8.80 -8.82
CA ARG A 64 -8.37 9.81 -8.39
C ARG A 64 -8.76 10.45 -7.05
N CYS A 65 -7.77 10.88 -6.27
CA CYS A 65 -7.97 11.53 -4.97
C CYS A 65 -8.46 12.99 -5.09
N LYS A 66 -9.61 13.32 -4.47
CA LYS A 66 -10.06 14.71 -4.32
C LYS A 66 -9.11 15.48 -3.40
N LYS A 1 10.65 -5.24 -5.52
CA LYS A 1 9.99 -3.97 -5.88
C LYS A 1 9.09 -3.48 -4.75
N GLU A 2 8.72 -2.20 -4.75
CA GLU A 2 7.89 -1.56 -3.71
C GLU A 2 6.68 -0.84 -4.32
N GLY A 3 5.67 -0.50 -3.51
CA GLY A 3 4.43 0.12 -4.02
C GLY A 3 3.48 0.67 -2.96
N TYR A 4 2.62 1.59 -3.36
CA TYR A 4 1.62 2.20 -2.48
C TYR A 4 0.40 1.29 -2.28
N LEU A 5 -0.17 1.26 -1.07
CA LEU A 5 -1.22 0.30 -0.68
C LEU A 5 -2.64 0.57 -1.26
N VAL A 6 -2.75 1.46 -2.27
CA VAL A 6 -3.99 1.74 -3.01
C VAL A 6 -4.68 0.45 -3.49
N ASP A 7 -5.98 0.37 -3.25
CA ASP A 7 -6.85 -0.70 -3.73
C ASP A 7 -7.32 -0.38 -5.15
N TYR A 8 -6.38 -0.57 -6.09
CA TYR A 8 -6.32 -0.20 -7.53
C TYR A 8 -7.58 -0.36 -8.41
N HIS A 9 -8.63 -0.97 -7.89
CA HIS A 9 -9.99 -0.93 -8.43
C HIS A 9 -10.53 0.53 -8.41
N THR A 10 -9.97 1.37 -7.54
CA THR A 10 -10.13 2.83 -7.44
C THR A 10 -8.79 3.51 -7.08
N GLY A 11 -8.73 4.84 -7.08
CA GLY A 11 -7.53 5.60 -6.70
C GLY A 11 -7.40 5.91 -5.20
N CYS A 12 -8.22 5.30 -4.35
CA CYS A 12 -8.39 5.65 -2.93
C CYS A 12 -7.15 5.37 -2.04
N LYS A 13 -6.86 6.29 -1.11
CA LYS A 13 -5.68 6.33 -0.24
C LYS A 13 -5.78 5.45 1.01
N TYR A 14 -4.63 5.13 1.62
CA TYR A 14 -4.51 4.37 2.87
C TYR A 14 -3.61 5.08 3.89
N THR A 15 -4.20 6.03 4.62
CA THR A 15 -3.53 6.84 5.67
C THR A 15 -3.22 6.05 6.94
N CYS A 16 -2.14 6.44 7.63
CA CYS A 16 -1.66 5.93 8.91
C CYS A 16 -1.17 7.12 9.76
N ALA A 17 -1.84 7.46 10.85
CA ALA A 17 -1.60 8.69 11.61
C ALA A 17 -0.34 8.67 12.52
N LYS A 18 0.59 7.73 12.30
CA LYS A 18 1.80 7.49 13.10
C LYS A 18 2.95 7.02 12.19
N LEU A 19 4.19 7.12 12.67
CA LEU A 19 5.35 6.49 12.05
C LEU A 19 5.82 5.29 12.89
N GLY A 20 6.52 4.34 12.27
CA GLY A 20 7.08 3.15 12.90
C GLY A 20 6.08 2.02 13.23
N ASP A 21 4.80 2.32 13.44
CA ASP A 21 3.73 1.33 13.70
C ASP A 21 3.28 0.61 12.41
N ASN A 22 4.19 -0.18 11.83
CA ASN A 22 4.01 -0.89 10.57
C ASN A 22 2.90 -1.96 10.57
N ASP A 23 2.49 -2.46 11.75
CA ASP A 23 1.58 -3.62 11.91
C ASP A 23 0.30 -3.53 11.05
N TYR A 24 -0.38 -2.38 11.06
CA TYR A 24 -1.55 -2.13 10.22
C TYR A 24 -1.25 -2.26 8.72
N CYS A 25 -0.15 -1.66 8.25
CA CYS A 25 0.23 -1.74 6.84
C CYS A 25 0.68 -3.15 6.43
N VAL A 26 1.26 -3.95 7.32
CA VAL A 26 1.53 -5.38 7.07
C VAL A 26 0.21 -6.12 6.86
N ARG A 27 -0.74 -5.99 7.81
CA ARG A 27 -2.04 -6.68 7.79
C ARG A 27 -2.87 -6.39 6.54
N GLU A 28 -2.90 -5.13 6.09
CA GLU A 28 -3.58 -4.73 4.87
C GLU A 28 -2.79 -5.09 3.60
N CYS A 29 -1.45 -5.04 3.60
CA CYS A 29 -0.62 -5.32 2.43
C CYS A 29 -0.64 -6.81 2.05
N ARG A 30 -0.58 -7.71 3.03
CA ARG A 30 -0.72 -9.17 2.83
C ARG A 30 -2.12 -9.61 2.38
N LEU A 31 -3.06 -8.67 2.33
CA LEU A 31 -4.41 -8.87 1.76
C LEU A 31 -4.59 -8.19 0.39
N ARG A 32 -3.87 -7.08 0.10
CA ARG A 32 -3.78 -6.47 -1.25
C ARG A 32 -3.02 -7.38 -2.22
N TYR A 33 -1.81 -7.76 -1.83
CA TYR A 33 -0.94 -8.70 -2.51
C TYR A 33 -1.03 -10.08 -1.83
N TYR A 34 -0.25 -11.05 -2.28
CA TYR A 34 -0.15 -12.39 -1.68
C TYR A 34 0.25 -12.37 -0.19
N GLN A 35 -0.10 -13.42 0.55
CA GLN A 35 0.01 -13.47 2.02
C GLN A 35 1.44 -13.32 2.56
N SER A 36 2.49 -13.54 1.75
CA SER A 36 3.89 -13.27 2.12
C SER A 36 4.33 -11.80 2.00
N ALA A 37 3.47 -10.89 1.51
CA ALA A 37 3.82 -9.46 1.40
C ALA A 37 3.88 -8.74 2.77
N HIS A 38 4.58 -7.60 2.81
CA HIS A 38 4.76 -6.74 4.00
C HIS A 38 4.73 -5.26 3.61
N GLY A 39 4.54 -4.35 4.58
CA GLY A 39 4.57 -2.90 4.35
C GLY A 39 4.65 -2.07 5.64
N TYR A 40 4.82 -0.75 5.51
CA TYR A 40 5.00 0.18 6.63
C TYR A 40 4.38 1.58 6.38
N CYS A 41 4.30 2.40 7.43
CA CYS A 41 3.69 3.73 7.40
C CYS A 41 4.66 4.81 6.86
N TYR A 42 5.12 4.65 5.62
CA TYR A 42 6.04 5.59 4.95
C TYR A 42 5.39 6.98 4.84
N ALA A 43 5.95 7.99 5.52
CA ALA A 43 5.44 9.38 5.47
C ALA A 43 3.90 9.45 5.67
N PHE A 44 3.41 8.82 6.75
CA PHE A 44 2.02 8.84 7.22
C PHE A 44 0.98 8.12 6.32
N ALA A 45 1.41 7.26 5.39
CA ALA A 45 0.52 6.39 4.61
C ALA A 45 1.17 5.04 4.24
N CYS A 46 0.36 3.99 4.02
CA CYS A 46 0.88 2.63 3.88
C CYS A 46 1.59 2.34 2.54
N TRP A 47 2.77 1.73 2.63
CA TRP A 47 3.68 1.41 1.54
C TRP A 47 4.23 -0.02 1.68
N CYS A 48 4.00 -0.87 0.67
CA CYS A 48 4.44 -2.26 0.62
C CYS A 48 5.90 -2.42 0.17
N THR A 49 6.57 -3.47 0.64
CA THR A 49 7.99 -3.78 0.40
C THR A 49 8.20 -5.24 -0.01
N HIS A 50 9.33 -5.53 -0.65
CA HIS A 50 9.76 -6.88 -1.07
C HIS A 50 8.87 -7.57 -2.15
N LEU A 51 7.99 -6.81 -2.82
CA LEU A 51 7.04 -7.30 -3.81
C LEU A 51 7.70 -7.74 -5.13
N TYR A 52 6.96 -8.52 -5.92
CA TYR A 52 7.29 -8.83 -7.32
C TYR A 52 7.42 -7.60 -8.22
N GLU A 53 7.86 -7.79 -9.47
CA GLU A 53 7.93 -6.70 -10.46
C GLU A 53 6.55 -6.12 -10.82
N GLN A 54 5.43 -6.79 -10.49
CA GLN A 54 4.05 -6.31 -10.74
C GLN A 54 3.47 -5.36 -9.66
N ALA A 55 4.31 -4.76 -8.82
CA ALA A 55 3.89 -3.79 -7.79
C ALA A 55 3.25 -2.50 -8.36
N VAL A 56 2.42 -1.81 -7.58
CA VAL A 56 1.66 -0.59 -8.00
C VAL A 56 2.04 0.63 -7.16
N VAL A 57 2.34 1.78 -7.80
CA VAL A 57 2.62 3.07 -7.14
C VAL A 57 1.40 4.01 -7.10
N TRP A 58 1.47 5.14 -6.38
CA TRP A 58 0.30 5.98 -6.09
C TRP A 58 -0.31 6.77 -7.27
N PRO A 59 0.41 7.18 -8.34
CA PRO A 59 -0.21 7.88 -9.46
C PRO A 59 -1.06 6.93 -10.30
N LEU A 60 -2.36 7.21 -10.41
CA LEU A 60 -3.29 6.52 -11.31
C LEU A 60 -3.51 7.35 -12.58
N PRO A 61 -3.44 6.77 -13.80
CA PRO A 61 -3.58 7.53 -15.04
C PRO A 61 -5.00 8.09 -15.28
N ASN A 62 -6.04 7.49 -14.67
CA ASN A 62 -7.44 7.93 -14.79
C ASN A 62 -8.20 7.89 -13.45
N LYS A 63 -8.09 6.81 -12.65
CA LYS A 63 -8.79 6.68 -11.35
C LYS A 63 -8.42 7.81 -10.35
N ARG A 64 -9.40 8.39 -9.66
CA ARG A 64 -9.24 9.52 -8.70
C ARG A 64 -10.43 9.64 -7.74
N CYS A 65 -10.26 9.22 -6.49
CA CYS A 65 -11.34 9.24 -5.47
C CYS A 65 -11.65 10.65 -4.93
N LYS A 66 -12.92 10.88 -4.53
CA LYS A 66 -13.34 12.07 -3.78
C LYS A 66 -13.01 11.92 -2.28
N LYS A 1 10.58 -4.74 -5.73
CA LYS A 1 9.78 -3.54 -5.98
C LYS A 1 9.01 -3.11 -4.72
N GLU A 2 9.08 -1.83 -4.34
CA GLU A 2 8.21 -1.24 -3.31
C GLU A 2 6.87 -0.77 -3.92
N GLY A 3 5.78 -0.69 -3.13
CA GLY A 3 4.42 -0.47 -3.66
C GLY A 3 3.50 0.46 -2.87
N TYR A 4 2.73 1.26 -3.62
CA TYR A 4 1.69 2.19 -3.15
C TYR A 4 0.38 1.44 -2.85
N LEU A 5 0.03 1.28 -1.57
CA LEU A 5 -1.15 0.51 -1.16
C LEU A 5 -2.45 1.30 -1.34
N VAL A 6 -3.28 0.89 -2.31
CA VAL A 6 -4.56 1.52 -2.65
C VAL A 6 -5.57 0.47 -3.11
N ASP A 7 -6.82 0.60 -2.66
CA ASP A 7 -7.94 -0.18 -3.20
C ASP A 7 -8.30 0.39 -4.59
N TYR A 8 -7.59 -0.07 -5.62
CA TYR A 8 -7.51 0.46 -6.99
C TYR A 8 -8.82 0.64 -7.79
N HIS A 9 -9.95 0.25 -7.22
CA HIS A 9 -11.29 0.66 -7.69
C HIS A 9 -11.55 2.16 -7.40
N THR A 10 -10.72 2.75 -6.52
CA THR A 10 -10.73 4.12 -5.99
C THR A 10 -9.31 4.70 -6.02
N GLY A 11 -9.16 6.03 -6.09
CA GLY A 11 -7.84 6.69 -6.13
C GLY A 11 -7.18 6.96 -4.77
N CYS A 12 -7.94 6.99 -3.67
CA CYS A 12 -7.45 7.37 -2.35
C CYS A 12 -6.72 6.21 -1.63
N LYS A 13 -5.39 6.29 -1.51
CA LYS A 13 -4.51 5.29 -0.86
C LYS A 13 -4.76 5.11 0.65
N TYR A 14 -4.24 4.02 1.23
CA TYR A 14 -4.36 3.69 2.65
C TYR A 14 -3.61 4.67 3.56
N THR A 15 -4.34 5.37 4.43
CA THR A 15 -3.79 6.31 5.43
C THR A 15 -3.25 5.60 6.68
N CYS A 16 -2.35 6.28 7.40
CA CYS A 16 -1.85 5.91 8.74
C CYS A 16 -1.93 7.12 9.68
N ALA A 17 -2.21 6.92 10.97
CA ALA A 17 -2.15 7.95 11.99
C ALA A 17 -0.71 8.23 12.47
N LYS A 18 0.10 7.17 12.59
CA LYS A 18 1.49 7.18 13.08
C LYS A 18 2.49 6.84 11.95
N LEU A 19 3.72 7.34 12.06
CA LEU A 19 4.85 6.94 11.21
C LEU A 19 5.58 5.70 11.77
N GLY A 20 6.23 4.94 10.88
CA GLY A 20 7.08 3.78 11.24
C GLY A 20 6.32 2.50 11.65
N ASP A 21 5.10 2.63 12.17
CA ASP A 21 4.22 1.51 12.51
C ASP A 21 3.93 0.62 11.30
N ASN A 22 3.80 -0.69 11.53
CA ASN A 22 3.73 -1.71 10.47
C ASN A 22 2.68 -2.82 10.66
N ASP A 23 2.18 -3.11 11.87
CA ASP A 23 1.23 -4.22 12.08
C ASP A 23 -0.03 -4.12 11.18
N TYR A 24 -0.64 -2.93 11.13
CA TYR A 24 -1.79 -2.59 10.28
C TYR A 24 -1.42 -2.57 8.78
N CYS A 25 -0.34 -1.89 8.40
CA CYS A 25 0.09 -1.78 7.00
C CYS A 25 0.49 -3.13 6.40
N VAL A 26 1.20 -4.00 7.15
CA VAL A 26 1.50 -5.39 6.77
C VAL A 26 0.22 -6.18 6.54
N ARG A 27 -0.75 -6.12 7.46
CA ARG A 27 -2.03 -6.82 7.39
C ARG A 27 -2.84 -6.43 6.15
N GLU A 28 -3.03 -5.14 5.91
CA GLU A 28 -3.76 -4.66 4.72
C GLU A 28 -2.97 -4.90 3.41
N CYS A 29 -1.64 -4.83 3.43
CA CYS A 29 -0.80 -5.11 2.26
C CYS A 29 -0.87 -6.60 1.87
N ARG A 30 -0.70 -7.53 2.84
CA ARG A 30 -0.75 -8.99 2.61
C ARG A 30 -2.15 -9.52 2.30
N LEU A 31 -3.20 -8.73 2.55
CA LEU A 31 -4.57 -9.01 2.08
C LEU A 31 -4.86 -8.43 0.69
N ARG A 32 -4.06 -7.48 0.20
CA ARG A 32 -4.13 -6.97 -1.20
C ARG A 32 -3.30 -7.83 -2.16
N TYR A 33 -2.09 -8.20 -1.74
CA TYR A 33 -1.17 -9.08 -2.44
C TYR A 33 -1.26 -10.51 -1.88
N TYR A 34 -0.16 -11.26 -1.95
CA TYR A 34 0.07 -12.56 -1.32
C TYR A 34 0.42 -12.43 0.18
N GLN A 35 0.19 -13.50 0.94
CA GLN A 35 0.38 -13.53 2.40
C GLN A 35 1.83 -13.29 2.87
N SER A 36 2.83 -13.53 2.01
CA SER A 36 4.25 -13.23 2.28
C SER A 36 4.65 -11.76 2.06
N ALA A 37 3.72 -10.85 1.75
CA ALA A 37 4.02 -9.41 1.69
C ALA A 37 4.31 -8.76 3.07
N HIS A 38 4.94 -7.58 3.06
CA HIS A 38 5.27 -6.74 4.24
C HIS A 38 5.21 -5.24 3.85
N GLY A 39 5.30 -4.31 4.81
CA GLY A 39 5.24 -2.86 4.60
C GLY A 39 5.31 -2.03 5.88
N TYR A 40 5.35 -0.70 5.78
CA TYR A 40 5.26 0.23 6.93
C TYR A 40 4.65 1.59 6.57
N CYS A 41 4.30 2.37 7.59
CA CYS A 41 3.74 3.71 7.45
C CYS A 41 4.80 4.79 7.13
N TYR A 42 4.66 5.42 5.96
CA TYR A 42 5.56 6.40 5.34
C TYR A 42 4.75 7.53 4.68
N ALA A 43 5.12 8.79 4.92
CA ALA A 43 4.37 9.98 4.50
C ALA A 43 2.88 9.96 4.96
N PHE A 44 2.65 9.45 6.18
CA PHE A 44 1.34 9.23 6.82
C PHE A 44 0.36 8.36 6.00
N ALA A 45 0.90 7.42 5.21
CA ALA A 45 0.18 6.41 4.45
C ALA A 45 0.96 5.08 4.45
N CYS A 46 0.31 3.95 4.17
CA CYS A 46 0.99 2.66 4.08
C CYS A 46 1.88 2.56 2.83
N TRP A 47 2.97 1.79 2.92
CA TRP A 47 3.94 1.55 1.85
C TRP A 47 4.42 0.10 1.92
N CYS A 48 4.07 -0.72 0.93
CA CYS A 48 4.46 -2.12 0.85
C CYS A 48 5.93 -2.27 0.41
N THR A 49 6.62 -3.30 0.89
CA THR A 49 8.06 -3.54 0.63
C THR A 49 8.33 -4.96 0.14
N HIS A 50 9.44 -5.12 -0.59
CA HIS A 50 9.97 -6.41 -1.09
C HIS A 50 9.06 -7.16 -2.10
N LEU A 51 8.11 -6.47 -2.74
CA LEU A 51 7.13 -7.07 -3.65
C LEU A 51 7.72 -7.43 -5.03
N TYR A 52 6.95 -8.19 -5.82
CA TYR A 52 7.21 -8.44 -7.24
C TYR A 52 7.02 -7.23 -8.15
N GLU A 53 7.51 -7.35 -9.39
CA GLU A 53 7.44 -6.31 -10.42
C GLU A 53 6.00 -5.90 -10.79
N GLN A 54 4.99 -6.72 -10.46
CA GLN A 54 3.57 -6.42 -10.71
C GLN A 54 2.93 -5.49 -9.66
N ALA A 55 3.67 -5.01 -8.65
CA ALA A 55 3.15 -4.09 -7.64
C ALA A 55 2.73 -2.71 -8.21
N VAL A 56 1.65 -2.13 -7.66
CA VAL A 56 1.15 -0.78 -7.99
C VAL A 56 2.03 0.30 -7.33
N VAL A 57 2.18 1.46 -7.96
CA VAL A 57 3.05 2.57 -7.50
C VAL A 57 2.32 3.93 -7.49
N TRP A 58 3.07 5.02 -7.25
CA TRP A 58 2.63 6.41 -7.02
C TRP A 58 1.44 6.89 -7.86
N PRO A 59 0.53 7.72 -7.28
CA PRO A 59 -0.64 8.33 -7.93
C PRO A 59 -1.31 7.54 -9.06
N LEU A 60 -2.31 6.73 -8.66
CA LEU A 60 -2.99 5.74 -9.50
C LEU A 60 -3.60 6.38 -10.77
N PRO A 61 -3.15 5.99 -11.99
CA PRO A 61 -3.69 6.55 -13.24
C PRO A 61 -5.10 6.04 -13.60
N ASN A 62 -5.58 5.00 -12.92
CA ASN A 62 -6.83 4.31 -13.20
C ASN A 62 -8.07 5.07 -12.70
N LYS A 63 -7.95 5.72 -11.55
CA LYS A 63 -9.02 6.45 -10.86
C LYS A 63 -8.42 7.60 -10.03
N ARG A 64 -8.92 8.83 -10.16
CA ARG A 64 -8.47 10.01 -9.40
C ARG A 64 -9.53 10.43 -8.38
N CYS A 65 -9.22 10.26 -7.09
CA CYS A 65 -10.10 10.52 -5.95
C CYS A 65 -10.14 12.01 -5.58
N LYS A 66 -11.33 12.53 -5.22
CA LYS A 66 -11.53 13.95 -4.85
C LYS A 66 -11.03 14.31 -3.43
N LYS A 1 11.05 -6.67 -3.95
CA LYS A 1 10.79 -5.32 -4.51
C LYS A 1 9.90 -4.51 -3.58
N GLU A 2 10.13 -3.19 -3.48
CA GLU A 2 9.27 -2.25 -2.73
C GLU A 2 8.30 -1.44 -3.63
N GLY A 3 7.25 -0.84 -3.05
CA GLY A 3 6.37 0.09 -3.77
C GLY A 3 5.20 0.66 -2.95
N TYR A 4 4.61 1.76 -3.44
CA TYR A 4 3.52 2.49 -2.78
C TYR A 4 2.18 1.73 -2.81
N LEU A 5 1.44 1.68 -1.69
CA LEU A 5 0.11 1.06 -1.65
C LEU A 5 -0.98 2.03 -2.14
N VAL A 6 -1.81 1.57 -3.09
CA VAL A 6 -2.99 2.31 -3.57
C VAL A 6 -4.11 1.35 -4.02
N ASP A 7 -5.34 1.63 -3.58
CA ASP A 7 -6.55 0.90 -4.00
C ASP A 7 -6.98 1.34 -5.40
N TYR A 8 -6.97 0.41 -6.36
CA TYR A 8 -7.35 0.69 -7.75
C TYR A 8 -8.86 0.97 -7.96
N HIS A 9 -9.73 0.48 -7.08
CA HIS A 9 -11.19 0.51 -7.26
C HIS A 9 -11.90 1.59 -6.41
N THR A 10 -11.32 1.90 -5.24
CA THR A 10 -11.81 2.88 -4.25
C THR A 10 -10.61 3.56 -3.57
N GLY A 11 -9.82 4.26 -4.39
CA GLY A 11 -8.47 4.82 -4.13
C GLY A 11 -8.31 5.95 -3.13
N CYS A 12 -9.09 5.95 -2.05
CA CYS A 12 -8.88 6.83 -0.92
C CYS A 12 -7.56 6.45 -0.22
N LYS A 13 -6.75 7.44 0.11
CA LYS A 13 -5.36 7.31 0.58
C LYS A 13 -5.19 6.44 1.83
N TYR A 14 -4.13 5.64 1.85
CA TYR A 14 -3.74 4.77 2.97
C TYR A 14 -2.83 5.49 3.96
N THR A 15 -3.39 6.49 4.66
CA THR A 15 -2.69 7.32 5.65
C THR A 15 -2.38 6.56 6.95
N CYS A 16 -1.31 6.96 7.63
CA CYS A 16 -0.95 6.56 8.99
C CYS A 16 -0.92 7.79 9.91
N ALA A 17 -1.30 7.64 11.19
CA ALA A 17 -1.21 8.70 12.18
C ALA A 17 0.23 8.91 12.71
N LYS A 18 1.03 7.83 12.71
CA LYS A 18 2.43 7.81 13.16
C LYS A 18 3.34 7.06 12.17
N LEU A 19 4.62 7.41 12.18
CA LEU A 19 5.69 6.74 11.43
C LEU A 19 6.08 5.39 12.09
N GLY A 20 5.11 4.48 12.16
CA GLY A 20 5.19 3.24 12.93
C GLY A 20 3.88 2.45 13.06
N ASP A 21 2.81 2.80 12.34
CA ASP A 21 1.51 2.12 12.40
C ASP A 21 1.42 0.90 11.44
N ASN A 22 2.55 0.26 11.17
CA ASN A 22 2.77 -0.75 10.13
C ASN A 22 1.80 -1.95 10.14
N ASP A 23 1.24 -2.37 11.29
CA ASP A 23 0.31 -3.51 11.38
C ASP A 23 -0.84 -3.43 10.37
N TYR A 24 -1.52 -2.28 10.28
CA TYR A 24 -2.61 -2.11 9.32
C TYR A 24 -2.12 -2.15 7.85
N CYS A 25 -0.96 -1.53 7.56
CA CYS A 25 -0.37 -1.58 6.23
C CYS A 25 0.03 -3.01 5.81
N VAL A 26 0.54 -3.82 6.74
CA VAL A 26 0.84 -5.24 6.50
C VAL A 26 -0.45 -6.03 6.24
N ARG A 27 -1.50 -5.82 7.05
CA ARG A 27 -2.82 -6.45 6.92
C ARG A 27 -3.56 -6.07 5.63
N GLU A 28 -3.33 -4.87 5.08
CA GLU A 28 -3.77 -4.54 3.72
C GLU A 28 -2.87 -5.21 2.68
N CYS A 29 -1.55 -4.99 2.75
CA CYS A 29 -0.59 -5.39 1.71
C CYS A 29 -0.58 -6.90 1.45
N ARG A 30 -0.64 -7.71 2.51
CA ARG A 30 -0.67 -9.19 2.43
C ARG A 30 -1.94 -9.75 1.77
N LEU A 31 -2.98 -8.92 1.62
CA LEU A 31 -4.22 -9.28 0.93
C LEU A 31 -4.36 -8.57 -0.44
N ARG A 32 -3.87 -7.34 -0.55
CA ARG A 32 -3.74 -6.54 -1.77
C ARG A 32 -2.75 -7.13 -2.79
N TYR A 33 -1.85 -7.98 -2.33
CA TYR A 33 -0.91 -8.74 -3.15
C TYR A 33 -1.07 -10.25 -2.88
N TYR A 34 -0.32 -10.75 -1.90
CA TYR A 34 -0.14 -12.14 -1.51
C TYR A 34 0.40 -12.21 -0.08
N GLN A 35 0.09 -13.28 0.66
CA GLN A 35 0.35 -13.34 2.11
C GLN A 35 1.83 -13.24 2.51
N SER A 36 2.77 -13.55 1.61
CA SER A 36 4.21 -13.36 1.81
C SER A 36 4.69 -11.90 1.75
N ALA A 37 3.84 -10.93 1.42
CA ALA A 37 4.19 -9.49 1.43
C ALA A 37 4.28 -8.89 2.85
N HIS A 38 4.89 -7.70 2.97
CA HIS A 38 5.03 -6.93 4.23
C HIS A 38 5.03 -5.41 3.93
N GLY A 39 5.26 -4.53 4.91
CA GLY A 39 5.23 -3.07 4.68
C GLY A 39 5.32 -2.18 5.93
N TYR A 40 5.36 -0.85 5.72
CA TYR A 40 5.48 0.19 6.75
C TYR A 40 4.90 1.54 6.32
N CYS A 41 4.80 2.50 7.25
CA CYS A 41 4.23 3.85 7.04
C CYS A 41 5.28 4.86 6.51
N TYR A 42 5.75 4.74 5.27
CA TYR A 42 6.70 5.69 4.67
C TYR A 42 6.09 7.11 4.58
N ALA A 43 6.62 8.06 5.36
CA ALA A 43 6.17 9.46 5.41
C ALA A 43 4.63 9.60 5.49
N PHE A 44 4.06 8.98 6.53
CA PHE A 44 2.62 8.94 6.86
C PHE A 44 1.71 8.21 5.84
N ALA A 45 2.26 7.40 4.93
CA ALA A 45 1.49 6.60 3.96
C ALA A 45 1.96 5.13 3.93
N CYS A 46 1.04 4.17 3.71
CA CYS A 46 1.41 2.76 3.60
C CYS A 46 2.27 2.48 2.35
N TRP A 47 3.37 1.75 2.56
CA TRP A 47 4.38 1.35 1.59
C TRP A 47 4.68 -0.14 1.76
N CYS A 48 4.54 -0.92 0.69
CA CYS A 48 4.76 -2.36 0.68
C CYS A 48 6.24 -2.72 0.45
N THR A 49 6.64 -3.86 1.02
CA THR A 49 7.92 -4.53 0.78
C THR A 49 7.67 -6.01 0.44
N HIS A 50 8.70 -6.71 -0.06
CA HIS A 50 8.62 -8.12 -0.46
C HIS A 50 7.66 -8.40 -1.64
N LEU A 51 7.43 -7.39 -2.50
CA LEU A 51 6.67 -7.51 -3.75
C LEU A 51 7.50 -8.15 -4.88
N TYR A 52 6.80 -8.69 -5.88
CA TYR A 52 7.37 -9.29 -7.08
C TYR A 52 8.21 -8.29 -7.92
N GLU A 53 9.16 -8.79 -8.71
CA GLU A 53 9.98 -7.95 -9.61
C GLU A 53 9.15 -7.22 -10.68
N GLN A 54 8.07 -7.83 -11.17
CA GLN A 54 7.09 -7.26 -12.10
C GLN A 54 6.01 -6.37 -11.44
N ALA A 55 6.14 -5.99 -10.16
CA ALA A 55 5.11 -5.24 -9.44
C ALA A 55 4.74 -3.89 -10.10
N VAL A 56 3.44 -3.66 -10.30
CA VAL A 56 2.89 -2.47 -10.98
C VAL A 56 2.53 -1.37 -9.98
N VAL A 57 3.26 -0.23 -10.04
CA VAL A 57 3.09 0.93 -9.14
C VAL A 57 2.42 2.13 -9.80
N TRP A 58 2.36 2.18 -11.13
CA TRP A 58 1.88 3.35 -11.88
C TRP A 58 0.34 3.50 -11.81
N PRO A 59 -0.18 4.71 -11.52
CA PRO A 59 -1.60 4.91 -11.18
C PRO A 59 -2.58 4.82 -12.36
N LEU A 60 -3.71 4.16 -12.12
CA LEU A 60 -4.88 4.08 -13.01
C LEU A 60 -5.78 5.33 -12.88
N PRO A 61 -6.69 5.58 -13.84
CA PRO A 61 -7.72 6.62 -13.69
C PRO A 61 -8.78 6.29 -12.62
N ASN A 62 -8.99 4.99 -12.33
CA ASN A 62 -10.06 4.53 -11.44
C ASN A 62 -9.86 4.86 -9.95
N LYS A 63 -8.62 5.02 -9.48
CA LYS A 63 -8.30 5.41 -8.09
C LYS A 63 -8.75 6.83 -7.65
N ARG A 64 -9.52 7.56 -8.47
CA ARG A 64 -10.21 8.81 -8.13
C ARG A 64 -11.34 8.52 -7.13
N CYS A 65 -11.03 8.58 -5.83
CA CYS A 65 -11.98 8.35 -4.74
C CYS A 65 -12.91 9.54 -4.55
N LYS A 66 -14.10 9.31 -3.95
CA LYS A 66 -15.15 10.30 -3.74
C LYS A 66 -15.22 10.74 -2.27
N LYS A 1 10.50 -5.01 -6.23
CA LYS A 1 9.90 -3.68 -6.39
C LYS A 1 9.30 -3.19 -5.07
N GLU A 2 9.52 -1.93 -4.69
CA GLU A 2 8.84 -1.25 -3.57
C GLU A 2 7.66 -0.40 -4.09
N GLY A 3 6.60 -0.18 -3.30
CA GLY A 3 5.42 0.55 -3.77
C GLY A 3 4.45 1.11 -2.70
N TYR A 4 3.73 2.17 -3.07
CA TYR A 4 2.68 2.82 -2.27
C TYR A 4 1.37 2.00 -2.37
N LEU A 5 0.75 1.64 -1.24
CA LEU A 5 -0.45 0.79 -1.20
C LEU A 5 -1.74 1.49 -1.72
N VAL A 6 -2.53 0.76 -2.52
CA VAL A 6 -3.81 1.21 -3.11
C VAL A 6 -4.87 0.08 -3.11
N ASP A 7 -6.14 0.42 -3.37
CA ASP A 7 -7.23 -0.53 -3.64
C ASP A 7 -7.43 -0.66 -5.15
N TYR A 8 -7.63 -1.86 -5.69
CA TYR A 8 -7.92 -2.03 -7.12
C TYR A 8 -9.27 -1.42 -7.53
N HIS A 9 -10.20 -1.26 -6.58
CA HIS A 9 -11.53 -0.69 -6.82
C HIS A 9 -11.54 0.85 -6.89
N THR A 10 -10.63 1.54 -6.18
CA THR A 10 -10.64 3.01 -6.06
C THR A 10 -9.28 3.59 -5.65
N GLY A 11 -8.89 4.73 -6.23
CA GLY A 11 -7.58 5.35 -6.02
C GLY A 11 -7.34 6.04 -4.66
N CYS A 12 -8.16 5.80 -3.64
CA CYS A 12 -8.00 6.40 -2.31
C CYS A 12 -6.80 5.83 -1.55
N LYS A 13 -5.98 6.71 -0.97
CA LYS A 13 -4.69 6.38 -0.34
C LYS A 13 -4.80 5.72 1.04
N TYR A 14 -3.96 4.71 1.30
CA TYR A 14 -3.84 4.03 2.59
C TYR A 14 -2.96 4.84 3.55
N THR A 15 -3.55 5.84 4.21
CA THR A 15 -2.94 6.57 5.33
C THR A 15 -2.83 5.70 6.58
N CYS A 16 -1.85 6.02 7.43
CA CYS A 16 -1.68 5.49 8.78
C CYS A 16 -1.92 6.61 9.80
N ALA A 17 -2.45 6.27 10.97
CA ALA A 17 -2.70 7.23 12.05
C ALA A 17 -1.40 7.74 12.71
N LYS A 18 -0.43 6.84 12.98
CA LYS A 18 0.82 7.10 13.71
C LYS A 18 2.00 6.34 13.10
N LEU A 19 3.22 6.88 13.24
CA LEU A 19 4.46 6.21 12.80
C LEU A 19 4.79 5.02 13.71
N GLY A 20 5.57 4.06 13.22
CA GLY A 20 5.94 2.81 13.91
C GLY A 20 4.80 1.77 14.03
N ASP A 21 3.56 2.22 14.14
CA ASP A 21 2.35 1.41 14.20
C ASP A 21 1.96 0.87 12.80
N ASN A 22 2.79 0.00 12.23
CA ASN A 22 2.61 -0.56 10.88
C ASN A 22 1.68 -1.79 10.78
N ASP A 23 1.08 -2.29 11.87
CA ASP A 23 0.34 -3.57 11.85
C ASP A 23 -0.85 -3.56 10.87
N TYR A 24 -1.68 -2.51 10.89
CA TYR A 24 -2.78 -2.32 9.92
C TYR A 24 -2.28 -2.20 8.47
N CYS A 25 -1.20 -1.45 8.23
CA CYS A 25 -0.54 -1.36 6.92
C CYS A 25 -0.07 -2.74 6.41
N VAL A 26 0.58 -3.56 7.25
CA VAL A 26 1.00 -4.93 6.88
C VAL A 26 -0.20 -5.80 6.52
N ARG A 27 -1.27 -5.78 7.33
CA ARG A 27 -2.51 -6.54 7.08
C ARG A 27 -3.19 -6.14 5.78
N GLU A 28 -3.43 -4.85 5.55
CA GLU A 28 -4.04 -4.38 4.31
C GLU A 28 -3.16 -4.59 3.06
N CYS A 29 -1.84 -4.65 3.22
CA CYS A 29 -0.90 -4.91 2.11
C CYS A 29 -0.77 -6.40 1.77
N ARG A 30 -0.72 -7.29 2.77
CA ARG A 30 -0.75 -8.75 2.54
C ARG A 30 -2.10 -9.22 2.00
N LEU A 31 -3.19 -8.56 2.38
CA LEU A 31 -4.51 -8.79 1.78
C LEU A 31 -4.63 -8.24 0.35
N ARG A 32 -3.77 -7.29 -0.06
CA ARG A 32 -3.69 -6.76 -1.43
C ARG A 32 -2.90 -7.66 -2.37
N TYR A 33 -1.59 -7.79 -2.15
CA TYR A 33 -0.68 -8.43 -3.11
C TYR A 33 -0.51 -9.94 -2.87
N TYR A 34 0.12 -10.34 -1.77
CA TYR A 34 0.48 -11.72 -1.44
C TYR A 34 0.66 -11.87 0.08
N GLN A 35 0.37 -13.03 0.66
CA GLN A 35 0.30 -13.17 2.13
C GLN A 35 1.66 -12.98 2.85
N SER A 36 2.79 -13.22 2.19
CA SER A 36 4.13 -12.91 2.73
C SER A 36 4.48 -11.41 2.72
N ALA A 37 3.64 -10.52 2.19
CA ALA A 37 4.02 -9.10 2.03
C ALA A 37 4.18 -8.36 3.37
N HIS A 38 5.04 -7.33 3.36
CA HIS A 38 5.29 -6.44 4.50
C HIS A 38 5.43 -4.98 4.03
N GLY A 39 5.24 -4.04 4.95
CA GLY A 39 5.32 -2.61 4.71
C GLY A 39 5.33 -1.79 5.99
N TYR A 40 5.53 -0.48 5.85
CA TYR A 40 5.55 0.46 6.96
C TYR A 40 4.98 1.84 6.60
N CYS A 41 4.68 2.63 7.64
CA CYS A 41 3.94 3.88 7.54
C CYS A 41 4.82 5.09 7.19
N TYR A 42 5.61 4.98 6.11
CA TYR A 42 6.52 6.02 5.63
C TYR A 42 5.77 7.35 5.45
N ALA A 43 6.20 8.40 6.16
CA ALA A 43 5.56 9.72 6.17
C ALA A 43 4.04 9.65 6.43
N PHE A 44 3.59 8.77 7.35
CA PHE A 44 2.19 8.52 7.71
C PHE A 44 1.32 7.90 6.59
N ALA A 45 1.93 7.24 5.60
CA ALA A 45 1.22 6.41 4.61
C ALA A 45 1.90 5.06 4.35
N CYS A 46 1.11 4.03 4.02
CA CYS A 46 1.59 2.67 3.86
C CYS A 46 2.44 2.42 2.57
N TRP A 47 3.68 1.98 2.76
CA TRP A 47 4.69 1.72 1.73
C TRP A 47 5.23 0.28 1.92
N CYS A 48 5.09 -0.55 0.89
CA CYS A 48 5.37 -1.99 0.96
C CYS A 48 6.61 -2.41 0.17
N THR A 49 7.19 -3.55 0.57
CA THR A 49 8.51 -4.03 0.13
C THR A 49 8.46 -5.36 -0.63
N HIS A 50 9.54 -5.64 -1.37
CA HIS A 50 9.81 -6.95 -2.00
C HIS A 50 8.69 -7.47 -2.93
N LEU A 51 7.87 -6.56 -3.48
CA LEU A 51 6.78 -6.82 -4.40
C LEU A 51 7.27 -7.27 -5.79
N TYR A 52 6.46 -8.08 -6.49
CA TYR A 52 6.67 -8.40 -7.90
C TYR A 52 6.40 -7.20 -8.82
N GLU A 53 6.97 -7.23 -10.02
CA GLU A 53 6.76 -6.21 -11.06
C GLU A 53 5.27 -6.03 -11.44
N GLN A 54 4.46 -7.08 -11.32
CA GLN A 54 3.02 -7.07 -11.68
C GLN A 54 2.07 -6.44 -10.62
N ALA A 55 2.58 -5.76 -9.60
CA ALA A 55 1.77 -5.14 -8.55
C ALA A 55 0.92 -3.95 -9.07
N VAL A 56 -0.31 -3.78 -8.57
CA VAL A 56 -1.14 -2.58 -8.81
C VAL A 56 -0.71 -1.38 -7.96
N VAL A 57 -0.57 -0.21 -8.61
CA VAL A 57 -0.23 1.09 -7.99
C VAL A 57 -0.73 2.22 -8.90
N TRP A 58 -1.93 2.76 -8.62
CA TRP A 58 -2.70 3.66 -9.50
C TRP A 58 -2.88 3.12 -10.94
N PRO A 59 -2.86 3.95 -12.01
CA PRO A 59 -3.32 3.57 -13.36
C PRO A 59 -4.51 2.58 -13.44
N LEU A 60 -5.56 2.82 -12.64
CA LEU A 60 -6.66 1.87 -12.41
C LEU A 60 -7.61 1.73 -13.62
N PRO A 61 -8.12 0.51 -13.90
CA PRO A 61 -9.23 0.31 -14.85
C PRO A 61 -10.58 0.79 -14.27
N ASN A 62 -10.60 1.06 -12.97
CA ASN A 62 -11.77 1.32 -12.14
C ASN A 62 -11.94 2.83 -11.81
N LYS A 63 -11.87 3.24 -10.53
CA LYS A 63 -12.34 4.58 -10.10
C LYS A 63 -11.28 5.60 -9.65
N ARG A 64 -11.50 6.86 -10.03
CA ARG A 64 -10.82 8.08 -9.54
C ARG A 64 -11.50 8.49 -8.22
N CYS A 65 -10.86 8.28 -7.07
CA CYS A 65 -11.52 8.41 -5.77
C CYS A 65 -11.96 9.85 -5.44
N LYS A 66 -13.06 9.99 -4.69
CA LYS A 66 -13.61 11.26 -4.17
C LYS A 66 -12.58 12.07 -3.36
N LYS A 1 10.62 -5.74 -4.29
CA LYS A 1 10.20 -4.43 -4.83
C LYS A 1 9.33 -3.68 -3.82
N GLU A 2 9.35 -2.35 -3.83
CA GLU A 2 8.62 -1.49 -2.88
C GLU A 2 7.63 -0.53 -3.56
N GLY A 3 6.56 -0.13 -2.87
CA GLY A 3 5.56 0.80 -3.38
C GLY A 3 4.35 0.98 -2.46
N TYR A 4 3.53 2.02 -2.65
CA TYR A 4 2.39 2.29 -1.76
C TYR A 4 1.23 1.28 -1.92
N LEU A 5 0.51 1.02 -0.83
CA LEU A 5 -0.67 0.15 -0.81
C LEU A 5 -1.91 0.86 -1.40
N VAL A 6 -2.59 0.21 -2.34
CA VAL A 6 -3.74 0.79 -3.03
C VAL A 6 -4.79 -0.25 -3.47
N ASP A 7 -6.06 0.08 -3.27
CA ASP A 7 -7.21 -0.64 -3.82
C ASP A 7 -7.73 0.13 -5.05
N TYR A 8 -7.94 -0.57 -6.16
CA TYR A 8 -8.28 0.07 -7.44
C TYR A 8 -9.69 0.69 -7.48
N HIS A 9 -10.64 0.20 -6.66
CA HIS A 9 -12.02 0.69 -6.62
C HIS A 9 -12.20 2.05 -5.91
N THR A 10 -11.33 2.39 -4.94
CA THR A 10 -11.36 3.68 -4.23
C THR A 10 -10.50 4.74 -4.93
N GLY A 11 -10.85 6.02 -4.80
CA GLY A 11 -10.12 7.12 -5.44
C GLY A 11 -8.66 7.32 -5.00
N CYS A 12 -8.24 6.84 -3.81
CA CYS A 12 -6.94 7.15 -3.20
C CYS A 12 -6.31 5.94 -2.47
N LYS A 13 -4.99 5.94 -2.25
CA LYS A 13 -4.21 4.96 -1.49
C LYS A 13 -4.56 4.86 0.01
N TYR A 14 -4.07 3.81 0.68
CA TYR A 14 -4.31 3.52 2.11
C TYR A 14 -3.53 4.44 3.06
N THR A 15 -4.22 5.19 3.91
CA THR A 15 -3.62 6.04 4.97
C THR A 15 -3.11 5.22 6.17
N CYS A 16 -2.23 5.83 6.98
CA CYS A 16 -1.70 5.27 8.23
C CYS A 16 -1.19 6.36 9.18
N ALA A 17 -0.82 5.96 10.41
CA ALA A 17 -0.40 6.88 11.47
C ALA A 17 1.12 7.22 11.43
N LYS A 18 1.87 6.93 12.50
CA LYS A 18 3.27 7.35 12.66
C LYS A 18 4.25 6.53 11.79
N LEU A 19 5.30 7.16 11.26
CA LEU A 19 6.25 6.45 10.40
C LEU A 19 7.00 5.34 11.17
N GLY A 20 7.13 4.18 10.53
CA GLY A 20 7.68 2.95 11.12
C GLY A 20 6.64 2.05 11.82
N ASP A 21 5.43 2.53 12.11
CA ASP A 21 4.31 1.69 12.55
C ASP A 21 3.87 0.76 11.39
N ASN A 22 3.78 -0.54 11.60
CA ASN A 22 3.63 -1.51 10.50
C ASN A 22 2.58 -2.63 10.67
N ASP A 23 2.09 -2.97 11.86
CA ASP A 23 1.13 -4.08 12.04
C ASP A 23 -0.19 -3.91 11.26
N TYR A 24 -0.69 -2.69 11.09
CA TYR A 24 -1.82 -2.40 10.20
C TYR A 24 -1.40 -2.53 8.72
N CYS A 25 -0.37 -1.80 8.29
CA CYS A 25 0.08 -1.78 6.89
C CYS A 25 0.51 -3.15 6.34
N VAL A 26 1.21 -3.98 7.13
CA VAL A 26 1.64 -5.34 6.74
C VAL A 26 0.43 -6.23 6.47
N ARG A 27 -0.50 -6.28 7.42
CA ARG A 27 -1.70 -7.12 7.35
C ARG A 27 -2.64 -6.67 6.24
N GLU A 28 -2.91 -5.38 6.10
CA GLU A 28 -3.69 -4.87 4.97
C GLU A 28 -3.01 -5.11 3.61
N CYS A 29 -1.68 -4.95 3.51
CA CYS A 29 -0.96 -5.17 2.25
C CYS A 29 -1.04 -6.63 1.80
N ARG A 30 -0.80 -7.57 2.71
CA ARG A 30 -0.83 -9.02 2.45
C ARG A 30 -2.24 -9.63 2.36
N LEU A 31 -3.28 -8.84 2.65
CA LEU A 31 -4.69 -9.18 2.39
C LEU A 31 -5.25 -8.50 1.12
N ARG A 32 -4.67 -7.37 0.70
CA ARG A 32 -4.96 -6.71 -0.59
C ARG A 32 -4.32 -7.44 -1.76
N TYR A 33 -3.04 -7.78 -1.60
CA TYR A 33 -2.23 -8.57 -2.55
C TYR A 33 -2.02 -9.99 -1.99
N TYR A 34 -1.12 -10.75 -2.61
CA TYR A 34 -0.63 -12.04 -2.10
C TYR A 34 -0.09 -11.98 -0.65
N GLN A 35 -0.30 -13.06 0.13
CA GLN A 35 0.06 -13.09 1.54
C GLN A 35 1.58 -12.99 1.82
N SER A 36 2.43 -13.20 0.81
CA SER A 36 3.88 -13.01 0.89
C SER A 36 4.33 -11.54 1.01
N ALA A 37 3.43 -10.56 0.84
CA ALA A 37 3.76 -9.14 1.03
C ALA A 37 4.17 -8.77 2.48
N HIS A 38 4.86 -7.63 2.63
CA HIS A 38 5.21 -6.98 3.90
C HIS A 38 5.24 -5.44 3.72
N GLY A 39 5.64 -4.64 4.72
CA GLY A 39 5.65 -3.17 4.60
C GLY A 39 5.84 -2.37 5.90
N TYR A 40 5.59 -1.06 5.83
CA TYR A 40 5.54 -0.12 6.96
C TYR A 40 4.77 1.16 6.61
N CYS A 41 4.48 1.99 7.62
CA CYS A 41 3.88 3.33 7.43
C CYS A 41 4.98 4.39 7.18
N TYR A 42 4.74 5.31 6.25
CA TYR A 42 5.65 6.41 5.94
C TYR A 42 4.84 7.60 5.38
N ALA A 43 5.09 8.82 5.86
CA ALA A 43 4.40 10.05 5.41
C ALA A 43 2.87 9.89 5.30
N PHE A 44 2.26 9.28 6.33
CA PHE A 44 0.82 9.04 6.50
C PHE A 44 0.13 8.16 5.43
N ALA A 45 0.87 7.30 4.70
CA ALA A 45 0.29 6.26 3.84
C ALA A 45 1.18 5.00 3.76
N CYS A 46 0.57 3.82 3.73
CA CYS A 46 1.28 2.55 3.81
C CYS A 46 2.19 2.30 2.60
N TRP A 47 3.46 2.00 2.85
CA TRP A 47 4.48 1.63 1.85
C TRP A 47 4.84 0.15 2.02
N CYS A 48 4.39 -0.69 1.08
CA CYS A 48 4.68 -2.12 1.04
C CYS A 48 6.13 -2.36 0.61
N THR A 49 6.70 -3.48 1.05
CA THR A 49 8.06 -3.94 0.69
C THR A 49 8.06 -5.43 0.35
N HIS A 50 9.13 -5.88 -0.31
CA HIS A 50 9.33 -7.28 -0.73
C HIS A 50 8.26 -7.78 -1.73
N LEU A 51 7.57 -6.87 -2.42
CA LEU A 51 6.60 -7.16 -3.48
C LEU A 51 7.27 -7.70 -4.75
N TYR A 52 6.48 -8.40 -5.57
CA TYR A 52 6.83 -8.87 -6.90
C TYR A 52 7.25 -7.75 -7.88
N GLU A 53 7.95 -8.12 -8.95
CA GLU A 53 8.37 -7.24 -10.05
C GLU A 53 7.19 -6.54 -10.75
N GLN A 54 5.97 -7.09 -10.64
CA GLN A 54 4.75 -6.52 -11.24
C GLN A 54 4.17 -5.32 -10.47
N ALA A 55 4.73 -4.96 -9.31
CA ALA A 55 4.33 -3.77 -8.54
C ALA A 55 4.69 -2.47 -9.27
N VAL A 56 3.84 -1.44 -9.15
CA VAL A 56 3.89 -0.16 -9.89
C VAL A 56 3.52 1.01 -8.96
N VAL A 57 4.21 2.15 -9.07
CA VAL A 57 3.93 3.38 -8.27
C VAL A 57 3.31 4.53 -9.08
N TRP A 58 3.09 4.36 -10.39
CA TRP A 58 2.25 5.31 -11.15
C TRP A 58 0.76 5.20 -10.70
N PRO A 59 0.00 6.31 -10.60
CA PRO A 59 -1.41 6.30 -10.18
C PRO A 59 -2.33 5.47 -11.08
N LEU A 60 -3.39 4.92 -10.50
CA LEU A 60 -4.35 4.03 -11.16
C LEU A 60 -5.06 4.70 -12.37
N PRO A 61 -5.31 3.98 -13.47
CA PRO A 61 -6.08 4.49 -14.60
C PRO A 61 -7.59 4.60 -14.31
N ASN A 62 -8.09 3.93 -13.26
CA ASN A 62 -9.50 3.88 -12.87
C ASN A 62 -10.04 5.23 -12.34
N LYS A 63 -9.58 5.69 -11.18
CA LYS A 63 -10.07 6.90 -10.51
C LYS A 63 -8.97 7.88 -10.14
N ARG A 64 -9.27 9.18 -10.11
CA ARG A 64 -8.37 10.27 -9.64
C ARG A 64 -8.53 10.54 -8.15
N CYS A 65 -7.42 10.66 -7.43
CA CYS A 65 -7.45 11.06 -6.02
C CYS A 65 -7.66 12.58 -5.86
N LYS A 66 -8.45 12.99 -4.86
CA LYS A 66 -8.69 14.39 -4.47
C LYS A 66 -9.03 14.52 -2.98
N LYS A 1 9.95 -6.03 -5.39
CA LYS A 1 9.74 -4.56 -5.57
C LYS A 1 9.12 -3.97 -4.31
N GLU A 2 9.41 -2.70 -4.01
CA GLU A 2 8.79 -1.95 -2.89
C GLU A 2 8.06 -0.69 -3.38
N GLY A 3 6.91 -0.37 -2.79
CA GLY A 3 6.11 0.78 -3.21
C GLY A 3 4.88 1.11 -2.33
N TYR A 4 4.27 2.25 -2.64
CA TYR A 4 3.09 2.83 -1.99
C TYR A 4 1.81 1.99 -2.21
N LEU A 5 1.06 1.69 -1.15
CA LEU A 5 -0.16 0.86 -1.25
C LEU A 5 -1.36 1.68 -1.77
N VAL A 6 -1.91 1.26 -2.92
CA VAL A 6 -3.03 1.95 -3.59
C VAL A 6 -4.12 0.96 -4.03
N ASP A 7 -5.38 1.40 -4.03
CA ASP A 7 -6.53 0.62 -4.50
C ASP A 7 -6.45 0.32 -6.00
N TYR A 8 -6.38 -0.97 -6.34
CA TYR A 8 -6.34 -1.51 -7.71
C TYR A 8 -7.55 -1.10 -8.57
N HIS A 9 -8.70 -0.82 -7.94
CA HIS A 9 -9.98 -0.60 -8.63
C HIS A 9 -10.20 0.86 -9.06
N THR A 10 -9.85 1.84 -8.20
CA THR A 10 -10.15 3.28 -8.40
C THR A 10 -9.05 4.26 -7.99
N GLY A 11 -7.93 3.76 -7.47
CA GLY A 11 -6.74 4.57 -7.12
C GLY A 11 -6.74 5.26 -5.75
N CYS A 12 -7.68 4.95 -4.84
CA CYS A 12 -7.69 5.44 -3.47
C CYS A 12 -6.41 5.07 -2.68
N LYS A 13 -5.91 5.98 -1.85
CA LYS A 13 -4.72 5.75 -0.99
C LYS A 13 -5.04 5.00 0.31
N TYR A 14 -4.04 4.34 0.90
CA TYR A 14 -4.13 3.71 2.23
C TYR A 14 -3.33 4.48 3.28
N THR A 15 -4.00 5.31 4.09
CA THR A 15 -3.39 6.09 5.18
C THR A 15 -3.04 5.23 6.40
N CYS A 16 -2.18 5.76 7.28
CA CYS A 16 -1.62 5.11 8.46
C CYS A 16 -1.17 6.14 9.52
N ALA A 17 -0.96 5.71 10.76
CA ALA A 17 -0.38 6.47 11.87
C ALA A 17 1.07 6.96 11.61
N LYS A 18 1.63 7.68 12.60
CA LYS A 18 3.05 8.07 12.70
C LYS A 18 3.98 6.84 12.60
N LEU A 19 5.23 7.08 12.20
CA LEU A 19 6.26 6.08 11.86
C LEU A 19 6.46 4.97 12.92
N GLY A 20 7.06 3.85 12.50
CA GLY A 20 7.46 2.72 13.35
C GLY A 20 6.33 1.74 13.73
N ASP A 21 5.12 2.25 14.00
CA ASP A 21 3.89 1.49 14.28
C ASP A 21 3.32 0.84 12.99
N ASN A 22 3.98 -0.22 12.50
CA ASN A 22 3.74 -0.82 11.18
C ASN A 22 2.70 -1.97 11.11
N ASP A 23 2.29 -2.59 12.22
CA ASP A 23 1.53 -3.85 12.19
C ASP A 23 0.12 -3.79 11.55
N TYR A 24 -0.53 -2.62 11.53
CA TYR A 24 -1.77 -2.40 10.78
C TYR A 24 -1.50 -2.41 9.27
N CYS A 25 -0.44 -1.71 8.81
CA CYS A 25 -0.03 -1.68 7.41
C CYS A 25 0.54 -3.03 6.92
N VAL A 26 1.21 -3.82 7.77
CA VAL A 26 1.60 -5.20 7.42
C VAL A 26 0.38 -6.03 7.03
N ARG A 27 -0.69 -5.96 7.84
CA ARG A 27 -1.97 -6.62 7.58
C ARG A 27 -2.65 -6.09 6.32
N GLU A 28 -2.72 -4.76 6.12
CA GLU A 28 -3.26 -4.20 4.87
C GLU A 28 -2.45 -4.61 3.62
N CYS A 29 -1.13 -4.61 3.70
CA CYS A 29 -0.20 -4.97 2.62
C CYS A 29 -0.38 -6.44 2.22
N ARG A 30 -0.42 -7.36 3.20
CA ARG A 30 -0.58 -8.81 2.97
C ARG A 30 -2.03 -9.26 2.73
N LEU A 31 -3.01 -8.35 2.79
CA LEU A 31 -4.40 -8.58 2.36
C LEU A 31 -4.71 -7.91 1.00
N ARG A 32 -4.07 -6.79 0.68
CA ARG A 32 -4.09 -6.11 -0.62
C ARG A 32 -3.32 -6.92 -1.67
N TYR A 33 -2.10 -7.31 -1.35
CA TYR A 33 -1.31 -8.30 -2.09
C TYR A 33 -1.31 -9.63 -1.32
N TYR A 34 -0.52 -10.62 -1.76
CA TYR A 34 -0.43 -11.96 -1.14
C TYR A 34 0.10 -11.96 0.30
N GLN A 35 -0.26 -13.01 1.05
CA GLN A 35 0.06 -13.18 2.48
C GLN A 35 1.56 -13.07 2.85
N SER A 36 2.47 -13.41 1.93
CA SER A 36 3.92 -13.35 2.13
C SER A 36 4.54 -11.97 1.89
N ALA A 37 3.72 -10.96 1.55
CA ALA A 37 4.12 -9.55 1.51
C ALA A 37 4.36 -8.98 2.93
N HIS A 38 5.11 -7.87 3.02
CA HIS A 38 5.44 -7.20 4.30
C HIS A 38 5.60 -5.68 4.11
N GLY A 39 5.45 -4.86 5.16
CA GLY A 39 5.40 -3.40 5.02
C GLY A 39 5.65 -2.55 6.28
N TYR A 40 5.56 -1.24 6.07
CA TYR A 40 5.67 -0.17 7.07
C TYR A 40 5.02 1.13 6.57
N CYS A 41 4.89 2.13 7.43
CA CYS A 41 4.28 3.43 7.08
C CYS A 41 5.31 4.55 6.91
N TYR A 42 5.01 5.48 6.00
CA TYR A 42 5.86 6.61 5.67
C TYR A 42 4.97 7.80 5.27
N ALA A 43 5.23 9.01 5.77
CA ALA A 43 4.42 10.21 5.54
C ALA A 43 2.90 10.00 5.74
N PHE A 44 2.52 9.22 6.76
CA PHE A 44 1.14 8.85 7.11
C PHE A 44 0.40 7.98 6.06
N ALA A 45 1.12 7.23 5.23
CA ALA A 45 0.57 6.24 4.30
C ALA A 45 1.39 4.94 4.23
N CYS A 46 0.72 3.83 3.92
CA CYS A 46 1.29 2.48 3.93
C CYS A 46 2.19 2.17 2.72
N TRP A 47 3.34 1.54 2.97
CA TRP A 47 4.37 1.11 2.02
C TRP A 47 4.56 -0.40 2.14
N CYS A 48 4.66 -1.10 1.01
CA CYS A 48 4.60 -2.56 0.92
C CYS A 48 5.75 -3.12 0.07
N THR A 49 6.22 -4.32 0.42
CA THR A 49 7.46 -4.93 -0.08
C THR A 49 7.27 -6.39 -0.49
N HIS A 50 8.25 -6.92 -1.26
CA HIS A 50 8.19 -8.22 -1.97
C HIS A 50 7.09 -8.24 -3.05
N LEU A 51 6.73 -7.07 -3.58
CA LEU A 51 5.76 -6.90 -4.66
C LEU A 51 6.32 -7.38 -6.00
N TYR A 52 5.48 -8.05 -6.78
CA TYR A 52 5.76 -8.41 -8.17
C TYR A 52 5.84 -7.19 -9.10
N GLU A 53 6.46 -7.38 -10.27
CA GLU A 53 6.56 -6.38 -11.33
C GLU A 53 5.19 -5.95 -11.90
N GLN A 54 4.14 -6.76 -11.69
CA GLN A 54 2.76 -6.47 -12.11
C GLN A 54 1.99 -5.52 -11.14
N ALA A 55 2.65 -4.98 -10.12
CA ALA A 55 2.06 -4.01 -9.18
C ALA A 55 1.83 -2.61 -9.82
N VAL A 56 1.16 -1.73 -9.07
CA VAL A 56 0.88 -0.33 -9.42
C VAL A 56 1.01 0.58 -8.20
N VAL A 57 1.41 1.83 -8.41
CA VAL A 57 1.67 2.86 -7.37
C VAL A 57 1.15 4.23 -7.79
N TRP A 58 0.85 5.11 -6.82
CA TRP A 58 0.22 6.44 -7.02
C TRP A 58 -1.17 6.36 -7.72
N PRO A 59 -1.91 7.48 -7.94
CA PRO A 59 -3.28 7.42 -8.46
C PRO A 59 -3.40 6.71 -9.82
N LEU A 60 -4.49 5.97 -10.02
CA LEU A 60 -4.84 5.37 -11.31
C LEU A 60 -5.67 6.37 -12.13
N PRO A 61 -5.26 6.76 -13.35
CA PRO A 61 -6.03 7.67 -14.21
C PRO A 61 -7.31 7.04 -14.77
N ASN A 62 -7.39 5.69 -14.82
CA ASN A 62 -8.50 4.94 -15.40
C ASN A 62 -9.89 5.36 -14.86
N LYS A 63 -10.02 5.50 -13.54
CA LYS A 63 -11.24 5.88 -12.79
C LYS A 63 -10.91 6.88 -11.67
N ARG A 64 -11.92 7.44 -11.01
CA ARG A 64 -11.77 8.32 -9.82
C ARG A 64 -12.04 7.56 -8.52
N CYS A 65 -11.29 7.90 -7.47
CA CYS A 65 -11.58 7.44 -6.10
C CYS A 65 -12.79 8.20 -5.54
N LYS A 66 -13.80 7.51 -5.01
CA LYS A 66 -15.04 8.13 -4.51
C LYS A 66 -14.79 9.01 -3.28
N LYS A 1 11.78 -4.37 -5.35
CA LYS A 1 10.75 -3.46 -5.87
C LYS A 1 9.64 -3.26 -4.83
N GLU A 2 9.10 -2.05 -4.79
CA GLU A 2 8.12 -1.56 -3.82
C GLU A 2 6.82 -1.11 -4.50
N GLY A 3 5.74 -0.93 -3.73
CA GLY A 3 4.41 -0.58 -4.25
C GLY A 3 3.50 0.05 -3.20
N TYR A 4 2.51 0.84 -3.63
CA TYR A 4 1.52 1.44 -2.73
C TYR A 4 0.43 0.43 -2.35
N LEU A 5 -0.28 0.64 -1.24
CA LEU A 5 -1.48 -0.14 -0.86
C LEU A 5 -2.70 0.17 -1.75
N VAL A 6 -2.55 0.19 -3.08
CA VAL A 6 -3.58 0.71 -4.00
C VAL A 6 -4.76 -0.26 -4.19
N ASP A 7 -5.86 0.07 -3.52
CA ASP A 7 -7.19 -0.52 -3.73
C ASP A 7 -7.85 0.24 -4.88
N TYR A 8 -7.82 -0.35 -6.07
CA TYR A 8 -8.24 0.26 -7.34
C TYR A 8 -9.75 0.49 -7.48
N HIS A 9 -10.54 0.10 -6.48
CA HIS A 9 -11.98 0.38 -6.39
C HIS A 9 -12.28 1.89 -6.22
N THR A 10 -11.30 2.69 -5.74
CA THR A 10 -11.40 4.16 -5.68
C THR A 10 -10.03 4.87 -5.72
N GLY A 11 -10.01 6.14 -6.13
CA GLY A 11 -8.80 6.97 -6.24
C GLY A 11 -8.26 7.53 -4.92
N CYS A 12 -8.85 7.20 -3.77
CA CYS A 12 -8.43 7.72 -2.47
C CYS A 12 -7.00 7.31 -2.08
N LYS A 13 -6.32 8.15 -1.28
CA LYS A 13 -5.05 7.81 -0.64
C LYS A 13 -5.29 7.04 0.67
N TYR A 14 -4.34 6.19 1.07
CA TYR A 14 -4.51 5.22 2.16
C TYR A 14 -3.53 5.49 3.32
N THR A 15 -3.89 6.54 4.07
CA THR A 15 -3.14 7.10 5.21
C THR A 15 -3.09 6.17 6.43
N CYS A 16 -2.09 6.35 7.30
CA CYS A 16 -1.87 5.59 8.52
C CYS A 16 -0.93 6.31 9.52
N ALA A 17 -0.58 5.64 10.62
CA ALA A 17 0.12 6.16 11.80
C ALA A 17 1.60 6.55 11.59
N LYS A 18 2.26 6.96 12.69
CA LYS A 18 3.71 7.17 12.78
C LYS A 18 4.52 5.90 12.47
N LEU A 19 5.79 6.07 12.08
CA LEU A 19 6.69 4.99 11.66
C LEU A 19 6.82 3.90 12.75
N GLY A 20 6.85 2.64 12.33
CA GLY A 20 7.00 1.46 13.19
C GLY A 20 5.73 1.04 13.93
N ASP A 21 4.86 1.97 14.29
CA ASP A 21 3.51 1.71 14.84
C ASP A 21 2.50 1.31 13.73
N ASN A 22 2.98 0.61 12.70
CA ASN A 22 2.30 0.37 11.44
C ASN A 22 1.90 -1.10 11.13
N ASP A 23 1.59 -1.88 12.16
CA ASP A 23 1.13 -3.27 12.03
C ASP A 23 -0.12 -3.43 11.14
N TYR A 24 -0.98 -2.40 11.09
CA TYR A 24 -2.11 -2.34 10.16
C TYR A 24 -1.67 -2.49 8.69
N CYS A 25 -0.59 -1.82 8.27
CA CYS A 25 -0.07 -1.96 6.91
C CYS A 25 0.48 -3.38 6.66
N VAL A 26 1.12 -4.02 7.65
CA VAL A 26 1.63 -5.39 7.48
C VAL A 26 0.49 -6.40 7.30
N ARG A 27 -0.63 -6.22 8.03
CA ARG A 27 -1.86 -7.01 7.87
C ARG A 27 -2.60 -6.73 6.57
N GLU A 28 -2.68 -5.48 6.12
CA GLU A 28 -3.38 -5.16 4.86
C GLU A 28 -2.53 -5.41 3.62
N CYS A 29 -1.19 -5.21 3.63
CA CYS A 29 -0.34 -5.42 2.44
C CYS A 29 -0.34 -6.90 2.03
N ARG A 30 -0.34 -7.85 2.98
CA ARG A 30 -0.43 -9.30 2.70
C ARG A 30 -1.82 -9.77 2.21
N LEU A 31 -2.79 -8.86 2.19
CA LEU A 31 -4.12 -9.06 1.58
C LEU A 31 -4.30 -8.26 0.27
N ARG A 32 -3.71 -7.05 0.19
CA ARG A 32 -3.66 -6.14 -0.97
C ARG A 32 -2.78 -6.68 -2.11
N TYR A 33 -1.76 -7.45 -1.74
CA TYR A 33 -0.88 -8.27 -2.55
C TYR A 33 -0.96 -9.73 -2.04
N TYR A 34 -0.12 -10.62 -2.56
CA TYR A 34 0.07 -11.97 -2.01
C TYR A 34 0.41 -12.03 -0.52
N GLN A 35 0.10 -13.17 0.13
CA GLN A 35 0.38 -13.44 1.55
C GLN A 35 1.87 -13.30 1.96
N SER A 36 2.78 -13.28 0.99
CA SER A 36 4.23 -13.12 1.20
C SER A 36 4.67 -11.69 1.52
N ALA A 37 3.83 -10.68 1.27
CA ALA A 37 4.22 -9.26 1.32
C ALA A 37 4.60 -8.72 2.72
N HIS A 38 5.26 -7.54 2.70
CA HIS A 38 5.58 -6.66 3.83
C HIS A 38 5.05 -5.24 3.55
N GLY A 39 5.06 -4.35 4.55
CA GLY A 39 4.78 -2.92 4.35
C GLY A 39 4.86 -2.04 5.60
N TYR A 40 4.86 -0.71 5.45
CA TYR A 40 4.97 0.24 6.56
C TYR A 40 4.42 1.64 6.22
N CYS A 41 4.31 2.52 7.22
CA CYS A 41 3.73 3.88 7.07
C CYS A 41 4.75 4.92 6.57
N TYR A 42 5.32 4.70 5.38
CA TYR A 42 6.28 5.61 4.75
C TYR A 42 5.61 6.96 4.46
N ALA A 43 6.08 8.03 5.10
CA ALA A 43 5.46 9.35 5.10
C ALA A 43 3.93 9.29 5.38
N PHE A 44 3.55 8.57 6.44
CA PHE A 44 2.18 8.44 6.97
C PHE A 44 1.15 7.77 6.03
N ALA A 45 1.58 6.89 5.12
CA ALA A 45 0.69 6.06 4.30
C ALA A 45 1.28 4.69 3.95
N CYS A 46 0.43 3.67 3.79
CA CYS A 46 0.89 2.28 3.65
C CYS A 46 1.65 2.02 2.33
N TRP A 47 2.94 1.78 2.46
CA TRP A 47 3.89 1.43 1.40
C TRP A 47 4.32 -0.02 1.58
N CYS A 48 3.97 -0.89 0.62
CA CYS A 48 4.27 -2.31 0.65
C CYS A 48 5.65 -2.60 0.02
N THR A 49 6.39 -3.55 0.61
CA THR A 49 7.81 -3.82 0.30
C THR A 49 8.08 -5.30 0.05
N HIS A 50 9.25 -5.60 -0.53
CA HIS A 50 9.71 -6.95 -0.89
C HIS A 50 8.76 -7.65 -1.89
N LEU A 51 8.39 -6.95 -2.97
CA LEU A 51 7.37 -7.36 -3.93
C LEU A 51 7.93 -7.86 -5.28
N TYR A 52 7.09 -8.56 -6.04
CA TYR A 52 7.38 -8.92 -7.44
C TYR A 52 7.57 -7.70 -8.36
N GLU A 53 8.24 -7.92 -9.50
CA GLU A 53 8.50 -6.88 -10.51
C GLU A 53 7.22 -6.20 -11.04
N GLN A 54 6.07 -6.87 -10.95
CA GLN A 54 4.78 -6.35 -11.41
C GLN A 54 4.17 -5.23 -10.52
N ALA A 55 4.79 -4.86 -9.39
CA ALA A 55 4.27 -3.86 -8.44
C ALA A 55 4.12 -2.43 -9.02
N VAL A 56 3.29 -1.60 -8.38
CA VAL A 56 2.93 -0.23 -8.80
C VAL A 56 2.74 0.72 -7.60
N VAL A 57 2.97 2.02 -7.81
CA VAL A 57 3.04 3.06 -6.75
C VAL A 57 1.97 4.16 -6.89
N TRP A 58 1.72 4.86 -5.77
CA TRP A 58 0.76 5.96 -5.52
C TRP A 58 -0.75 5.68 -5.78
N PRO A 59 -1.67 6.53 -5.25
CA PRO A 59 -3.13 6.34 -5.40
C PRO A 59 -3.57 6.30 -6.86
N LEU A 60 -4.59 5.48 -7.17
CA LEU A 60 -4.96 5.15 -8.55
C LEU A 60 -5.25 6.42 -9.39
N PRO A 61 -4.55 6.64 -10.52
CA PRO A 61 -4.70 7.87 -11.30
C PRO A 61 -6.00 7.92 -12.13
N ASN A 62 -6.62 6.76 -12.41
CA ASN A 62 -7.74 6.63 -13.34
C ASN A 62 -9.13 6.98 -12.77
N LYS A 63 -9.31 6.85 -11.45
CA LYS A 63 -10.55 7.16 -10.70
C LYS A 63 -10.34 8.31 -9.71
N ARG A 64 -11.42 9.01 -9.36
CA ARG A 64 -11.49 10.01 -8.27
C ARG A 64 -11.82 9.32 -6.93
N CYS A 65 -11.61 10.00 -5.80
CA CYS A 65 -11.88 9.48 -4.45
C CYS A 65 -13.35 9.64 -4.01
N LYS A 66 -13.91 8.60 -3.38
CA LYS A 66 -15.26 8.57 -2.76
C LYS A 66 -15.35 9.39 -1.46
N LYS A 1 11.13 -5.47 -5.64
CA LYS A 1 10.66 -4.09 -5.85
C LYS A 1 9.83 -3.62 -4.65
N GLU A 2 9.98 -2.38 -4.19
CA GLU A 2 9.07 -1.76 -3.21
C GLU A 2 7.86 -1.14 -3.95
N GLY A 3 6.70 -0.99 -3.30
CA GLY A 3 5.48 -0.55 -4.01
C GLY A 3 4.43 0.20 -3.18
N TYR A 4 3.52 0.83 -3.91
CA TYR A 4 2.42 1.63 -3.38
C TYR A 4 1.20 0.76 -2.95
N LEU A 5 0.20 1.37 -2.32
CA LEU A 5 -1.02 0.70 -1.84
C LEU A 5 -2.26 1.59 -2.11
N VAL A 6 -3.08 1.19 -3.09
CA VAL A 6 -4.21 1.97 -3.60
C VAL A 6 -5.48 1.13 -3.77
N ASP A 7 -6.64 1.74 -3.57
CA ASP A 7 -7.97 1.13 -3.76
C ASP A 7 -8.23 0.76 -5.24
N TYR A 8 -8.94 -0.35 -5.50
CA TYR A 8 -9.36 -0.73 -6.87
C TYR A 8 -10.63 0.01 -7.33
N HIS A 9 -11.48 0.43 -6.39
CA HIS A 9 -12.80 1.02 -6.70
C HIS A 9 -12.76 2.54 -6.96
N THR A 10 -11.72 3.21 -6.47
CA THR A 10 -11.51 4.67 -6.53
C THR A 10 -10.02 5.00 -6.42
N GLY A 11 -9.59 6.22 -6.75
CA GLY A 11 -8.17 6.61 -6.77
C GLY A 11 -7.48 6.77 -5.40
N CYS A 12 -8.11 6.32 -4.31
CA CYS A 12 -7.67 6.56 -2.93
C CYS A 12 -6.44 5.76 -2.49
N LYS A 13 -5.43 6.44 -1.93
CA LYS A 13 -4.27 5.84 -1.24
C LYS A 13 -4.60 5.50 0.21
N TYR A 14 -4.05 4.41 0.75
CA TYR A 14 -4.32 3.98 2.13
C TYR A 14 -3.56 4.86 3.15
N THR A 15 -4.29 5.58 4.00
CA THR A 15 -3.70 6.36 5.12
C THR A 15 -3.28 5.48 6.30
N CYS A 16 -2.53 6.08 7.22
CA CYS A 16 -2.04 5.49 8.47
C CYS A 16 -1.99 6.55 9.60
N ALA A 17 -2.40 6.19 10.82
CA ALA A 17 -2.58 7.10 11.96
C ALA A 17 -1.33 7.30 12.84
N LYS A 18 -0.42 6.33 12.91
CA LYS A 18 0.87 6.39 13.64
C LYS A 18 2.00 5.67 12.92
N LEU A 19 3.16 6.33 12.81
CA LEU A 19 4.38 5.77 12.20
C LEU A 19 5.06 4.76 13.14
N GLY A 20 5.99 3.96 12.63
CA GLY A 20 6.80 3.01 13.41
C GLY A 20 6.09 1.69 13.73
N ASP A 21 4.81 1.76 14.11
CA ASP A 21 3.91 0.60 14.24
C ASP A 21 3.51 0.09 12.83
N ASN A 22 4.33 -0.77 12.21
CA ASN A 22 4.08 -1.22 10.82
C ASN A 22 2.87 -2.15 10.67
N ASP A 23 2.38 -2.78 11.74
CA ASP A 23 1.36 -3.86 11.69
C ASP A 23 0.07 -3.48 10.95
N TYR A 24 -0.43 -2.24 11.11
CA TYR A 24 -1.63 -1.77 10.43
C TYR A 24 -1.52 -1.89 8.90
N CYS A 25 -0.42 -1.38 8.32
CA CYS A 25 -0.16 -1.48 6.89
C CYS A 25 0.36 -2.86 6.45
N VAL A 26 0.98 -3.64 7.35
CA VAL A 26 1.31 -5.05 7.05
C VAL A 26 0.04 -5.85 6.76
N ARG A 27 -1.00 -5.73 7.62
CA ARG A 27 -2.31 -6.38 7.41
C ARG A 27 -2.96 -5.97 6.09
N GLU A 28 -3.03 -4.67 5.80
CA GLU A 28 -3.63 -4.23 4.53
C GLU A 28 -2.76 -4.62 3.32
N CYS A 29 -1.42 -4.68 3.41
CA CYS A 29 -0.53 -5.04 2.31
C CYS A 29 -0.58 -6.55 1.99
N ARG A 30 -0.54 -7.41 3.02
CA ARG A 30 -0.70 -8.88 2.88
C ARG A 30 -2.08 -9.30 2.35
N LEU A 31 -3.09 -8.42 2.50
CA LEU A 31 -4.40 -8.60 1.86
C LEU A 31 -4.44 -7.98 0.45
N ARG A 32 -3.77 -6.83 0.21
CA ARG A 32 -3.72 -6.14 -1.08
C ARG A 32 -3.11 -7.01 -2.18
N TYR A 33 -1.93 -7.56 -1.90
CA TYR A 33 -1.14 -8.39 -2.81
C TYR A 33 -1.28 -9.88 -2.45
N TYR A 34 -0.40 -10.40 -1.60
CA TYR A 34 -0.36 -11.82 -1.20
C TYR A 34 0.08 -11.97 0.26
N GLN A 35 -0.33 -13.05 0.92
CA GLN A 35 -0.19 -13.27 2.37
C GLN A 35 1.25 -13.20 2.92
N SER A 36 2.24 -13.56 2.10
CA SER A 36 3.68 -13.47 2.42
C SER A 36 4.32 -12.09 2.14
N ALA A 37 3.54 -11.06 1.76
CA ALA A 37 4.04 -9.69 1.56
C ALA A 37 4.42 -8.95 2.87
N HIS A 38 5.15 -7.83 2.73
CA HIS A 38 5.61 -6.97 3.83
C HIS A 38 5.33 -5.47 3.57
N GLY A 39 5.44 -4.62 4.58
CA GLY A 39 5.22 -3.17 4.44
C GLY A 39 5.41 -2.37 5.74
N TYR A 40 5.17 -1.06 5.67
CA TYR A 40 5.19 -0.12 6.82
C TYR A 40 4.41 1.17 6.53
N CYS A 41 4.35 2.09 7.50
CA CYS A 41 3.83 3.44 7.29
C CYS A 41 4.98 4.42 6.97
N TYR A 42 4.75 5.34 6.04
CA TYR A 42 5.63 6.47 5.69
C TYR A 42 4.76 7.66 5.22
N ALA A 43 5.08 8.88 5.67
CA ALA A 43 4.31 10.10 5.36
C ALA A 43 2.80 9.93 5.61
N PHE A 44 2.43 9.34 6.77
CA PHE A 44 1.05 9.06 7.18
C PHE A 44 0.23 8.24 6.17
N ALA A 45 0.88 7.38 5.38
CA ALA A 45 0.26 6.45 4.44
C ALA A 45 1.04 5.14 4.37
N CYS A 46 0.43 4.09 3.84
CA CYS A 46 1.10 2.80 3.69
C CYS A 46 2.18 2.80 2.59
N TRP A 47 3.07 1.81 2.67
CA TRP A 47 4.10 1.45 1.70
C TRP A 47 4.38 -0.05 1.84
N CYS A 48 4.43 -0.78 0.72
CA CYS A 48 4.72 -2.22 0.68
C CYS A 48 6.17 -2.48 0.27
N THR A 49 6.77 -3.56 0.77
CA THR A 49 8.21 -3.86 0.60
C THR A 49 8.46 -5.30 0.20
N HIS A 50 9.62 -5.54 -0.42
CA HIS A 50 10.07 -6.87 -0.88
C HIS A 50 9.10 -7.53 -1.88
N LEU A 51 8.31 -6.76 -2.63
CA LEU A 51 7.33 -7.28 -3.59
C LEU A 51 7.99 -7.80 -4.87
N TYR A 52 7.23 -8.56 -5.65
CA TYR A 52 7.56 -8.99 -7.02
C TYR A 52 7.65 -7.85 -8.05
N GLU A 53 8.15 -8.16 -9.24
CA GLU A 53 8.19 -7.23 -10.39
C GLU A 53 6.78 -6.80 -10.87
N GLN A 54 5.71 -7.54 -10.55
CA GLN A 54 4.32 -7.21 -10.92
C GLN A 54 3.68 -6.11 -10.03
N ALA A 55 4.42 -5.48 -9.11
CA ALA A 55 3.89 -4.51 -8.15
C ALA A 55 3.37 -3.19 -8.78
N VAL A 56 2.37 -2.57 -8.13
CA VAL A 56 1.94 -1.20 -8.42
C VAL A 56 2.85 -0.23 -7.69
N VAL A 57 3.33 0.80 -8.38
CA VAL A 57 4.32 1.76 -7.87
C VAL A 57 3.90 3.20 -8.17
N TRP A 58 4.11 4.10 -7.20
CA TRP A 58 3.71 5.51 -7.21
C TRP A 58 2.18 5.79 -7.35
N PRO A 59 1.69 7.00 -6.97
CA PRO A 59 0.26 7.35 -6.98
C PRO A 59 -0.39 7.36 -8.38
N LEU A 60 -1.73 7.36 -8.41
CA LEU A 60 -2.52 7.35 -9.65
C LEU A 60 -2.78 8.79 -10.17
N PRO A 61 -2.41 9.12 -11.43
CA PRO A 61 -2.65 10.44 -12.02
C PRO A 61 -4.04 10.60 -12.67
N ASN A 62 -4.72 9.51 -13.03
CA ASN A 62 -5.98 9.53 -13.77
C ASN A 62 -7.24 9.43 -12.89
N LYS A 63 -7.49 8.30 -12.22
CA LYS A 63 -8.61 8.16 -11.27
C LYS A 63 -8.39 9.03 -10.02
N ARG A 64 -9.45 9.67 -9.53
CA ARG A 64 -9.46 10.48 -8.29
C ARG A 64 -10.17 9.79 -7.14
N CYS A 65 -9.88 10.18 -5.91
CA CYS A 65 -10.39 9.57 -4.69
C CYS A 65 -11.80 10.04 -4.29
N LYS A 66 -12.65 9.12 -3.82
CA LYS A 66 -13.99 9.39 -3.26
C LYS A 66 -14.13 8.82 -1.84
N LYS A 1 10.99 -4.79 -5.24
CA LYS A 1 10.33 -3.52 -5.61
C LYS A 1 9.53 -2.97 -4.43
N GLU A 2 9.47 -1.65 -4.25
CA GLU A 2 8.60 -1.01 -3.25
C GLU A 2 7.31 -0.44 -3.90
N GLY A 3 6.18 -0.45 -3.19
CA GLY A 3 4.91 0.03 -3.73
C GLY A 3 3.83 0.34 -2.69
N TYR A 4 2.86 1.17 -3.08
CA TYR A 4 1.73 1.59 -2.27
C TYR A 4 0.69 0.47 -2.06
N LEU A 5 -0.14 0.57 -1.01
CA LEU A 5 -1.31 -0.29 -0.79
C LEU A 5 -2.41 -0.04 -1.86
N VAL A 6 -2.19 -0.62 -3.05
CA VAL A 6 -3.00 -0.43 -4.27
C VAL A 6 -4.50 -0.69 -4.06
N ASP A 7 -5.35 -0.04 -4.86
CA ASP A 7 -6.79 -0.31 -4.92
C ASP A 7 -7.36 0.05 -6.31
N TYR A 8 -8.40 -0.65 -6.72
CA TYR A 8 -9.21 -0.33 -7.91
C TYR A 8 -10.36 0.64 -7.59
N HIS A 9 -10.84 0.68 -6.34
CA HIS A 9 -12.05 1.40 -5.96
C HIS A 9 -11.91 2.93 -5.97
N THR A 10 -10.75 3.45 -5.59
CA THR A 10 -10.46 4.89 -5.50
C THR A 10 -8.98 5.23 -5.68
N GLY A 11 -8.71 6.44 -6.17
CA GLY A 11 -7.38 7.03 -6.22
C GLY A 11 -6.92 7.72 -4.91
N CYS A 12 -7.77 7.82 -3.88
CA CYS A 12 -7.40 8.48 -2.62
C CYS A 12 -6.50 7.61 -1.71
N LYS A 13 -5.59 8.27 -0.98
CA LYS A 13 -4.55 7.66 -0.12
C LYS A 13 -5.09 6.95 1.15
N TYR A 14 -4.74 5.66 1.32
CA TYR A 14 -5.00 4.89 2.55
C TYR A 14 -3.94 5.19 3.64
N THR A 15 -4.30 6.07 4.57
CA THR A 15 -3.51 6.51 5.74
C THR A 15 -3.50 5.49 6.87
N CYS A 16 -2.49 5.55 7.74
CA CYS A 16 -2.35 4.69 8.93
C CYS A 16 -1.51 5.33 10.06
N ALA A 17 -0.68 4.51 10.72
CA ALA A 17 0.14 4.82 11.89
C ALA A 17 1.31 5.79 11.60
N LYS A 18 2.10 6.11 12.65
CA LYS A 18 3.28 6.98 12.56
C LYS A 18 4.43 6.31 11.80
N LEU A 19 5.41 7.11 11.40
CA LEU A 19 6.47 6.70 10.49
C LEU A 19 7.29 5.51 11.03
N GLY A 20 7.45 4.49 10.20
CA GLY A 20 8.10 3.22 10.55
C GLY A 20 7.19 2.16 11.18
N ASP A 21 6.01 2.53 11.70
CA ASP A 21 5.06 1.56 12.26
C ASP A 21 4.42 0.71 11.15
N ASN A 22 4.28 -0.58 11.43
CA ASN A 22 3.95 -1.64 10.48
C ASN A 22 2.84 -2.61 10.92
N ASP A 23 2.56 -2.72 12.22
CA ASP A 23 1.65 -3.76 12.76
C ASP A 23 0.24 -3.76 12.12
N TYR A 24 -0.34 -2.57 11.85
CA TYR A 24 -1.60 -2.40 11.10
C TYR A 24 -1.42 -2.58 9.59
N CYS A 25 -0.42 -1.92 8.99
CA CYS A 25 -0.23 -1.90 7.54
C CYS A 25 0.08 -3.29 6.95
N VAL A 26 0.79 -4.14 7.68
CA VAL A 26 1.04 -5.55 7.27
C VAL A 26 -0.26 -6.31 7.05
N ARG A 27 -1.26 -6.17 7.93
CA ARG A 27 -2.53 -6.90 7.86
C ARG A 27 -3.33 -6.57 6.60
N GLU A 28 -3.30 -5.31 6.16
CA GLU A 28 -3.86 -4.91 4.86
C GLU A 28 -2.98 -5.39 3.68
N CYS A 29 -1.65 -5.23 3.78
CA CYS A 29 -0.70 -5.49 2.70
C CYS A 29 -0.70 -6.97 2.27
N ARG A 30 -0.73 -7.90 3.25
CA ARG A 30 -0.78 -9.36 3.05
C ARG A 30 -2.10 -9.88 2.47
N LEU A 31 -3.16 -9.05 2.47
CA LEU A 31 -4.42 -9.32 1.78
C LEU A 31 -4.50 -8.65 0.40
N ARG A 32 -3.90 -7.47 0.23
CA ARG A 32 -3.94 -6.70 -1.02
C ARG A 32 -2.99 -7.24 -2.10
N TYR A 33 -1.76 -7.57 -1.73
CA TYR A 33 -0.79 -8.25 -2.59
C TYR A 33 -0.87 -9.76 -2.40
N TYR A 34 -0.12 -10.33 -1.46
CA TYR A 34 -0.06 -11.79 -1.21
C TYR A 34 0.42 -12.11 0.22
N GLN A 35 0.20 -13.34 0.67
CA GLN A 35 0.38 -13.76 2.06
C GLN A 35 1.79 -13.57 2.65
N SER A 36 2.86 -13.66 1.84
CA SER A 36 4.23 -13.34 2.29
C SER A 36 4.59 -11.84 2.28
N ALA A 37 3.66 -10.94 1.93
CA ALA A 37 3.95 -9.51 1.87
C ALA A 37 4.17 -8.86 3.26
N HIS A 38 4.93 -7.76 3.28
CA HIS A 38 5.22 -6.92 4.46
C HIS A 38 5.26 -5.43 4.09
N GLY A 39 4.95 -4.52 5.01
CA GLY A 39 4.88 -3.08 4.74
C GLY A 39 4.79 -2.19 5.99
N TYR A 40 4.88 -0.86 5.81
CA TYR A 40 4.82 0.14 6.89
C TYR A 40 4.20 1.47 6.43
N CYS A 41 3.90 2.34 7.40
CA CYS A 41 3.26 3.64 7.18
C CYS A 41 4.25 4.74 6.74
N TYR A 42 4.85 4.57 5.56
CA TYR A 42 5.77 5.53 4.95
C TYR A 42 5.01 6.79 4.53
N ALA A 43 5.48 7.97 4.96
CA ALA A 43 4.76 9.24 4.85
C ALA A 43 3.30 9.16 5.38
N PHE A 44 3.08 8.41 6.46
CA PHE A 44 1.78 8.13 7.10
C PHE A 44 0.76 7.32 6.26
N ALA A 45 1.16 6.74 5.13
CA ALA A 45 0.30 5.91 4.27
C ALA A 45 0.93 4.53 4.00
N CYS A 46 0.09 3.49 3.93
CA CYS A 46 0.58 2.10 3.90
C CYS A 46 1.35 1.78 2.62
N TRP A 47 2.57 1.26 2.80
CA TRP A 47 3.59 1.08 1.77
C TRP A 47 4.30 -0.27 1.95
N CYS A 48 4.14 -1.14 0.97
CA CYS A 48 4.62 -2.52 0.93
C CYS A 48 6.06 -2.64 0.36
N THR A 49 6.75 -3.70 0.77
CA THR A 49 8.18 -3.95 0.57
C THR A 49 8.46 -5.28 -0.14
N HIS A 50 9.66 -5.44 -0.71
CA HIS A 50 10.17 -6.67 -1.35
C HIS A 50 9.30 -7.25 -2.48
N LEU A 51 8.42 -6.43 -3.10
CA LEU A 51 7.40 -6.85 -4.05
C LEU A 51 7.92 -7.19 -5.45
N TYR A 52 7.06 -7.87 -6.22
CA TYR A 52 7.19 -8.11 -7.66
C TYR A 52 7.12 -6.84 -8.52
N GLU A 53 7.49 -7.00 -9.79
CA GLU A 53 7.37 -6.00 -10.86
C GLU A 53 5.97 -5.41 -11.05
N GLN A 54 4.93 -6.15 -10.65
CA GLN A 54 3.51 -5.76 -10.77
C GLN A 54 3.04 -4.72 -9.72
N ALA A 55 3.93 -4.23 -8.85
CA ALA A 55 3.64 -3.18 -7.87
C ALA A 55 3.34 -1.79 -8.48
N VAL A 56 2.63 -0.96 -7.71
CA VAL A 56 2.08 0.35 -8.13
C VAL A 56 2.36 1.41 -7.04
N VAL A 57 2.50 2.69 -7.40
CA VAL A 57 2.70 3.82 -6.47
C VAL A 57 1.52 4.82 -6.49
N TRP A 58 1.59 5.86 -5.64
CA TRP A 58 0.57 6.90 -5.42
C TRP A 58 0.07 7.57 -6.74
N PRO A 59 -1.10 8.25 -6.75
CA PRO A 59 -1.81 8.59 -7.99
C PRO A 59 -1.84 7.48 -9.04
N LEU A 60 -2.64 6.45 -8.76
CA LEU A 60 -2.72 5.17 -9.44
C LEU A 60 -3.22 5.33 -10.90
N PRO A 61 -2.73 4.52 -11.86
CA PRO A 61 -3.25 4.55 -13.23
C PRO A 61 -4.72 4.09 -13.33
N ASN A 62 -5.21 3.34 -12.33
CA ASN A 62 -6.58 2.83 -12.28
C ASN A 62 -7.65 3.93 -12.15
N LYS A 63 -7.51 4.88 -11.19
CA LYS A 63 -8.52 5.89 -10.86
C LYS A 63 -7.94 7.13 -10.15
N ARG A 64 -8.59 8.29 -10.29
CA ARG A 64 -8.26 9.60 -9.67
C ARG A 64 -9.23 9.97 -8.53
N CYS A 65 -8.85 10.91 -7.66
CA CYS A 65 -9.61 11.35 -6.49
C CYS A 65 -9.26 12.81 -6.07
N LYS A 66 -10.17 13.54 -5.42
CA LYS A 66 -9.92 14.90 -4.88
C LYS A 66 -8.94 14.90 -3.70
N LYS A 1 10.51 -5.50 -6.11
CA LYS A 1 9.96 -4.15 -6.32
C LYS A 1 9.16 -3.69 -5.10
N GLU A 2 9.17 -2.40 -4.77
CA GLU A 2 8.28 -1.79 -3.77
C GLU A 2 6.96 -1.29 -4.41
N GLY A 3 5.98 -0.83 -3.62
CA GLY A 3 4.73 -0.26 -4.14
C GLY A 3 3.86 0.48 -3.12
N TYR A 4 2.94 1.33 -3.60
CA TYR A 4 1.95 2.04 -2.78
C TYR A 4 0.76 1.13 -2.42
N LEU A 5 0.00 1.50 -1.38
CA LEU A 5 -1.24 0.82 -1.01
C LEU A 5 -2.47 1.58 -1.55
N VAL A 6 -3.20 0.97 -2.48
CA VAL A 6 -4.40 1.52 -3.15
C VAL A 6 -5.32 0.38 -3.62
N ASP A 7 -6.64 0.60 -3.62
CA ASP A 7 -7.65 -0.28 -4.22
C ASP A 7 -7.87 0.06 -5.71
N TYR A 8 -7.86 -0.95 -6.59
CA TYR A 8 -8.18 -0.79 -8.01
C TYR A 8 -9.56 -0.16 -8.27
N HIS A 9 -10.49 -0.22 -7.30
CA HIS A 9 -11.78 0.47 -7.38
C HIS A 9 -11.68 2.01 -7.30
N THR A 10 -10.72 2.57 -6.54
CA THR A 10 -10.71 4.02 -6.24
C THR A 10 -9.36 4.54 -5.77
N GLY A 11 -8.94 5.71 -6.26
CA GLY A 11 -7.64 6.32 -5.98
C GLY A 11 -7.48 6.99 -4.60
N CYS A 12 -8.41 6.76 -3.67
CA CYS A 12 -8.22 7.17 -2.27
C CYS A 12 -7.00 6.45 -1.67
N LYS A 13 -6.10 7.21 -1.04
CA LYS A 13 -4.91 6.70 -0.34
C LYS A 13 -5.27 5.99 0.97
N TYR A 14 -4.76 4.77 1.19
CA TYR A 14 -4.86 4.08 2.48
C TYR A 14 -3.94 4.74 3.51
N THR A 15 -4.52 5.50 4.45
CA THR A 15 -3.80 6.21 5.51
C THR A 15 -3.29 5.27 6.61
N CYS A 16 -2.30 5.71 7.39
CA CYS A 16 -1.81 5.01 8.59
C CYS A 16 -1.50 6.00 9.70
N ALA A 17 -1.94 5.70 10.93
CA ALA A 17 -1.94 6.68 12.02
C ALA A 17 -0.54 7.08 12.54
N LYS A 18 0.46 6.19 12.49
CA LYS A 18 1.80 6.48 13.05
C LYS A 18 2.92 5.74 12.31
N LEU A 19 4.03 6.44 12.11
CA LEU A 19 5.29 5.88 11.62
C LEU A 19 5.88 4.93 12.67
N GLY A 20 6.49 3.83 12.25
CA GLY A 20 7.03 2.79 13.14
C GLY A 20 6.00 1.81 13.73
N ASP A 21 4.70 2.16 13.74
CA ASP A 21 3.58 1.23 14.03
C ASP A 21 3.26 0.40 12.77
N ASN A 22 4.27 -0.21 12.15
CA ASN A 22 4.18 -0.84 10.83
C ASN A 22 3.38 -2.16 10.81
N ASP A 23 3.12 -2.80 11.95
CA ASP A 23 2.29 -4.02 12.06
C ASP A 23 0.87 -3.82 11.48
N TYR A 24 0.35 -2.58 11.47
CA TYR A 24 -0.87 -2.21 10.77
C TYR A 24 -0.70 -2.31 9.23
N CYS A 25 0.30 -1.63 8.67
CA CYS A 25 0.54 -1.64 7.22
C CYS A 25 0.96 -3.01 6.68
N VAL A 26 1.64 -3.85 7.48
CA VAL A 26 1.94 -5.25 7.08
C VAL A 26 0.65 -6.03 6.83
N ARG A 27 -0.32 -5.96 7.75
CA ARG A 27 -1.63 -6.60 7.61
C ARG A 27 -2.41 -6.08 6.40
N GLU A 28 -2.56 -4.77 6.28
CA GLU A 28 -3.33 -4.19 5.18
C GLU A 28 -2.63 -4.37 3.81
N CYS A 29 -1.29 -4.44 3.77
CA CYS A 29 -0.53 -4.76 2.55
C CYS A 29 -0.71 -6.23 2.13
N ARG A 30 -0.57 -7.18 3.06
CA ARG A 30 -0.74 -8.61 2.76
C ARG A 30 -2.18 -8.98 2.38
N LEU A 31 -3.18 -8.20 2.84
CA LEU A 31 -4.57 -8.33 2.39
C LEU A 31 -4.84 -7.67 1.01
N ARG A 32 -3.99 -6.73 0.57
CA ARG A 32 -4.04 -6.12 -0.77
C ARG A 32 -3.33 -6.96 -1.82
N TYR A 33 -2.02 -7.17 -1.67
CA TYR A 33 -1.20 -7.91 -2.63
C TYR A 33 -1.36 -9.43 -2.46
N TYR A 34 -0.62 -10.04 -1.54
CA TYR A 34 -0.68 -11.47 -1.23
C TYR A 34 -0.18 -11.75 0.19
N GLN A 35 -0.63 -12.86 0.79
CA GLN A 35 -0.36 -13.20 2.20
C GLN A 35 1.13 -13.21 2.60
N SER A 36 2.03 -13.53 1.68
CA SER A 36 3.49 -13.50 1.90
C SER A 36 4.12 -12.09 1.90
N ALA A 37 3.36 -11.02 1.64
CA ALA A 37 3.88 -9.65 1.53
C ALA A 37 4.28 -8.98 2.86
N HIS A 38 4.98 -7.84 2.75
CA HIS A 38 5.47 -6.97 3.84
C HIS A 38 5.33 -5.47 3.48
N GLY A 39 5.50 -4.57 4.47
CA GLY A 39 5.39 -3.12 4.27
C GLY A 39 5.56 -2.28 5.55
N TYR A 40 5.51 -0.96 5.41
CA TYR A 40 5.62 0.02 6.50
C TYR A 40 4.78 1.27 6.28
N CYS A 41 4.61 2.08 7.33
CA CYS A 41 3.94 3.39 7.27
C CYS A 41 4.93 4.50 6.91
N TYR A 42 4.60 5.33 5.92
CA TYR A 42 5.49 6.33 5.33
C TYR A 42 4.68 7.53 4.79
N ALA A 43 5.04 8.76 5.16
CA ALA A 43 4.23 9.97 4.88
C ALA A 43 2.75 9.83 5.30
N PHE A 44 2.47 9.04 6.34
CA PHE A 44 1.12 8.70 6.84
C PHE A 44 0.22 7.96 5.83
N ALA A 45 0.82 7.19 4.91
CA ALA A 45 0.17 6.22 4.03
C ALA A 45 1.01 4.93 3.93
N CYS A 46 0.39 3.76 3.74
CA CYS A 46 1.13 2.50 3.72
C CYS A 46 1.93 2.28 2.42
N TRP A 47 3.14 1.72 2.55
CA TRP A 47 4.08 1.40 1.47
C TRP A 47 4.56 -0.05 1.60
N CYS A 48 4.34 -0.87 0.59
CA CYS A 48 4.68 -2.30 0.56
C CYS A 48 6.12 -2.54 0.07
N THR A 49 6.76 -3.58 0.58
CA THR A 49 8.17 -3.94 0.28
C THR A 49 8.31 -5.39 -0.16
N HIS A 50 9.41 -5.66 -0.88
CA HIS A 50 9.81 -7.01 -1.31
C HIS A 50 8.76 -7.71 -2.20
N LEU A 51 8.01 -6.96 -2.99
CA LEU A 51 6.99 -7.50 -3.90
C LEU A 51 7.63 -7.99 -5.23
N TYR A 52 6.81 -8.67 -6.03
CA TYR A 52 7.08 -9.01 -7.42
C TYR A 52 7.32 -7.77 -8.33
N GLU A 53 7.82 -7.97 -9.55
CA GLU A 53 7.88 -6.90 -10.57
C GLU A 53 6.51 -6.30 -10.90
N GLN A 54 5.42 -7.05 -10.69
CA GLN A 54 4.04 -6.63 -10.96
C GLN A 54 3.43 -5.67 -9.90
N ALA A 55 4.26 -5.09 -9.02
CA ALA A 55 3.86 -4.08 -8.04
C ALA A 55 3.36 -2.76 -8.67
N VAL A 56 2.65 -1.94 -7.89
CA VAL A 56 1.98 -0.70 -8.33
C VAL A 56 2.37 0.47 -7.41
N VAL A 57 2.65 1.66 -7.97
CA VAL A 57 3.01 2.88 -7.20
C VAL A 57 1.77 3.78 -6.95
N TRP A 58 1.97 5.08 -6.69
CA TRP A 58 0.92 6.05 -6.34
C TRP A 58 -0.25 6.10 -7.34
N PRO A 59 -1.47 6.53 -6.91
CA PRO A 59 -2.68 6.47 -7.73
C PRO A 59 -2.58 7.12 -9.11
N LEU A 60 -3.40 6.65 -10.05
CA LEU A 60 -3.55 7.27 -11.37
C LEU A 60 -4.49 8.49 -11.26
N PRO A 61 -4.19 9.64 -11.92
CA PRO A 61 -5.04 10.84 -11.85
C PRO A 61 -6.47 10.62 -12.40
N ASN A 62 -6.65 9.60 -13.25
CA ASN A 62 -7.93 9.11 -13.72
C ASN A 62 -8.87 8.60 -12.59
N LYS A 63 -8.30 7.92 -11.57
CA LYS A 63 -9.02 7.25 -10.48
C LYS A 63 -9.48 8.24 -9.38
N ARG A 64 -10.28 9.24 -9.76
CA ARG A 64 -10.75 10.35 -8.90
C ARG A 64 -11.71 9.87 -7.79
N CYS A 65 -11.22 9.76 -6.56
CA CYS A 65 -12.02 9.33 -5.42
C CYS A 65 -13.09 10.38 -5.01
N LYS A 66 -14.35 9.93 -4.86
CA LYS A 66 -15.51 10.72 -4.44
C LYS A 66 -15.79 11.95 -5.34
N LYS A 1 11.60 -4.95 -4.08
CA LYS A 1 10.93 -3.74 -4.62
C LYS A 1 9.78 -3.30 -3.70
N GLU A 2 9.56 -1.99 -3.58
CA GLU A 2 8.68 -1.34 -2.58
C GLU A 2 7.82 -0.23 -3.19
N GLY A 3 6.62 0.06 -2.66
CA GLY A 3 5.77 1.14 -3.17
C GLY A 3 4.48 1.46 -2.39
N TYR A 4 3.86 2.59 -2.74
CA TYR A 4 2.69 3.20 -2.08
C TYR A 4 1.39 2.39 -2.26
N LEU A 5 0.64 2.11 -1.19
CA LEU A 5 -0.58 1.29 -1.24
C LEU A 5 -1.84 2.06 -1.66
N VAL A 6 -2.55 1.54 -2.67
CA VAL A 6 -3.79 2.08 -3.26
C VAL A 6 -4.74 0.96 -3.68
N ASP A 7 -6.05 1.22 -3.65
CA ASP A 7 -7.08 0.30 -4.13
C ASP A 7 -7.11 0.20 -5.67
N TYR A 8 -7.54 -0.94 -6.21
CA TYR A 8 -7.46 -1.23 -7.64
C TYR A 8 -8.54 -0.54 -8.50
N HIS A 9 -9.53 0.09 -7.87
CA HIS A 9 -10.76 0.62 -8.50
C HIS A 9 -11.09 2.09 -8.16
N THR A 10 -10.29 2.74 -7.32
CA THR A 10 -10.36 4.18 -7.03
C THR A 10 -9.02 4.65 -6.46
N GLY A 11 -8.56 5.85 -6.82
CA GLY A 11 -7.23 6.35 -6.46
C GLY A 11 -7.00 6.67 -4.97
N CYS A 12 -7.89 6.26 -4.08
CA CYS A 12 -7.85 6.55 -2.64
C CYS A 12 -6.71 5.82 -1.91
N LYS A 13 -5.80 6.60 -1.33
CA LYS A 13 -4.65 6.19 -0.50
C LYS A 13 -5.01 5.36 0.74
N TYR A 14 -4.13 4.46 1.16
CA TYR A 14 -4.24 3.77 2.46
C TYR A 14 -3.56 4.61 3.56
N THR A 15 -4.37 5.26 4.40
CA THR A 15 -3.94 6.24 5.42
C THR A 15 -3.23 5.61 6.63
N CYS A 16 -2.30 6.35 7.23
CA CYS A 16 -1.64 6.05 8.52
C CYS A 16 -1.79 7.24 9.49
N ALA A 17 -1.77 6.97 10.80
CA ALA A 17 -1.88 7.98 11.87
C ALA A 17 -0.54 8.32 12.54
N LYS A 18 0.41 7.37 12.52
CA LYS A 18 1.73 7.40 13.17
C LYS A 18 2.77 6.71 12.28
N LEU A 19 3.98 7.26 12.27
CA LEU A 19 5.04 6.90 11.33
C LEU A 19 5.95 5.78 11.85
N GLY A 20 6.48 4.94 10.96
CA GLY A 20 7.38 3.83 11.31
C GLY A 20 6.70 2.62 11.97
N ASP A 21 5.38 2.68 12.19
CA ASP A 21 4.52 1.56 12.59
C ASP A 21 4.30 0.56 11.44
N ASN A 22 3.93 -0.67 11.77
CA ASN A 22 3.82 -1.80 10.84
C ASN A 22 2.66 -2.80 11.10
N ASP A 23 2.19 -2.99 12.34
CA ASP A 23 1.13 -3.97 12.66
C ASP A 23 -0.14 -3.78 11.82
N TYR A 24 -0.54 -2.52 11.59
CA TYR A 24 -1.64 -2.15 10.70
C TYR A 24 -1.33 -2.42 9.22
N CYS A 25 -0.22 -1.87 8.70
CA CYS A 25 0.09 -1.85 7.27
C CYS A 25 0.51 -3.21 6.69
N VAL A 26 1.19 -4.07 7.47
CA VAL A 26 1.55 -5.44 7.03
C VAL A 26 0.29 -6.24 6.63
N ARG A 27 -0.76 -6.19 7.47
CA ARG A 27 -2.04 -6.88 7.21
C ARG A 27 -2.69 -6.41 5.92
N GLU A 28 -2.91 -5.11 5.76
CA GLU A 28 -3.61 -4.59 4.58
C GLU A 28 -2.79 -4.77 3.28
N CYS A 29 -1.46 -4.79 3.36
CA CYS A 29 -0.59 -5.12 2.22
C CYS A 29 -0.64 -6.62 1.87
N ARG A 30 -0.54 -7.52 2.86
CA ARG A 30 -0.62 -8.98 2.63
C ARG A 30 -2.01 -9.45 2.20
N LEU A 31 -3.06 -8.68 2.53
CA LEU A 31 -4.42 -8.89 2.00
C LEU A 31 -4.60 -8.36 0.57
N ARG A 32 -3.79 -7.37 0.14
CA ARG A 32 -3.81 -6.87 -1.25
C ARG A 32 -3.12 -7.82 -2.23
N TYR A 33 -1.91 -8.26 -1.89
CA TYR A 33 -1.04 -9.01 -2.80
C TYR A 33 -0.93 -10.49 -2.47
N TYR A 34 -0.26 -10.83 -1.36
CA TYR A 34 -0.04 -12.21 -0.90
C TYR A 34 0.53 -12.24 0.53
N GLN A 35 0.36 -13.37 1.21
CA GLN A 35 0.77 -13.63 2.60
C GLN A 35 2.23 -13.28 2.93
N SER A 36 3.14 -13.38 1.96
CA SER A 36 4.57 -13.07 2.09
C SER A 36 4.94 -11.61 1.77
N ALA A 37 3.95 -10.74 1.50
CA ALA A 37 4.16 -9.29 1.38
C ALA A 37 4.13 -8.62 2.77
N HIS A 38 4.86 -7.51 2.92
CA HIS A 38 4.96 -6.75 4.18
C HIS A 38 4.83 -5.24 3.89
N GLY A 39 4.82 -4.39 4.93
CA GLY A 39 4.80 -2.94 4.75
C GLY A 39 4.93 -2.14 6.06
N TYR A 40 5.08 -0.83 5.95
CA TYR A 40 5.16 0.10 7.09
C TYR A 40 4.57 1.49 6.77
N CYS A 41 4.36 2.30 7.79
CA CYS A 41 3.79 3.65 7.65
C CYS A 41 4.87 4.72 7.33
N TYR A 42 4.64 5.48 6.27
CA TYR A 42 5.53 6.47 5.67
C TYR A 42 4.70 7.61 5.03
N ALA A 43 5.09 8.88 5.21
CA ALA A 43 4.35 10.05 4.67
C ALA A 43 2.84 10.04 5.02
N PHE A 44 2.49 9.52 6.20
CA PHE A 44 1.12 9.29 6.68
C PHE A 44 0.25 8.42 5.75
N ALA A 45 0.88 7.45 5.07
CA ALA A 45 0.25 6.39 4.30
C ALA A 45 0.98 5.03 4.49
N CYS A 46 0.37 3.93 4.06
CA CYS A 46 0.95 2.59 4.07
C CYS A 46 1.81 2.33 2.82
N TRP A 47 3.01 1.80 3.04
CA TRP A 47 4.05 1.55 2.03
C TRP A 47 4.45 0.07 2.05
N CYS A 48 4.15 -0.65 0.97
CA CYS A 48 4.41 -2.08 0.81
C CYS A 48 5.86 -2.39 0.43
N THR A 49 6.33 -3.59 0.78
CA THR A 49 7.67 -4.14 0.47
C THR A 49 7.55 -5.60 -0.01
N HIS A 50 8.64 -6.17 -0.55
CA HIS A 50 8.71 -7.55 -1.07
C HIS A 50 7.81 -7.80 -2.30
N LEU A 51 7.48 -6.75 -3.05
CA LEU A 51 6.53 -6.76 -4.16
C LEU A 51 7.10 -7.38 -5.45
N TYR A 52 6.28 -8.21 -6.11
CA TYR A 52 6.52 -8.68 -7.47
C TYR A 52 6.35 -7.55 -8.49
N GLU A 53 6.87 -7.71 -9.71
CA GLU A 53 6.69 -6.73 -10.79
C GLU A 53 5.20 -6.49 -11.11
N GLN A 54 4.34 -7.46 -10.84
CA GLN A 54 2.90 -7.41 -11.12
C GLN A 54 2.08 -6.54 -10.13
N ALA A 55 2.72 -5.91 -9.13
CA ALA A 55 2.09 -5.00 -8.17
C ALA A 55 1.64 -3.65 -8.80
N VAL A 56 0.93 -2.83 -8.01
CA VAL A 56 0.57 -1.45 -8.36
C VAL A 56 1.28 -0.49 -7.40
N VAL A 57 2.17 0.38 -7.88
CA VAL A 57 3.05 1.21 -7.04
C VAL A 57 3.00 2.70 -7.39
N TRP A 58 2.71 3.05 -8.65
CA TRP A 58 2.40 4.42 -9.05
C TRP A 58 0.98 4.83 -8.59
N PRO A 59 0.61 6.13 -8.59
CA PRO A 59 -0.77 6.56 -8.33
C PRO A 59 -1.75 6.01 -9.37
N LEU A 60 -3.02 5.80 -9.03
CA LEU A 60 -3.98 5.12 -9.92
C LEU A 60 -4.38 6.03 -11.10
N PRO A 61 -4.10 5.67 -12.37
CA PRO A 61 -4.54 6.46 -13.53
C PRO A 61 -6.02 6.23 -13.87
N ASN A 62 -6.63 5.16 -13.35
CA ASN A 62 -7.98 4.73 -13.71
C ASN A 62 -9.06 5.73 -13.30
N LYS A 63 -9.14 6.07 -12.00
CA LYS A 63 -10.16 6.97 -11.42
C LYS A 63 -9.65 7.77 -10.22
N ARG A 64 -10.09 9.02 -10.09
CA ARG A 64 -9.83 9.89 -8.93
C ARG A 64 -10.53 9.36 -7.67
N CYS A 65 -10.01 9.70 -6.50
CA CYS A 65 -10.64 9.35 -5.22
C CYS A 65 -11.98 10.09 -4.99
N LYS A 66 -12.87 9.47 -4.20
CA LYS A 66 -14.19 9.98 -3.78
C LYS A 66 -14.08 10.99 -2.62
N LYS A 1 10.33 -5.47 -4.84
CA LYS A 1 9.92 -4.10 -5.21
C LYS A 1 9.13 -3.45 -4.07
N GLU A 2 9.19 -2.13 -3.95
CA GLU A 2 8.45 -1.32 -2.96
C GLU A 2 7.45 -0.37 -3.66
N GLY A 3 6.32 -0.07 -3.00
CA GLY A 3 5.24 0.74 -3.59
C GLY A 3 4.17 1.22 -2.61
N TYR A 4 3.30 2.12 -3.06
CA TYR A 4 2.27 2.76 -2.25
C TYR A 4 0.95 1.98 -2.29
N LEU A 5 0.29 1.78 -1.14
CA LEU A 5 -0.96 1.00 -1.07
C LEU A 5 -2.18 1.86 -1.43
N VAL A 6 -2.77 1.56 -2.58
CA VAL A 6 -3.99 2.18 -3.13
C VAL A 6 -5.02 1.11 -3.47
N ASP A 7 -6.30 1.47 -3.51
CA ASP A 7 -7.38 0.50 -3.76
C ASP A 7 -7.41 -0.04 -5.21
N TYR A 8 -7.89 -1.26 -5.40
CA TYR A 8 -8.04 -1.86 -6.74
C TYR A 8 -9.15 -1.19 -7.58
N HIS A 9 -10.17 -0.61 -6.92
CA HIS A 9 -11.35 -0.02 -7.57
C HIS A 9 -11.28 1.50 -7.77
N THR A 10 -10.42 2.22 -7.03
CA THR A 10 -10.42 3.70 -6.93
C THR A 10 -9.05 4.24 -6.47
N GLY A 11 -8.74 5.52 -6.69
CA GLY A 11 -7.46 6.15 -6.30
C GLY A 11 -7.32 6.48 -4.80
N CYS A 12 -8.21 5.98 -3.94
CA CYS A 12 -8.21 6.21 -2.50
C CYS A 12 -6.98 5.61 -1.79
N LYS A 13 -6.15 6.47 -1.20
CA LYS A 13 -5.01 6.12 -0.34
C LYS A 13 -5.44 5.41 0.95
N TYR A 14 -4.58 4.54 1.49
CA TYR A 14 -4.77 3.91 2.81
C TYR A 14 -3.85 4.56 3.85
N THR A 15 -4.43 5.37 4.74
CA THR A 15 -3.71 6.17 5.75
C THR A 15 -3.27 5.35 6.97
N CYS A 16 -2.26 5.88 7.68
CA CYS A 16 -1.75 5.37 8.95
C CYS A 16 -2.03 6.35 10.09
N ALA A 17 -2.41 5.80 11.25
CA ALA A 17 -2.62 6.57 12.48
C ALA A 17 -1.30 7.08 13.08
N LYS A 18 -0.17 6.41 12.80
CA LYS A 18 1.17 6.78 13.27
C LYS A 18 2.27 6.38 12.27
N LEU A 19 3.35 7.17 12.20
CA LEU A 19 4.57 6.80 11.49
C LEU A 19 5.33 5.69 12.23
N GLY A 20 6.18 4.95 11.52
CA GLY A 20 7.01 3.88 12.07
C GLY A 20 6.31 2.54 12.32
N ASP A 21 4.97 2.48 12.33
CA ASP A 21 4.23 1.22 12.37
C ASP A 21 4.62 0.31 11.19
N ASN A 22 4.99 -0.94 11.46
CA ASN A 22 5.21 -1.97 10.44
C ASN A 22 3.95 -2.81 10.22
N ASP A 23 3.59 -3.60 11.23
CA ASP A 23 2.56 -4.64 11.13
C ASP A 23 1.13 -4.12 10.86
N TYR A 24 0.85 -2.84 11.16
CA TYR A 24 -0.38 -2.14 10.75
C TYR A 24 -0.53 -2.12 9.23
N CYS A 25 0.55 -1.80 8.52
CA CYS A 25 0.59 -1.76 7.06
C CYS A 25 0.78 -3.15 6.45
N VAL A 26 1.60 -4.03 7.05
CA VAL A 26 1.71 -5.44 6.62
C VAL A 26 0.32 -6.11 6.58
N ARG A 27 -0.54 -5.83 7.57
CA ARG A 27 -1.95 -6.29 7.61
C ARG A 27 -2.73 -5.87 6.37
N GLU A 28 -2.57 -4.63 5.91
CA GLU A 28 -3.21 -4.17 4.67
C GLU A 28 -2.60 -4.81 3.43
N CYS A 29 -1.27 -4.85 3.32
CA CYS A 29 -0.57 -5.38 2.14
C CYS A 29 -0.91 -6.86 1.90
N ARG A 30 -0.88 -7.68 2.96
CA ARG A 30 -1.14 -9.14 2.92
C ARG A 30 -2.62 -9.52 2.71
N LEU A 31 -3.51 -8.52 2.63
CA LEU A 31 -4.94 -8.67 2.32
C LEU A 31 -5.34 -8.00 0.98
N ARG A 32 -4.71 -6.87 0.61
CA ARG A 32 -4.89 -6.17 -0.69
C ARG A 32 -4.20 -6.90 -1.84
N TYR A 33 -3.05 -7.49 -1.56
CA TYR A 33 -2.25 -8.34 -2.43
C TYR A 33 -2.10 -9.74 -1.80
N TYR A 34 -1.28 -10.61 -2.41
CA TYR A 34 -0.86 -11.90 -1.86
C TYR A 34 -0.35 -11.85 -0.41
N GLN A 35 -0.55 -12.93 0.35
CA GLN A 35 -0.20 -12.97 1.79
C GLN A 35 1.31 -12.83 2.06
N SER A 36 2.15 -13.09 1.05
CA SER A 36 3.60 -12.90 1.09
C SER A 36 4.05 -11.43 1.09
N ALA A 37 3.13 -10.45 0.96
CA ALA A 37 3.49 -9.04 0.99
C ALA A 37 3.94 -8.54 2.39
N HIS A 38 4.77 -7.49 2.41
CA HIS A 38 5.26 -6.80 3.63
C HIS A 38 5.09 -5.27 3.50
N GLY A 39 5.50 -4.46 4.48
CA GLY A 39 5.36 -3.00 4.45
C GLY A 39 5.61 -2.27 5.77
N TYR A 40 5.41 -0.94 5.76
CA TYR A 40 5.38 -0.03 6.92
C TYR A 40 4.73 1.33 6.60
N CYS A 41 4.50 2.15 7.61
CA CYS A 41 3.88 3.48 7.48
C CYS A 41 4.91 4.59 7.18
N TYR A 42 4.70 5.32 6.08
CA TYR A 42 5.51 6.44 5.57
C TYR A 42 4.59 7.48 4.91
N ALA A 43 4.85 8.78 5.02
CA ALA A 43 3.96 9.83 4.49
C ALA A 43 2.50 9.73 5.00
N PHE A 44 2.35 9.29 6.26
CA PHE A 44 1.08 8.92 6.91
C PHE A 44 0.21 7.95 6.08
N ALA A 45 0.82 7.04 5.32
CA ALA A 45 0.15 6.03 4.50
C ALA A 45 0.95 4.72 4.42
N CYS A 46 0.28 3.63 4.05
CA CYS A 46 0.90 2.32 3.96
C CYS A 46 1.82 2.17 2.72
N TRP A 47 3.12 2.00 2.97
CA TRP A 47 4.17 1.70 1.99
C TRP A 47 4.48 0.20 2.03
N CYS A 48 4.04 -0.55 1.02
CA CYS A 48 4.27 -1.99 0.93
C CYS A 48 5.66 -2.30 0.32
N THR A 49 6.28 -3.39 0.78
CA THR A 49 7.64 -3.82 0.43
C THR A 49 7.69 -5.33 0.13
N HIS A 50 8.82 -5.79 -0.41
CA HIS A 50 9.09 -7.21 -0.73
C HIS A 50 8.17 -7.79 -1.83
N LEU A 51 7.60 -6.91 -2.65
CA LEU A 51 6.62 -7.22 -3.69
C LEU A 51 7.24 -7.72 -5.01
N TYR A 52 6.39 -8.29 -5.88
CA TYR A 52 6.68 -8.64 -7.26
C TYR A 52 7.08 -7.43 -8.14
N GLU A 53 7.69 -7.72 -9.29
CA GLU A 53 8.12 -6.70 -10.27
C GLU A 53 6.98 -5.85 -10.86
N GLN A 54 5.72 -6.27 -10.68
CA GLN A 54 4.52 -5.61 -11.21
C GLN A 54 3.88 -4.57 -10.25
N ALA A 55 4.50 -4.28 -9.10
CA ALA A 55 3.98 -3.32 -8.11
C ALA A 55 4.16 -1.84 -8.53
N VAL A 56 3.34 -0.94 -7.97
CA VAL A 56 3.21 0.48 -8.38
C VAL A 56 3.41 1.46 -7.21
N VAL A 57 3.98 2.64 -7.49
CA VAL A 57 4.17 3.75 -6.54
C VAL A 57 2.88 4.61 -6.35
N TRP A 58 3.01 5.89 -5.95
CA TRP A 58 1.92 6.78 -5.54
C TRP A 58 0.86 7.08 -6.63
N PRO A 59 -0.44 7.13 -6.29
CA PRO A 59 -1.49 7.65 -7.19
C PRO A 59 -1.32 9.16 -7.45
N LEU A 60 -1.94 9.66 -8.50
CA LEU A 60 -1.86 11.07 -8.89
C LEU A 60 -2.55 12.00 -7.87
N PRO A 61 -2.11 13.28 -7.74
CA PRO A 61 -2.77 14.27 -6.88
C PRO A 61 -4.23 14.55 -7.29
N ASN A 62 -4.62 14.18 -8.51
CA ASN A 62 -6.00 14.13 -9.00
C ASN A 62 -6.93 13.28 -8.11
N LYS A 63 -6.39 12.22 -7.51
CA LYS A 63 -7.12 11.28 -6.64
C LYS A 63 -7.28 11.83 -5.21
N ARG A 64 -8.14 12.85 -5.06
CA ARG A 64 -8.40 13.61 -3.81
C ARG A 64 -9.00 12.80 -2.65
N CYS A 65 -9.39 11.55 -2.87
CA CYS A 65 -9.98 10.67 -1.87
C CYS A 65 -9.03 10.38 -0.69
N LYS A 66 -9.52 10.49 0.55
CA LYS A 66 -8.71 10.35 1.77
C LYS A 66 -8.53 8.91 2.30
#